data_1UVM
#
_entry.id   1UVM
#
_cell.length_a   105.946
_cell.length_b   91.881
_cell.length_c   140.762
_cell.angle_alpha   90.00
_cell.angle_beta   101.56
_cell.angle_gamma   90.00
#
_symmetry.space_group_name_H-M   'P 1 21 1'
#
loop_
_entity.id
_entity.type
_entity.pdbx_description
1 polymer 'RNA-directed RNA polymerase'
2 polymer "5'-R(*UP*UP*UP*CP*CP)-3'"
3 non-polymer 'MANGANESE (II) ION'
4 water water
#
loop_
_entity_poly.entity_id
_entity_poly.type
_entity_poly.pdbx_seq_one_letter_code
_entity_poly.pdbx_strand_id
1 'polypeptide(L)'
;PRRAPAFPLSDIKAQMLFANNIKAQQASKRSFKEGAIETYEGLLSVDPRFLSFKNELSRYLTDHFPANVDEYGRVYGNGV
RTNFFGMRHMNGFPMIPATWPLASNLKKRADADLADGPVSERDNLLFRAAVRLMFSDLEPVPLKIRKGSSTCIPYFSNDM
GTKIEIAERALEKAEEAGNLMLQGKFDDAYQLHQMGGAYYVVYRAQSTDAITLDPKTGKFVSKDRMVADFEYAVTGGEQG
SLFAASKDASRLKEQYGIDVPDGFFCERRRTAMGGPFALNAPIMAVAQPVRNKIYSKYAYTFHHTTRLNKEEKVKEWSLC
VATDVSDHDTFWPGWLRDLICDELLNMGYAPWWVKLFETSLKLPVYVGAPAPEQGHTLLGDPSNPDLEVGLSSGQGATDL
MGTLLMSITYLVMQLDHTAPHLNSRIKDMPSACRFLDSYWQGHEEIRQISKSDDAMLGWTKGRALVGGHRLFEMLKEGKV
NPSPYMKISYEHGGAFLGDILLYDSRREPGSAIFVGNINSMLNNQFSPEYGVQSGVRDRSKRKRPFPGLAWASMKDTYGA
CPIYSDVLEAIERCWWNAFGESYRAYREDMLKRDTLELSRYVASMARQAGLAELTPIDLEVLADPNKLQYKWTEADVSAN
IHEVLMHGVSVEKTERFLRSVMPR
;
A,B,C
2 'polyribonucleotide' UUUCC D,E,F
#
# COMPACT_ATOMS: atom_id res chain seq x y z
N PRO A 1 -23.51 -8.80 16.80
CA PRO A 1 -23.11 -9.52 18.03
C PRO A 1 -22.89 -8.57 19.21
N ARG A 2 -22.40 -9.10 20.32
CA ARG A 2 -22.13 -8.31 21.51
C ARG A 2 -20.95 -7.33 21.28
N ARG A 3 -20.81 -6.33 22.15
CA ARG A 3 -19.68 -5.43 22.03
C ARG A 3 -18.53 -6.19 22.65
N ALA A 4 -17.33 -5.92 22.19
CA ALA A 4 -16.18 -6.61 22.78
C ALA A 4 -15.91 -5.90 24.10
N PRO A 5 -15.53 -6.65 25.13
CA PRO A 5 -15.23 -6.01 26.42
C PRO A 5 -13.95 -5.17 26.28
N ALA A 6 -13.86 -4.06 27.00
CA ALA A 6 -12.70 -3.20 26.93
C ALA A 6 -12.23 -2.94 28.33
N PHE A 7 -10.91 -2.94 28.53
CA PHE A 7 -10.33 -2.67 29.85
C PHE A 7 -9.31 -1.57 29.79
N PRO A 8 -9.38 -0.62 30.73
CA PRO A 8 -8.38 0.46 30.70
C PRO A 8 -7.04 -0.13 31.19
N LEU A 9 -5.95 0.55 30.90
CA LEU A 9 -4.62 0.08 31.33
C LEU A 9 -4.55 -0.22 32.85
N SER A 10 -5.21 0.59 33.66
CA SER A 10 -5.18 0.36 35.10
C SER A 10 -5.82 -0.98 35.51
N ASP A 11 -6.66 -1.56 34.67
CA ASP A 11 -7.31 -2.81 35.04
C ASP A 11 -6.26 -3.94 35.07
N ILE A 12 -6.47 -4.91 35.96
CA ILE A 12 -5.53 -5.99 36.08
C ILE A 12 -5.36 -6.78 34.77
N LYS A 13 -6.43 -6.92 33.97
CA LYS A 13 -6.26 -7.66 32.73
C LYS A 13 -5.25 -6.97 31.81
N ALA A 14 -5.20 -5.66 31.80
CA ALA A 14 -4.21 -4.98 30.94
C ALA A 14 -2.86 -4.94 31.68
N GLN A 15 -2.89 -4.76 32.99
CA GLN A 15 -1.62 -4.71 33.75
C GLN A 15 -0.84 -5.98 33.52
N MET A 16 -1.53 -7.12 33.54
CA MET A 16 -0.90 -8.43 33.35
C MET A 16 -0.22 -8.56 31.98
N LEU A 17 -0.52 -7.65 31.05
CA LEU A 17 0.16 -7.74 29.73
C LEU A 17 1.59 -7.17 29.72
N PHE A 18 1.96 -6.45 30.77
CA PHE A 18 3.27 -5.82 30.82
C PHE A 18 4.06 -6.24 32.04
N ALA A 19 5.18 -6.89 31.81
CA ALA A 19 6.09 -7.34 32.85
C ALA A 19 6.61 -6.18 33.69
N ASN A 20 7.10 -6.54 34.85
CA ASN A 20 7.59 -5.57 35.79
C ASN A 20 9.02 -5.10 35.44
N ASN A 21 9.16 -4.49 34.26
CA ASN A 21 10.44 -3.92 33.83
C ASN A 21 10.08 -2.62 33.12
N ILE A 22 11.03 -1.70 33.13
CA ILE A 22 10.85 -0.37 32.58
C ILE A 22 10.40 -0.29 31.14
N LYS A 23 11.00 -1.08 30.26
CA LYS A 23 10.60 -1.11 28.85
C LYS A 23 9.13 -1.47 28.68
N ALA A 24 8.72 -2.59 29.29
CA ALA A 24 7.33 -3.04 29.18
C ALA A 24 6.42 -1.98 29.73
N GLN A 25 6.75 -1.45 30.90
CA GLN A 25 5.91 -0.45 31.52
C GLN A 25 5.83 0.80 30.61
N GLN A 26 6.96 1.25 30.07
CA GLN A 26 6.93 2.41 29.17
C GLN A 26 6.12 2.13 27.92
N ALA A 27 6.21 0.90 27.42
CA ALA A 27 5.46 0.59 26.22
C ALA A 27 3.97 0.65 26.50
N SER A 28 3.55 0.28 27.71
CA SER A 28 2.11 0.28 28.02
C SER A 28 1.54 1.69 28.07
N LYS A 29 2.32 2.60 28.64
CA LYS A 29 1.94 3.99 28.86
C LYS A 29 2.33 4.99 27.77
N ARG A 30 3.23 4.61 26.88
CA ARG A 30 3.68 5.57 25.88
C ARG A 30 2.52 6.38 25.29
N SER A 31 2.63 7.70 25.37
CA SER A 31 1.57 8.51 24.82
C SER A 31 1.83 8.83 23.36
N PHE A 32 0.85 9.46 22.74
CA PHE A 32 0.94 9.85 21.35
C PHE A 32 2.20 10.69 21.17
N LYS A 33 3.01 10.38 20.15
CA LYS A 33 4.25 11.11 19.87
C LYS A 33 4.34 11.45 18.40
N GLU A 34 4.92 12.59 18.05
CA GLU A 34 5.13 12.92 16.64
C GLU A 34 6.33 13.86 16.60
N GLY A 35 6.91 14.04 15.41
CA GLY A 35 8.07 14.91 15.24
C GLY A 35 8.70 14.58 13.90
N ALA A 36 9.40 15.53 13.32
CA ALA A 36 10.01 15.33 12.02
C ALA A 36 10.96 14.16 12.04
N ILE A 37 11.02 13.36 10.99
CA ILE A 37 11.99 12.27 11.06
C ILE A 37 13.34 12.80 10.54
N GLU A 38 14.42 12.09 10.88
CA GLU A 38 15.74 12.42 10.37
C GLU A 38 15.80 11.60 9.06
N THR A 39 15.30 12.21 8.00
CA THR A 39 15.23 11.58 6.68
C THR A 39 16.52 10.92 6.28
N TYR A 40 17.63 11.61 6.53
CA TYR A 40 19.00 11.13 6.27
C TYR A 40 19.76 11.79 7.42
N GLU A 41 20.95 11.31 7.71
CA GLU A 41 21.77 11.90 8.76
C GLU A 41 21.85 13.41 8.58
N GLY A 42 21.49 14.16 9.61
CA GLY A 42 21.56 15.61 9.54
C GLY A 42 20.50 16.29 8.70
N LEU A 43 19.48 15.57 8.23
CA LEU A 43 18.44 16.26 7.43
C LEU A 43 17.03 15.90 7.91
N LEU A 44 16.29 16.91 8.39
CA LEU A 44 14.93 16.71 8.84
C LEU A 44 13.91 16.75 7.67
N SER A 45 12.88 15.88 7.78
CA SER A 45 11.84 15.80 6.74
C SER A 45 11.13 17.15 6.54
N VAL A 46 11.20 18.04 7.53
CA VAL A 46 10.53 19.33 7.39
C VAL A 46 11.52 20.49 7.17
N ASP A 47 12.75 20.16 6.80
CA ASP A 47 13.76 21.18 6.51
C ASP A 47 13.19 22.05 5.36
N PRO A 48 13.20 23.39 5.51
CA PRO A 48 12.66 24.27 4.46
C PRO A 48 13.22 23.94 3.07
N ARG A 49 14.52 23.72 3.00
CA ARG A 49 15.05 23.40 1.70
C ARG A 49 14.47 22.12 1.16
N PHE A 50 14.35 21.09 2.02
CA PHE A 50 13.82 19.80 1.57
C PHE A 50 12.35 19.91 1.08
N LEU A 51 11.51 20.65 1.81
CA LEU A 51 10.12 20.81 1.42
C LEU A 51 10.04 21.61 0.09
N SER A 52 10.87 22.64 -0.02
CA SER A 52 10.92 23.44 -1.27
C SER A 52 11.30 22.50 -2.40
N PHE A 53 12.30 21.67 -2.16
CA PHE A 53 12.71 20.69 -3.16
C PHE A 53 11.52 19.79 -3.58
N LYS A 54 10.83 19.22 -2.59
CA LYS A 54 9.68 18.36 -2.85
C LYS A 54 8.57 19.06 -3.62
N ASN A 55 8.38 20.35 -3.34
CA ASN A 55 7.33 21.07 -4.04
C ASN A 55 7.69 21.24 -5.50
N GLU A 56 8.96 21.59 -5.77
CA GLU A 56 9.38 21.78 -7.15
C GLU A 56 9.40 20.46 -7.90
N LEU A 57 10.06 19.44 -7.34
CA LEU A 57 10.11 18.15 -8.00
C LEU A 57 8.73 17.55 -8.29
N SER A 58 7.86 17.53 -7.27
CA SER A 58 6.53 16.94 -7.43
C SER A 58 5.72 17.62 -8.54
N ARG A 59 5.71 18.95 -8.57
CA ARG A 59 4.97 19.66 -9.62
C ARG A 59 5.61 19.38 -10.98
N TYR A 60 6.92 19.55 -11.06
CA TYR A 60 7.61 19.33 -12.32
C TYR A 60 7.37 17.94 -12.91
N LEU A 61 7.61 16.91 -12.12
CA LEU A 61 7.41 15.56 -12.65
C LEU A 61 5.97 15.33 -13.07
N THR A 62 5.01 15.82 -12.29
CA THR A 62 3.61 15.59 -12.63
C THR A 62 3.29 16.27 -13.96
N ASP A 63 3.75 17.50 -14.09
CA ASP A 63 3.60 18.26 -15.31
C ASP A 63 4.13 17.55 -16.54
N HIS A 64 5.41 17.24 -16.52
CA HIS A 64 6.03 16.63 -17.67
C HIS A 64 5.81 15.17 -17.88
N PHE A 65 5.34 14.47 -16.85
CA PHE A 65 5.14 13.03 -17.00
C PHE A 65 3.81 12.56 -16.44
N PRO A 66 2.72 12.88 -17.17
CA PRO A 66 1.36 12.51 -16.79
C PRO A 66 1.24 11.00 -16.83
N ALA A 67 0.32 10.46 -16.05
CA ALA A 67 0.13 9.01 -16.04
C ALA A 67 -0.23 8.48 -17.42
N ASN A 68 0.27 7.28 -17.71
CA ASN A 68 -0.03 6.61 -18.95
C ASN A 68 -0.70 5.31 -18.56
N VAL A 69 -1.98 5.38 -18.23
CA VAL A 69 -2.74 4.16 -17.88
C VAL A 69 -3.99 4.12 -18.73
N ASP A 70 -4.22 3.02 -19.44
CA ASP A 70 -5.41 2.94 -20.29
C ASP A 70 -6.70 2.65 -19.53
N GLU A 71 -7.82 2.57 -20.27
CA GLU A 71 -9.16 2.33 -19.71
C GLU A 71 -9.25 1.01 -18.98
N TYR A 72 -8.33 0.09 -19.26
CA TYR A 72 -8.33 -1.19 -18.56
C TYR A 72 -7.26 -1.23 -17.46
N GLY A 73 -6.77 -0.06 -17.06
CA GLY A 73 -5.75 0.00 -16.03
C GLY A 73 -4.37 -0.54 -16.43
N ARG A 74 -4.14 -0.80 -17.72
CA ARG A 74 -2.83 -1.27 -18.14
C ARG A 74 -1.98 -0.03 -18.30
N VAL A 75 -0.73 -0.07 -17.85
CA VAL A 75 0.11 1.10 -18.05
C VAL A 75 0.99 0.85 -19.28
N TYR A 76 1.31 1.96 -19.94
CA TYR A 76 2.10 1.93 -21.16
C TYR A 76 2.89 3.22 -21.17
N GLY A 77 3.58 3.47 -22.29
CA GLY A 77 4.34 4.69 -22.42
C GLY A 77 5.44 5.00 -21.42
N ASN A 78 5.27 6.10 -20.70
CA ASN A 78 6.28 6.51 -19.73
C ASN A 78 6.31 5.67 -18.43
N GLY A 79 5.44 4.66 -18.33
CA GLY A 79 5.39 3.82 -17.15
C GLY A 79 4.94 4.53 -15.88
N VAL A 80 4.27 5.66 -16.04
CA VAL A 80 3.80 6.45 -14.92
C VAL A 80 2.32 6.17 -14.69
N ARG A 81 1.93 5.84 -13.45
CA ARG A 81 0.51 5.57 -13.21
C ARG A 81 -0.26 6.58 -12.42
N THR A 82 0.42 7.59 -11.89
CA THR A 82 -0.28 8.65 -11.16
C THR A 82 0.60 9.88 -11.01
N ASN A 83 0.06 10.95 -10.48
CA ASN A 83 0.86 12.17 -10.28
C ASN A 83 1.96 11.87 -9.27
N PHE A 84 2.81 12.86 -9.00
CA PHE A 84 3.93 12.67 -8.07
C PHE A 84 3.75 13.45 -6.77
N PHE A 85 2.53 13.84 -6.48
CA PHE A 85 2.27 14.62 -5.28
C PHE A 85 2.31 13.80 -3.99
N GLY A 86 2.46 12.49 -4.13
CA GLY A 86 2.48 11.65 -2.93
C GLY A 86 3.61 11.99 -1.98
N MET A 87 4.65 12.63 -2.50
CA MET A 87 5.80 12.99 -1.68
C MET A 87 5.53 14.18 -0.79
N ARG A 88 4.41 14.86 -1.02
CA ARG A 88 4.14 16.06 -0.22
C ARG A 88 3.60 15.87 1.21
N HIS A 89 4.28 15.08 2.03
CA HIS A 89 3.83 14.90 3.42
C HIS A 89 4.94 15.30 4.42
N MET A 90 4.52 15.81 5.57
CA MET A 90 5.44 16.21 6.62
C MET A 90 5.76 14.92 7.36
N ASN A 91 6.69 14.13 6.80
CA ASN A 91 7.03 12.82 7.36
C ASN A 91 7.33 12.85 8.84
N GLY A 92 6.64 12.00 9.60
CA GLY A 92 6.85 11.97 11.04
C GLY A 92 5.63 12.53 11.78
N PHE A 93 4.78 13.26 11.07
CA PHE A 93 3.58 13.85 11.67
C PHE A 93 2.40 13.12 11.07
N PRO A 94 1.64 12.39 11.91
CA PRO A 94 0.46 11.63 11.48
C PRO A 94 -0.89 12.33 11.38
N MET A 95 -1.79 11.73 10.59
CA MET A 95 -3.16 12.23 10.51
C MET A 95 -3.69 11.94 11.93
N ILE A 96 -4.72 12.68 12.35
CA ILE A 96 -5.31 12.52 13.68
C ILE A 96 -6.83 12.40 13.49
N PRO A 97 -7.43 11.36 14.08
CA PRO A 97 -6.75 10.34 14.87
C PRO A 97 -6.50 9.13 13.96
N ALA A 98 -5.71 8.19 14.44
CA ALA A 98 -5.46 6.98 13.71
C ALA A 98 -6.70 6.14 14.09
N THR A 99 -6.94 5.07 13.36
CA THR A 99 -8.13 4.30 13.64
C THR A 99 -8.02 3.40 14.88
N TRP A 100 -9.17 3.02 15.44
CA TRP A 100 -9.23 2.07 16.54
C TRP A 100 -9.45 0.77 15.76
N PRO A 101 -8.67 -0.26 16.02
CA PRO A 101 -8.90 -1.46 15.24
C PRO A 101 -10.27 -2.14 15.58
N LEU A 102 -10.96 -2.61 14.55
CA LEU A 102 -12.27 -3.25 14.73
C LEU A 102 -12.08 -4.58 15.46
N ALA A 103 -12.77 -4.75 16.58
CA ALA A 103 -12.71 -5.99 17.39
C ALA A 103 -13.39 -7.17 16.69
N SER A 104 -14.32 -6.85 15.81
CA SER A 104 -15.01 -7.89 15.06
C SER A 104 -15.31 -7.45 13.66
N ASN A 105 -14.94 -8.26 12.68
CA ASN A 105 -15.22 -7.86 11.30
C ASN A 105 -16.41 -8.62 10.70
N LEU A 106 -17.17 -9.37 11.51
CA LEU A 106 -18.28 -10.15 10.94
C LEU A 106 -19.29 -9.28 10.22
N LYS A 107 -19.67 -8.21 10.87
CA LYS A 107 -20.64 -7.30 10.31
C LYS A 107 -20.07 -6.59 9.09
N LYS A 108 -18.78 -6.23 9.18
CA LYS A 108 -18.15 -5.52 8.06
C LYS A 108 -18.20 -6.39 6.81
N ARG A 109 -17.98 -7.69 6.96
CA ARG A 109 -18.00 -8.64 5.84
C ARG A 109 -19.44 -8.82 5.32
N ALA A 110 -20.35 -9.07 6.25
CA ALA A 110 -21.75 -9.25 5.91
C ALA A 110 -22.22 -8.01 5.16
N ASP A 111 -21.95 -6.83 5.70
CA ASP A 111 -22.42 -5.62 5.03
C ASP A 111 -21.80 -5.40 3.66
N ALA A 112 -20.65 -6.01 3.40
CA ALA A 112 -20.00 -5.84 2.09
C ALA A 112 -20.42 -7.00 1.20
N ASP A 113 -21.39 -7.78 1.66
CA ASP A 113 -21.88 -8.93 0.92
C ASP A 113 -20.82 -9.95 0.62
N LEU A 114 -20.01 -10.25 1.64
CA LEU A 114 -18.96 -11.26 1.49
C LEU A 114 -19.46 -12.45 2.30
N ALA A 115 -19.03 -13.65 1.89
CA ALA A 115 -19.53 -14.87 2.50
C ALA A 115 -19.02 -15.21 3.87
N ASP A 116 -19.82 -15.97 4.64
CA ASP A 116 -19.41 -16.31 6.00
C ASP A 116 -18.91 -17.73 6.05
N GLY A 117 -18.52 -18.23 4.88
CA GLY A 117 -17.96 -19.57 4.78
C GLY A 117 -17.85 -19.96 3.32
N PRO A 118 -17.20 -21.08 3.00
CA PRO A 118 -17.06 -21.55 1.62
C PRO A 118 -18.48 -21.59 1.03
N VAL A 119 -18.70 -20.95 -0.10
CA VAL A 119 -20.07 -20.95 -0.63
C VAL A 119 -20.51 -22.26 -1.29
N SER A 120 -19.58 -23.08 -1.75
CA SER A 120 -19.97 -24.34 -2.39
C SER A 120 -19.04 -25.40 -1.86
N GLU A 121 -19.35 -26.66 -2.07
CA GLU A 121 -18.48 -27.73 -1.59
C GLU A 121 -17.17 -27.71 -2.36
N ARG A 122 -17.24 -27.30 -3.63
CA ARG A 122 -16.02 -27.20 -4.43
C ARG A 122 -15.01 -26.28 -3.71
N ASP A 123 -15.44 -25.06 -3.42
CA ASP A 123 -14.58 -24.08 -2.73
C ASP A 123 -14.08 -24.63 -1.41
N ASN A 124 -14.97 -25.26 -0.67
CA ASN A 124 -14.56 -25.85 0.58
C ASN A 124 -13.39 -26.81 0.33
N LEU A 125 -13.49 -27.61 -0.72
CA LEU A 125 -12.43 -28.57 -0.99
C LEU A 125 -11.14 -27.86 -1.42
N LEU A 126 -11.27 -26.78 -2.19
CA LEU A 126 -10.09 -26.07 -2.64
C LEU A 126 -9.34 -25.41 -1.48
N PHE A 127 -10.07 -24.84 -0.50
CA PHE A 127 -9.40 -24.19 0.61
C PHE A 127 -8.68 -25.25 1.46
N ARG A 128 -9.34 -26.39 1.69
CA ARG A 128 -8.73 -27.46 2.46
C ARG A 128 -7.55 -28.08 1.72
N ALA A 129 -7.67 -28.14 0.38
CA ALA A 129 -6.60 -28.68 -0.43
C ALA A 129 -5.39 -27.76 -0.27
N ALA A 130 -5.65 -26.45 -0.25
CA ALA A 130 -4.56 -25.48 -0.08
C ALA A 130 -3.83 -25.82 1.22
N VAL A 131 -4.58 -26.13 2.27
CA VAL A 131 -3.98 -26.46 3.54
C VAL A 131 -3.12 -27.75 3.43
N ARG A 132 -3.64 -28.75 2.73
CA ARG A 132 -2.91 -30.02 2.63
C ARG A 132 -1.65 -29.89 1.79
N LEU A 133 -1.69 -29.10 0.73
CA LEU A 133 -0.50 -28.94 -0.10
C LEU A 133 0.54 -28.07 0.60
N MET A 134 0.09 -27.08 1.38
CA MET A 134 1.03 -26.19 2.06
C MET A 134 1.72 -26.72 3.31
N PHE A 135 0.97 -27.44 4.12
CA PHE A 135 1.49 -27.94 5.37
C PHE A 135 1.88 -29.40 5.34
N SER A 136 2.05 -29.99 4.16
CA SER A 136 2.34 -31.40 4.16
C SER A 136 3.75 -31.94 4.19
N ASP A 137 4.68 -31.53 3.37
CA ASP A 137 5.92 -32.30 3.56
C ASP A 137 7.06 -31.42 3.95
N LEU A 138 6.87 -30.81 5.10
CA LEU A 138 7.78 -29.82 5.64
C LEU A 138 9.10 -30.34 6.18
N GLU A 139 10.15 -29.58 5.89
CA GLU A 139 11.52 -29.83 6.33
C GLU A 139 11.89 -28.80 7.38
N PRO A 140 12.35 -29.26 8.54
CA PRO A 140 12.75 -28.40 9.66
C PRO A 140 13.90 -27.48 9.26
N VAL A 141 13.88 -26.24 9.77
CA VAL A 141 14.95 -25.29 9.51
C VAL A 141 15.13 -24.50 10.79
N PRO A 142 16.23 -23.76 10.90
CA PRO A 142 16.37 -23.01 12.14
C PRO A 142 15.31 -21.90 12.22
N LEU A 143 14.81 -21.66 13.41
CA LEU A 143 13.85 -20.58 13.55
C LEU A 143 14.67 -19.30 13.48
N LYS A 144 14.43 -18.46 12.49
CA LYS A 144 15.18 -17.20 12.39
C LYS A 144 14.42 -16.04 13.01
N ILE A 145 15.14 -15.22 13.77
CA ILE A 145 14.57 -14.07 14.45
C ILE A 145 15.24 -12.79 13.94
N ARG A 146 14.43 -11.80 13.63
CA ARG A 146 14.91 -10.47 13.17
C ARG A 146 15.65 -9.74 14.31
N LYS A 147 16.86 -9.26 14.05
CA LYS A 147 17.60 -8.56 15.09
C LYS A 147 16.89 -7.27 15.48
N GLY A 148 16.99 -6.91 16.75
CA GLY A 148 16.34 -5.69 17.21
C GLY A 148 14.81 -5.69 17.30
N SER A 149 14.13 -6.66 16.68
CA SER A 149 12.67 -6.70 16.79
C SER A 149 12.28 -6.98 18.26
N SER A 150 11.15 -6.43 18.71
CA SER A 150 10.69 -6.60 20.11
C SER A 150 9.90 -7.88 20.37
N THR A 151 10.02 -8.43 21.58
CA THR A 151 9.27 -9.62 21.91
C THR A 151 7.84 -9.20 22.29
N CYS A 152 7.59 -7.89 22.31
CA CYS A 152 6.27 -7.34 22.71
C CYS A 152 5.74 -8.00 24.02
N ILE A 153 4.44 -8.22 24.14
CA ILE A 153 3.88 -8.75 25.41
C ILE A 153 4.44 -10.09 25.88
N PRO A 154 4.86 -10.19 27.15
CA PRO A 154 4.84 -9.11 28.15
C PRO A 154 6.17 -8.41 28.42
N TYR A 155 7.27 -8.95 27.91
CA TYR A 155 8.60 -8.40 28.22
C TYR A 155 9.11 -7.22 27.44
N PHE A 156 8.73 -7.13 26.18
CA PHE A 156 9.21 -6.05 25.31
C PHE A 156 10.73 -6.02 25.27
N SER A 157 11.34 -7.19 25.08
CA SER A 157 12.78 -7.24 25.02
C SER A 157 13.23 -7.13 23.57
N ASN A 158 14.40 -6.54 23.36
CA ASN A 158 14.95 -6.42 22.00
C ASN A 158 16.31 -7.06 22.02
N ASP A 159 16.63 -7.71 23.12
CA ASP A 159 17.92 -8.35 23.27
C ASP A 159 17.97 -9.72 22.57
N MET A 160 18.92 -9.94 21.68
CA MET A 160 18.95 -11.23 21.00
C MET A 160 19.09 -12.41 21.95
N GLY A 161 19.98 -12.30 22.93
CA GLY A 161 20.12 -13.40 23.86
C GLY A 161 18.81 -13.76 24.52
N THR A 162 18.08 -12.73 24.97
CA THR A 162 16.79 -12.90 25.63
C THR A 162 15.77 -13.47 24.63
N LYS A 163 15.82 -12.97 23.41
CA LYS A 163 14.87 -13.48 22.42
C LYS A 163 15.08 -14.96 22.11
N ILE A 164 16.34 -15.39 22.01
CA ILE A 164 16.66 -16.79 21.74
C ILE A 164 16.18 -17.65 22.92
N GLU A 165 16.39 -17.21 24.16
CA GLU A 165 15.94 -17.96 25.33
C GLU A 165 14.42 -18.04 25.33
N ILE A 166 13.78 -16.89 25.14
CA ILE A 166 12.33 -16.89 25.09
C ILE A 166 11.84 -17.87 24.02
N ALA A 167 12.42 -17.80 22.82
CA ALA A 167 12.01 -18.69 21.72
C ALA A 167 12.28 -20.17 22.02
N GLU A 168 13.45 -20.48 22.57
CA GLU A 168 13.75 -21.87 22.87
C GLU A 168 12.82 -22.39 23.95
N ARG A 169 12.62 -21.59 24.99
CA ARG A 169 11.74 -21.96 26.07
C ARG A 169 10.35 -22.22 25.50
N ALA A 170 9.95 -21.36 24.56
CA ALA A 170 8.65 -21.45 23.93
C ALA A 170 8.47 -22.77 23.13
N LEU A 171 9.45 -23.15 22.33
CA LEU A 171 9.34 -24.40 21.58
C LEU A 171 9.31 -25.57 22.55
N GLU A 172 9.87 -25.38 23.74
CA GLU A 172 9.85 -26.44 24.75
C GLU A 172 8.54 -26.56 25.50
N LYS A 173 7.89 -25.45 25.78
CA LYS A 173 6.63 -25.51 26.52
C LYS A 173 5.38 -25.32 25.70
N ALA A 174 5.52 -25.20 24.36
CA ALA A 174 4.35 -24.98 23.49
C ALA A 174 3.27 -26.04 23.68
N GLU A 175 3.70 -27.29 23.71
CA GLU A 175 2.77 -28.40 23.89
C GLU A 175 1.97 -28.24 25.19
N GLU A 176 2.67 -27.95 26.28
CA GLU A 176 1.98 -27.81 27.54
C GLU A 176 1.01 -26.64 27.52
N ALA A 177 1.45 -25.58 26.84
CA ALA A 177 0.58 -24.39 26.76
C ALA A 177 -0.65 -24.70 25.92
N GLY A 178 -0.43 -25.23 24.74
CA GLY A 178 -1.55 -25.57 23.89
C GLY A 178 -2.54 -26.50 24.59
N ASN A 179 -2.03 -27.47 25.35
CA ASN A 179 -2.96 -28.36 26.04
C ASN A 179 -3.75 -27.61 27.08
N LEU A 180 -3.11 -26.68 27.77
CA LEU A 180 -3.85 -25.88 28.74
C LEU A 180 -4.96 -25.11 28.03
N MET A 181 -4.64 -24.58 26.85
CA MET A 181 -5.66 -23.83 26.09
C MET A 181 -6.80 -24.76 25.65
N LEU A 182 -6.44 -25.98 25.24
CA LEU A 182 -7.47 -26.92 24.83
C LEU A 182 -8.43 -27.11 26.00
N GLN A 183 -7.93 -26.90 27.24
CA GLN A 183 -8.81 -27.05 28.40
C GLN A 183 -9.46 -25.77 28.80
N GLY A 184 -9.30 -24.74 27.96
CA GLY A 184 -9.91 -23.45 28.26
C GLY A 184 -9.11 -22.70 29.33
N LYS A 185 -7.90 -23.17 29.64
CA LYS A 185 -7.10 -22.51 30.66
C LYS A 185 -6.12 -21.48 30.06
N PHE A 186 -6.67 -20.47 29.42
CA PHE A 186 -5.84 -19.45 28.77
C PHE A 186 -5.03 -18.62 29.75
N ASP A 187 -5.63 -18.17 30.84
CA ASP A 187 -4.87 -17.43 31.81
C ASP A 187 -3.70 -18.28 32.27
N ASP A 188 -3.91 -19.58 32.49
CA ASP A 188 -2.79 -20.41 32.91
C ASP A 188 -1.68 -20.48 31.87
N ALA A 189 -2.06 -20.66 30.60
CA ALA A 189 -1.07 -20.78 29.55
C ALA A 189 -0.25 -19.48 29.46
N TYR A 190 -0.93 -18.35 29.62
CA TYR A 190 -0.26 -17.06 29.56
C TYR A 190 0.66 -16.80 30.79
N GLN A 191 0.16 -17.10 31.97
CA GLN A 191 0.93 -16.86 33.17
C GLN A 191 2.16 -17.72 33.23
N LEU A 192 2.04 -18.96 32.79
CA LEU A 192 3.15 -19.88 32.85
C LEU A 192 4.10 -19.77 31.70
N HIS A 193 3.57 -19.57 30.49
CA HIS A 193 4.43 -19.56 29.31
C HIS A 193 4.40 -18.33 28.40
N GLN A 194 3.71 -17.31 28.86
CA GLN A 194 3.51 -16.06 28.14
C GLN A 194 2.89 -16.30 26.77
N MET A 195 2.07 -17.35 26.65
CA MET A 195 1.43 -17.62 25.35
C MET A 195 -0.04 -17.16 25.46
N GLY A 196 -0.30 -15.99 24.92
CA GLY A 196 -1.64 -15.43 25.01
C GLY A 196 -1.51 -13.94 25.27
N GLY A 197 -2.47 -13.40 25.99
CA GLY A 197 -2.40 -11.99 26.29
C GLY A 197 -3.02 -11.16 25.18
N ALA A 198 -2.18 -10.49 24.38
CA ALA A 198 -2.71 -9.63 23.32
C ALA A 198 -1.64 -9.20 22.33
N TYR A 199 -2.09 -8.59 21.24
CA TYR A 199 -1.23 -8.03 20.23
C TYR A 199 -1.03 -6.62 20.73
N TYR A 200 0.17 -6.07 20.53
CA TYR A 200 0.46 -4.71 20.99
C TYR A 200 0.25 -3.92 19.72
N VAL A 201 -0.71 -3.00 19.74
CA VAL A 201 -1.04 -2.23 18.54
C VAL A 201 -0.27 -0.97 18.37
N VAL A 202 0.54 -0.91 17.33
CA VAL A 202 1.28 0.32 17.05
C VAL A 202 0.80 0.99 15.73
N TYR A 203 1.11 2.25 15.56
CA TYR A 203 0.71 2.92 14.35
C TYR A 203 1.91 3.21 13.51
N ARG A 204 1.90 2.76 12.27
CA ARG A 204 3.03 2.97 11.35
C ARG A 204 2.60 3.91 10.27
N ALA A 205 3.57 4.58 9.68
CA ALA A 205 3.26 5.54 8.64
C ALA A 205 3.31 4.95 7.25
N GLN A 206 2.37 5.37 6.42
CA GLN A 206 2.44 5.03 5.01
C GLN A 206 2.78 6.47 4.59
N SER A 207 4.07 6.72 4.43
CA SER A 207 4.64 8.04 4.15
C SER A 207 4.12 8.76 2.92
N THR A 208 3.61 8.00 1.97
CA THR A 208 3.09 8.63 0.80
C THR A 208 1.70 8.06 0.64
N ASP A 209 0.77 8.94 0.32
CA ASP A 209 -0.62 8.56 0.11
C ASP A 209 -1.05 9.57 -0.96
N ALA A 210 -2.13 9.26 -1.65
CA ALA A 210 -2.61 10.11 -2.74
C ALA A 210 -2.95 11.53 -2.39
N ILE A 211 -2.54 12.42 -3.28
CA ILE A 211 -2.81 13.84 -3.16
C ILE A 211 -3.08 14.32 -4.57
N THR A 212 -4.09 15.16 -4.75
CA THR A 212 -4.37 15.67 -6.08
C THR A 212 -4.36 17.19 -6.03
N LEU A 213 -4.24 17.77 -7.20
CA LEU A 213 -4.22 19.22 -7.34
C LEU A 213 -5.51 19.59 -8.07
N ASP A 214 -6.40 20.28 -7.38
CA ASP A 214 -7.67 20.70 -7.94
C ASP A 214 -7.44 21.79 -8.99
N PRO A 215 -7.73 21.47 -10.26
CA PRO A 215 -7.55 22.41 -11.37
C PRO A 215 -8.30 23.71 -11.12
N LYS A 216 -9.55 23.56 -10.68
CA LYS A 216 -10.43 24.70 -10.43
C LYS A 216 -9.89 25.68 -9.39
N THR A 217 -9.49 25.15 -8.24
CA THR A 217 -8.99 25.98 -7.15
C THR A 217 -7.49 26.20 -7.08
N GLY A 218 -6.73 25.33 -7.75
CA GLY A 218 -5.28 25.45 -7.68
C GLY A 218 -4.74 24.94 -6.33
N LYS A 219 -5.61 24.33 -5.52
CA LYS A 219 -5.22 23.81 -4.22
C LYS A 219 -5.07 22.29 -4.21
N PHE A 220 -4.20 21.78 -3.33
CA PHE A 220 -4.00 20.33 -3.24
C PHE A 220 -4.98 19.78 -2.27
N VAL A 221 -5.43 18.56 -2.54
CA VAL A 221 -6.41 17.86 -1.72
C VAL A 221 -5.83 16.48 -1.40
N SER A 222 -5.75 16.14 -0.12
CA SER A 222 -5.24 14.82 0.29
C SER A 222 -6.38 13.80 0.35
N LYS A 223 -6.08 12.54 0.02
CA LYS A 223 -7.14 11.53 0.04
C LYS A 223 -7.63 11.31 1.47
N ASP A 224 -8.95 11.40 1.67
CA ASP A 224 -9.52 11.20 2.98
C ASP A 224 -9.31 9.75 3.38
N ARG A 225 -8.93 9.53 4.64
CA ARG A 225 -8.74 8.17 5.14
C ARG A 225 -9.70 8.04 6.32
N MET A 226 -10.64 7.12 6.14
CA MET A 226 -11.65 6.88 7.17
C MET A 226 -11.11 6.10 8.35
N VAL A 227 -11.49 6.52 9.54
CA VAL A 227 -11.05 5.85 10.75
C VAL A 227 -12.23 5.59 11.67
N ALA A 228 -12.12 4.55 12.49
CA ALA A 228 -13.17 4.18 13.40
C ALA A 228 -12.86 4.68 14.79
N ASP A 229 -13.86 5.25 15.50
CA ASP A 229 -13.60 5.69 16.87
C ASP A 229 -13.78 4.47 17.72
N PHE A 230 -13.52 4.61 19.01
CA PHE A 230 -13.62 3.50 19.93
C PHE A 230 -14.98 2.79 19.94
N GLU A 231 -16.07 3.53 19.95
CA GLU A 231 -17.38 2.88 19.94
C GLU A 231 -17.57 1.98 18.71
N TYR A 232 -17.25 2.52 17.56
CA TYR A 232 -17.34 1.77 16.31
C TYR A 232 -16.46 0.52 16.39
N ALA A 233 -15.21 0.65 16.87
CA ALA A 233 -14.31 -0.50 16.94
C ALA A 233 -14.80 -1.63 17.82
N VAL A 234 -15.26 -1.31 19.03
CA VAL A 234 -15.75 -2.37 19.93
C VAL A 234 -17.09 -2.94 19.57
N THR A 235 -17.88 -2.25 18.75
CA THR A 235 -19.17 -2.81 18.38
C THR A 235 -19.16 -3.33 16.96
N GLY A 236 -17.97 -3.53 16.38
CA GLY A 236 -17.92 -4.03 15.01
C GLY A 236 -18.65 -3.12 14.03
N GLY A 237 -18.73 -1.83 14.34
CA GLY A 237 -19.40 -0.88 13.46
C GLY A 237 -20.92 -0.70 13.70
N GLU A 238 -21.49 -1.40 14.68
CA GLU A 238 -22.91 -1.21 14.94
C GLU A 238 -23.19 0.15 15.54
N GLN A 239 -22.27 0.66 16.34
CA GLN A 239 -22.44 2.00 16.90
C GLN A 239 -21.21 2.82 16.66
N GLY A 240 -21.16 4.02 17.20
CA GLY A 240 -20.01 4.88 17.00
C GLY A 240 -19.93 5.36 15.55
N SER A 241 -18.79 5.91 15.16
CA SER A 241 -18.68 6.38 13.80
C SER A 241 -17.35 6.15 13.10
N LEU A 242 -17.46 6.17 11.78
CA LEU A 242 -16.38 6.00 10.86
C LEU A 242 -16.31 7.38 10.27
N PHE A 243 -15.14 8.02 10.33
CA PHE A 243 -15.03 9.36 9.77
C PHE A 243 -13.63 9.60 9.28
N ALA A 244 -13.49 10.64 8.49
CA ALA A 244 -12.23 11.00 7.86
C ALA A 244 -11.23 11.60 8.86
N ALA A 245 -10.02 11.02 8.91
CA ALA A 245 -9.03 11.55 9.83
C ALA A 245 -8.58 12.89 9.26
N SER A 246 -8.00 13.74 10.10
CA SER A 246 -7.53 15.02 9.60
C SER A 246 -6.04 14.96 9.20
N LYS A 247 -5.74 15.21 7.93
CA LYS A 247 -4.38 15.19 7.43
C LYS A 247 -3.85 16.62 7.37
N ASP A 248 -4.69 17.57 7.77
CA ASP A 248 -4.30 18.99 7.74
C ASP A 248 -3.03 19.23 8.57
N ALA A 249 -2.00 19.79 7.95
CA ALA A 249 -0.73 20.04 8.66
C ALA A 249 -0.57 21.45 9.27
N SER A 250 -1.56 22.32 9.04
CA SER A 250 -1.57 23.71 9.54
C SER A 250 -1.15 23.74 10.99
N ARG A 251 -1.72 22.84 11.79
CA ARG A 251 -1.40 22.74 13.20
C ARG A 251 0.09 22.71 13.54
N LEU A 252 0.91 22.14 12.66
CA LEU A 252 2.33 22.06 12.97
C LEU A 252 2.93 23.43 13.25
N LYS A 253 2.36 24.45 12.60
CA LYS A 253 2.87 25.79 12.80
C LYS A 253 2.68 26.26 14.23
N GLU A 254 1.43 26.37 14.69
CA GLU A 254 1.23 26.84 16.07
C GLU A 254 1.78 25.88 17.12
N GLN A 255 1.69 24.58 16.87
CA GLN A 255 2.16 23.60 17.84
C GLN A 255 3.65 23.49 17.95
N TYR A 256 4.33 23.50 16.82
CA TYR A 256 5.77 23.32 16.88
C TYR A 256 6.58 24.44 16.27
N GLY A 257 5.91 25.43 15.70
CA GLY A 257 6.64 26.49 15.05
C GLY A 257 7.24 25.96 13.76
N ILE A 258 6.64 24.93 13.19
CA ILE A 258 7.16 24.43 11.94
C ILE A 258 6.41 25.10 10.81
N ASP A 259 7.17 25.51 9.81
CA ASP A 259 6.64 26.18 8.64
C ASP A 259 6.03 25.15 7.72
N VAL A 260 4.74 25.25 7.45
CA VAL A 260 4.07 24.30 6.58
C VAL A 260 3.79 24.93 5.23
N PRO A 261 4.48 24.47 4.17
CA PRO A 261 4.25 25.03 2.83
C PRO A 261 2.90 24.60 2.35
N ASP A 262 2.38 25.30 1.36
CA ASP A 262 1.09 24.99 0.82
C ASP A 262 1.11 23.61 0.20
N GLY A 263 0.02 22.88 0.39
CA GLY A 263 -0.04 21.56 -0.22
C GLY A 263 0.78 20.45 0.42
N PHE A 264 1.16 20.61 1.68
CA PHE A 264 1.86 19.54 2.43
C PHE A 264 0.93 19.05 3.58
N PHE A 265 0.84 17.74 3.75
CA PHE A 265 -0.08 17.17 4.71
C PHE A 265 0.52 16.21 5.71
N CYS A 266 -0.29 15.82 6.69
CA CYS A 266 0.17 14.87 7.69
C CYS A 266 0.06 13.51 7.04
N GLU A 267 0.84 12.55 7.53
CA GLU A 267 0.86 11.21 6.97
C GLU A 267 -0.26 10.29 7.35
N ARG A 268 -0.59 9.40 6.41
CA ARG A 268 -1.58 8.40 6.66
C ARG A 268 -0.93 7.43 7.65
N ARG A 269 -1.69 6.99 8.64
CA ARG A 269 -1.13 6.04 9.59
C ARG A 269 -1.94 4.77 9.56
N ARG A 270 -1.23 3.67 9.61
CA ARG A 270 -1.81 2.35 9.58
C ARG A 270 -1.50 1.60 10.86
N THR A 271 -2.37 0.69 11.24
CA THR A 271 -2.13 -0.06 12.47
C THR A 271 -1.19 -1.22 12.16
N ALA A 272 -0.35 -1.56 13.11
CA ALA A 272 0.56 -2.70 12.94
C ALA A 272 0.35 -3.43 14.26
N MET A 273 0.64 -4.72 14.31
CA MET A 273 0.44 -5.45 15.56
C MET A 273 1.65 -6.26 15.96
N GLY A 274 2.13 -6.08 17.18
CA GLY A 274 3.28 -6.85 17.62
C GLY A 274 2.70 -8.02 18.41
N GLY A 275 3.03 -9.24 17.98
CA GLY A 275 2.53 -10.43 18.64
C GLY A 275 3.31 -10.82 19.87
N PRO A 276 2.67 -11.52 20.81
CA PRO A 276 3.40 -11.92 22.01
C PRO A 276 4.40 -12.96 21.51
N PHE A 277 5.71 -12.66 21.59
CA PHE A 277 6.71 -13.56 21.01
C PHE A 277 6.68 -15.03 21.42
N ALA A 278 6.38 -15.33 22.69
CA ALA A 278 6.36 -16.75 23.07
C ALA A 278 5.28 -17.52 22.28
N LEU A 279 4.18 -16.86 21.94
CA LEU A 279 3.12 -17.51 21.17
C LEU A 279 3.50 -17.62 19.69
N ASN A 280 4.12 -16.56 19.15
CA ASN A 280 4.51 -16.58 17.74
C ASN A 280 5.64 -17.54 17.37
N ALA A 281 6.60 -17.74 18.29
CA ALA A 281 7.72 -18.62 18.00
C ALA A 281 7.32 -19.99 17.52
N PRO A 282 6.47 -20.70 18.27
CA PRO A 282 6.04 -22.04 17.85
C PRO A 282 5.31 -21.97 16.52
N ILE A 283 4.69 -20.83 16.23
CA ILE A 283 4.02 -20.65 14.95
C ILE A 283 5.03 -20.37 13.87
N MET A 284 5.99 -19.47 14.13
CA MET A 284 7.01 -19.19 13.11
C MET A 284 7.84 -20.45 12.77
N ALA A 285 8.04 -21.34 13.74
CA ALA A 285 8.81 -22.57 13.48
C ALA A 285 8.15 -23.49 12.42
N VAL A 286 6.85 -23.37 12.24
CA VAL A 286 6.14 -24.15 11.22
C VAL A 286 6.04 -23.29 9.95
N ALA A 287 5.74 -22.01 10.14
CA ALA A 287 5.56 -21.09 9.03
C ALA A 287 6.73 -21.02 8.07
N GLN A 288 7.96 -20.98 8.58
CA GLN A 288 9.10 -20.89 7.68
C GLN A 288 9.21 -22.10 6.77
N PRO A 289 9.06 -23.32 7.34
CA PRO A 289 9.12 -24.52 6.51
C PRO A 289 8.02 -24.51 5.43
N VAL A 290 6.84 -23.99 5.80
CA VAL A 290 5.76 -23.91 4.82
C VAL A 290 6.20 -23.01 3.68
N ARG A 291 6.79 -21.87 4.01
CA ARG A 291 7.24 -20.95 2.96
C ARG A 291 8.25 -21.66 2.11
N ASN A 292 9.17 -22.37 2.77
CA ASN A 292 10.19 -23.04 1.99
C ASN A 292 9.55 -23.98 1.00
N LYS A 293 8.50 -24.66 1.43
CA LYS A 293 7.83 -25.58 0.53
C LYS A 293 7.12 -24.92 -0.62
N ILE A 294 6.27 -23.93 -0.36
CA ILE A 294 5.56 -23.28 -1.47
C ILE A 294 6.48 -22.46 -2.37
N TYR A 295 7.56 -21.92 -1.83
CA TYR A 295 8.46 -21.14 -2.70
C TYR A 295 9.33 -22.08 -3.56
N SER A 296 9.37 -23.37 -3.22
CA SER A 296 10.14 -24.31 -4.02
C SER A 296 9.17 -25.08 -4.93
N LYS A 297 8.43 -26.01 -4.38
CA LYS A 297 7.51 -26.77 -5.18
C LYS A 297 6.48 -25.94 -5.94
N TYR A 298 5.96 -24.89 -5.34
CA TYR A 298 4.96 -24.07 -6.04
C TYR A 298 5.54 -22.72 -6.42
N ALA A 299 6.84 -22.74 -6.74
CA ALA A 299 7.55 -21.51 -7.08
C ALA A 299 6.89 -20.69 -8.17
N TYR A 300 6.29 -21.37 -9.14
CA TYR A 300 5.65 -20.69 -10.25
C TYR A 300 4.68 -19.66 -9.75
N THR A 301 3.84 -20.08 -8.82
CA THR A 301 2.81 -19.19 -8.33
C THR A 301 3.26 -18.25 -7.22
N PHE A 302 4.10 -18.77 -6.35
CA PHE A 302 4.51 -18.05 -5.15
C PHE A 302 5.93 -17.47 -4.95
N HIS A 303 6.88 -17.83 -5.79
CA HIS A 303 8.24 -17.32 -5.61
C HIS A 303 8.60 -16.25 -6.64
N HIS A 304 8.63 -15.00 -6.19
CA HIS A 304 8.92 -13.88 -7.09
C HIS A 304 10.13 -13.09 -6.66
N THR A 305 11.04 -12.94 -7.59
CA THR A 305 12.29 -12.23 -7.34
C THR A 305 12.45 -11.00 -8.23
N THR A 306 13.08 -11.18 -9.38
CA THR A 306 13.35 -10.07 -10.29
C THR A 306 12.23 -9.79 -11.24
N ARG A 307 12.30 -8.64 -11.88
CA ARG A 307 11.29 -8.28 -12.85
C ARG A 307 11.30 -9.26 -14.04
N LEU A 308 12.46 -9.82 -14.37
CA LEU A 308 12.51 -10.79 -15.44
C LEU A 308 11.94 -12.13 -14.98
N ASN A 309 12.07 -12.42 -13.69
CA ASN A 309 11.54 -13.67 -13.15
C ASN A 309 10.02 -13.67 -13.40
N LYS A 310 9.38 -12.55 -13.07
CA LYS A 310 7.95 -12.35 -13.24
C LYS A 310 7.59 -12.37 -14.72
N GLU A 311 8.33 -11.57 -15.47
CA GLU A 311 8.13 -11.43 -16.89
C GLU A 311 8.07 -12.74 -17.66
N GLU A 312 9.02 -13.63 -17.43
CA GLU A 312 9.06 -14.90 -18.14
C GLU A 312 7.75 -15.66 -18.04
N LYS A 313 7.15 -15.66 -16.85
CA LYS A 313 5.88 -16.34 -16.65
C LYS A 313 4.74 -15.60 -17.36
N VAL A 314 4.64 -14.31 -17.12
CA VAL A 314 3.58 -13.53 -17.71
C VAL A 314 3.58 -13.41 -19.25
N LYS A 315 4.74 -13.38 -19.88
CA LYS A 315 4.75 -13.21 -21.34
C LYS A 315 4.23 -14.44 -22.08
N GLU A 316 4.00 -15.54 -21.35
CA GLU A 316 3.46 -16.72 -21.98
C GLU A 316 1.94 -16.69 -21.93
N TRP A 317 1.38 -15.70 -21.25
CA TRP A 317 -0.08 -15.63 -21.15
C TRP A 317 -0.70 -14.90 -22.33
N SER A 318 -1.97 -15.22 -22.64
CA SER A 318 -2.69 -14.55 -23.71
C SER A 318 -3.40 -13.39 -23.07
N LEU A 319 -3.71 -13.54 -21.78
CA LEU A 319 -4.34 -12.47 -21.01
C LEU A 319 -3.79 -12.43 -19.56
N CYS A 320 -3.54 -11.22 -19.09
CA CYS A 320 -3.01 -11.01 -17.74
C CYS A 320 -3.93 -10.04 -17.00
N VAL A 321 -4.54 -10.47 -15.90
CA VAL A 321 -5.42 -9.54 -15.18
C VAL A 321 -4.81 -9.20 -13.82
N ALA A 322 -4.53 -7.91 -13.63
CA ALA A 322 -3.91 -7.35 -12.41
C ALA A 322 -4.98 -6.96 -11.42
N THR A 323 -5.21 -7.82 -10.44
CA THR A 323 -6.23 -7.55 -9.44
C THR A 323 -5.80 -6.66 -8.29
N ASP A 324 -6.81 -6.23 -7.54
CA ASP A 324 -6.65 -5.39 -6.38
C ASP A 324 -7.65 -5.91 -5.37
N VAL A 325 -7.26 -5.96 -4.09
CA VAL A 325 -8.14 -6.40 -3.00
C VAL A 325 -8.29 -5.22 -2.08
N SER A 326 -9.50 -4.95 -1.65
CA SER A 326 -9.70 -3.82 -0.77
C SER A 326 -9.50 -4.22 0.70
N ASP A 327 -8.68 -3.46 1.43
CA ASP A 327 -8.44 -3.68 2.88
C ASP A 327 -8.36 -5.19 3.26
N HIS A 328 -7.42 -5.88 2.66
CA HIS A 328 -7.26 -7.31 2.86
C HIS A 328 -7.22 -7.83 4.29
N ASP A 329 -6.36 -7.26 5.12
CA ASP A 329 -6.22 -7.69 6.50
C ASP A 329 -7.45 -7.58 7.37
N THR A 330 -8.16 -6.47 7.30
CA THR A 330 -9.34 -6.31 8.15
C THR A 330 -10.54 -7.15 7.65
N PHE A 331 -10.62 -7.43 6.33
CA PHE A 331 -11.71 -8.29 5.79
C PHE A 331 -11.36 -9.81 5.90
N TRP A 332 -10.12 -10.14 6.26
CA TRP A 332 -9.73 -11.57 6.29
C TRP A 332 -10.72 -12.32 7.21
N PRO A 333 -11.30 -13.41 6.70
CA PRO A 333 -12.28 -14.15 7.50
C PRO A 333 -11.88 -15.17 8.55
N GLY A 334 -12.39 -14.95 9.76
CA GLY A 334 -12.12 -15.93 10.81
C GLY A 334 -12.61 -17.32 10.44
N TRP A 335 -13.61 -17.42 9.54
CA TRP A 335 -14.04 -18.77 9.20
C TRP A 335 -12.90 -19.48 8.50
N LEU A 336 -12.03 -18.76 7.80
CA LEU A 336 -10.92 -19.47 7.15
C LEU A 336 -9.91 -19.99 8.22
N ARG A 337 -9.71 -19.19 9.26
CA ARG A 337 -8.86 -19.63 10.38
C ARG A 337 -9.42 -20.98 10.83
N ASP A 338 -10.74 -21.01 11.14
CA ASP A 338 -11.34 -22.26 11.62
C ASP A 338 -11.30 -23.37 10.61
N LEU A 339 -11.42 -23.05 9.33
CA LEU A 339 -11.34 -24.10 8.33
C LEU A 339 -9.90 -24.68 8.30
N ILE A 340 -8.91 -23.81 8.30
CA ILE A 340 -7.51 -24.25 8.26
C ILE A 340 -7.17 -25.08 9.47
N CYS A 341 -7.63 -24.65 10.65
CA CYS A 341 -7.36 -25.41 11.87
C CYS A 341 -8.00 -26.80 11.80
N ASP A 342 -9.27 -26.82 11.39
CA ASP A 342 -9.98 -28.08 11.24
C ASP A 342 -9.23 -28.98 10.27
N GLU A 343 -8.83 -28.46 9.10
CA GLU A 343 -8.11 -29.32 8.17
C GLU A 343 -6.74 -29.81 8.67
N LEU A 344 -6.04 -28.97 9.43
CA LEU A 344 -4.75 -29.37 9.98
C LEU A 344 -5.00 -30.52 10.94
N LEU A 345 -6.06 -30.41 11.74
CA LEU A 345 -6.35 -31.50 12.65
C LEU A 345 -6.63 -32.78 11.80
N ASN A 346 -7.38 -32.67 10.70
CA ASN A 346 -7.65 -33.84 9.87
C ASN A 346 -6.35 -34.44 9.32
N MET A 347 -5.34 -33.60 9.04
CA MET A 347 -4.07 -34.09 8.52
C MET A 347 -3.20 -34.76 9.59
N GLY A 348 -3.63 -34.65 10.84
CA GLY A 348 -2.86 -35.25 11.92
C GLY A 348 -1.90 -34.31 12.63
N TYR A 349 -2.08 -32.99 12.51
CA TYR A 349 -1.22 -32.05 13.21
C TYR A 349 -1.53 -32.14 14.72
N ALA A 350 -0.54 -31.86 15.57
CA ALA A 350 -0.75 -31.92 17.02
C ALA A 350 -1.86 -30.95 17.40
N PRO A 351 -2.86 -31.43 18.16
CA PRO A 351 -3.98 -30.59 18.58
C PRO A 351 -3.54 -29.40 19.39
N TRP A 352 -2.56 -29.63 20.27
CA TRP A 352 -2.09 -28.53 21.09
C TRP A 352 -1.46 -27.41 20.19
N TRP A 353 -0.79 -27.79 19.12
CA TRP A 353 -0.21 -26.78 18.25
C TRP A 353 -1.29 -26.04 17.47
N VAL A 354 -2.29 -26.78 16.97
CA VAL A 354 -3.37 -26.14 16.22
C VAL A 354 -4.09 -25.17 17.14
N LYS A 355 -4.19 -25.53 18.41
CA LYS A 355 -4.90 -24.65 19.32
C LYS A 355 -4.11 -23.33 19.50
N LEU A 356 -2.78 -23.43 19.58
CA LEU A 356 -1.94 -22.23 19.69
C LEU A 356 -2.21 -21.41 18.44
N PHE A 357 -2.24 -22.08 17.30
CA PHE A 357 -2.45 -21.38 16.02
C PHE A 357 -3.78 -20.67 15.93
N GLU A 358 -4.82 -21.38 16.31
CA GLU A 358 -6.18 -20.82 16.31
C GLU A 358 -6.19 -19.62 17.26
N THR A 359 -5.64 -19.81 18.44
CA THR A 359 -5.66 -18.72 19.41
C THR A 359 -4.92 -17.48 18.90
N SER A 360 -3.82 -17.67 18.20
CA SER A 360 -3.08 -16.53 17.69
C SER A 360 -3.95 -15.66 16.76
N LEU A 361 -5.00 -16.25 16.21
CA LEU A 361 -5.88 -15.54 15.30
C LEU A 361 -7.18 -15.07 15.96
N LYS A 362 -7.23 -15.06 17.30
CA LYS A 362 -8.43 -14.62 18.03
C LYS A 362 -8.06 -13.77 19.19
N LEU A 363 -6.79 -13.40 19.24
CA LEU A 363 -6.29 -12.64 20.36
C LEU A 363 -6.76 -11.20 20.53
N PRO A 364 -6.90 -10.77 21.80
CA PRO A 364 -7.31 -9.38 22.11
C PRO A 364 -6.19 -8.47 21.57
N VAL A 365 -6.48 -7.18 21.51
CA VAL A 365 -5.50 -6.20 21.04
C VAL A 365 -5.40 -5.07 22.04
N TYR A 366 -4.18 -4.66 22.34
CA TYR A 366 -3.96 -3.60 23.28
C TYR A 366 -3.63 -2.37 22.42
N VAL A 367 -4.52 -1.38 22.50
CA VAL A 367 -4.37 -0.17 21.71
C VAL A 367 -3.55 0.85 22.48
N GLY A 368 -2.47 1.30 21.82
CA GLY A 368 -1.55 2.28 22.38
C GLY A 368 -2.00 3.72 22.32
N ALA A 369 -1.60 4.46 21.29
CA ALA A 369 -1.98 5.86 21.20
C ALA A 369 -2.34 6.32 19.79
N PRO A 370 -3.61 6.20 19.40
CA PRO A 370 -4.13 6.61 18.08
C PRO A 370 -4.10 8.13 17.94
N ALA A 371 -4.20 8.81 19.07
CA ALA A 371 -4.22 10.26 19.06
C ALA A 371 -3.91 10.80 20.44
N PRO A 372 -3.73 12.13 20.54
CA PRO A 372 -3.44 12.73 21.85
C PRO A 372 -4.61 12.40 22.77
N GLU A 373 -4.33 12.06 24.02
CA GLU A 373 -5.42 11.74 24.96
C GLU A 373 -6.31 10.53 24.67
N GLN A 374 -5.84 9.57 23.89
CA GLN A 374 -6.65 8.41 23.59
C GLN A 374 -5.81 7.16 23.60
N GLY A 375 -6.46 6.02 23.84
CA GLY A 375 -5.75 4.77 23.79
C GLY A 375 -5.57 4.09 25.12
N HIS A 376 -4.48 3.33 25.23
CA HIS A 376 -4.15 2.63 26.46
C HIS A 376 -5.37 1.86 26.92
N THR A 377 -5.91 1.04 26.01
CA THR A 377 -7.10 0.24 26.27
C THR A 377 -6.95 -1.12 25.63
N LEU A 378 -7.24 -2.16 26.40
CA LEU A 378 -7.17 -3.53 25.91
C LEU A 378 -8.57 -3.87 25.36
N LEU A 379 -8.66 -4.36 24.13
CA LEU A 379 -9.94 -4.75 23.56
C LEU A 379 -9.97 -6.27 23.55
N GLY A 380 -10.99 -6.84 24.18
CA GLY A 380 -11.14 -8.27 24.24
C GLY A 380 -10.61 -8.79 25.55
N ASP A 381 -11.08 -9.97 25.95
CA ASP A 381 -10.67 -10.56 27.20
C ASP A 381 -9.67 -11.69 26.96
N PRO A 382 -8.43 -11.55 27.43
CA PRO A 382 -7.44 -12.60 27.22
C PRO A 382 -7.80 -13.91 27.88
N SER A 383 -8.73 -13.90 28.83
CA SER A 383 -9.09 -15.18 29.47
C SER A 383 -9.79 -16.14 28.47
N ASN A 384 -10.45 -15.60 27.46
CA ASN A 384 -11.10 -16.44 26.43
C ASN A 384 -11.03 -15.68 25.11
N PRO A 385 -9.93 -15.84 24.40
CA PRO A 385 -9.73 -15.15 23.12
C PRO A 385 -10.88 -15.38 22.14
N ASP A 386 -11.51 -14.30 21.71
CA ASP A 386 -12.64 -14.46 20.79
C ASP A 386 -12.84 -13.26 19.86
N LEU A 387 -11.76 -12.56 19.54
CA LEU A 387 -11.88 -11.42 18.67
C LEU A 387 -11.91 -11.90 17.22
N GLU A 388 -12.47 -11.07 16.34
CA GLU A 388 -12.47 -11.39 14.91
C GLU A 388 -11.94 -10.13 14.23
N VAL A 389 -10.64 -9.83 14.42
CA VAL A 389 -10.07 -8.61 13.87
C VAL A 389 -9.71 -8.73 12.41
N GLY A 390 -9.81 -9.95 11.89
CA GLY A 390 -9.40 -10.18 10.53
C GLY A 390 -8.02 -10.81 10.70
N LEU A 391 -7.00 -10.31 9.99
CA LEU A 391 -5.65 -10.90 10.07
C LEU A 391 -4.75 -9.92 10.80
N SER A 392 -4.10 -10.36 11.89
CA SER A 392 -3.17 -9.50 12.63
C SER A 392 -1.85 -9.52 11.92
N SER A 393 -1.28 -8.35 11.64
CA SER A 393 0.01 -8.31 10.96
C SER A 393 1.14 -8.97 11.76
N GLY A 394 1.03 -9.03 13.09
CA GLY A 394 2.09 -9.63 13.84
C GLY A 394 1.88 -11.12 14.12
N GLN A 395 0.92 -11.75 13.46
CA GLN A 395 0.75 -13.17 13.73
C GLN A 395 1.91 -13.88 13.02
N GLY A 396 2.41 -14.96 13.60
CA GLY A 396 3.56 -15.63 12.97
C GLY A 396 3.50 -16.17 11.53
N ALA A 397 2.31 -16.19 10.93
CA ALA A 397 2.17 -16.73 9.58
C ALA A 397 1.25 -15.82 8.77
N THR A 398 1.22 -14.55 9.10
CA THR A 398 0.30 -13.66 8.41
C THR A 398 0.42 -13.73 6.89
N ASP A 399 1.63 -13.78 6.36
CA ASP A 399 1.79 -13.80 4.91
C ASP A 399 1.15 -15.04 4.33
N LEU A 400 1.35 -16.19 4.97
CA LEU A 400 0.76 -17.43 4.49
C LEU A 400 -0.79 -17.37 4.57
N MET A 401 -1.34 -16.78 5.64
CA MET A 401 -2.82 -16.74 5.75
C MET A 401 -3.41 -15.92 4.62
N GLY A 402 -2.78 -14.80 4.30
CA GLY A 402 -3.29 -13.96 3.21
C GLY A 402 -3.09 -14.65 1.86
N THR A 403 -1.98 -15.36 1.74
CA THR A 403 -1.69 -16.05 0.52
C THR A 403 -2.62 -17.23 0.28
N LEU A 404 -2.94 -17.95 1.33
CA LEU A 404 -3.85 -19.08 1.18
C LEU A 404 -5.25 -18.53 0.82
N LEU A 405 -5.73 -17.53 1.55
CA LEU A 405 -7.03 -16.96 1.24
C LEU A 405 -7.13 -16.48 -0.21
N MET A 406 -6.26 -15.55 -0.59
CA MET A 406 -6.32 -14.96 -1.92
C MET A 406 -6.03 -15.93 -3.06
N SER A 407 -5.04 -16.78 -2.91
CA SER A 407 -4.74 -17.66 -4.01
C SER A 407 -5.97 -18.50 -4.38
N ILE A 408 -6.70 -18.99 -3.37
CA ILE A 408 -7.88 -19.79 -3.66
C ILE A 408 -9.01 -18.85 -4.13
N THR A 409 -9.07 -17.66 -3.56
CA THR A 409 -10.09 -16.70 -3.99
C THR A 409 -9.97 -16.42 -5.47
N TYR A 410 -8.74 -16.23 -5.97
CA TYR A 410 -8.58 -15.91 -7.39
C TYR A 410 -8.90 -17.12 -8.27
N LEU A 411 -8.47 -18.31 -7.84
CA LEU A 411 -8.74 -19.55 -8.59
C LEU A 411 -10.27 -19.73 -8.72
N VAL A 412 -10.99 -19.58 -7.62
CA VAL A 412 -12.45 -19.68 -7.65
C VAL A 412 -12.99 -18.65 -8.63
N MET A 413 -12.44 -17.45 -8.60
CA MET A 413 -12.88 -16.42 -9.53
C MET A 413 -12.69 -16.93 -10.97
N GLN A 414 -11.53 -17.50 -11.29
CA GLN A 414 -11.28 -17.98 -12.62
C GLN A 414 -12.19 -19.14 -12.99
N LEU A 415 -12.48 -20.00 -12.02
CA LEU A 415 -13.38 -21.12 -12.26
C LEU A 415 -14.78 -20.59 -12.50
N ASP A 416 -15.29 -19.78 -11.58
CA ASP A 416 -16.64 -19.28 -11.73
C ASP A 416 -16.91 -18.53 -12.99
N HIS A 417 -16.01 -17.64 -13.38
CA HIS A 417 -16.27 -16.82 -14.54
C HIS A 417 -15.67 -17.20 -15.87
N THR A 418 -14.78 -18.21 -15.87
CA THR A 418 -14.10 -18.56 -17.12
C THR A 418 -13.82 -20.01 -17.36
N ALA A 419 -13.88 -20.86 -16.36
CA ALA A 419 -13.52 -22.25 -16.63
C ALA A 419 -14.41 -23.33 -16.01
N PRO A 420 -15.74 -23.26 -16.25
CA PRO A 420 -16.71 -24.22 -15.73
C PRO A 420 -16.29 -25.65 -16.07
N HIS A 421 -15.65 -25.79 -17.22
CA HIS A 421 -15.18 -27.10 -17.66
C HIS A 421 -14.16 -27.74 -16.76
N LEU A 422 -13.59 -26.98 -15.81
CA LEU A 422 -12.61 -27.59 -14.93
C LEU A 422 -13.29 -28.12 -13.65
N ASN A 423 -14.57 -27.79 -13.45
CA ASN A 423 -15.19 -28.23 -12.21
C ASN A 423 -15.26 -29.71 -12.01
N SER A 424 -15.54 -30.46 -13.08
CA SER A 424 -15.66 -31.91 -12.93
C SER A 424 -14.36 -32.53 -12.41
N ARG A 425 -13.28 -31.76 -12.47
CA ARG A 425 -12.00 -32.27 -11.96
C ARG A 425 -11.84 -32.06 -10.44
N ILE A 426 -12.76 -31.32 -9.83
CA ILE A 426 -12.67 -31.08 -8.39
C ILE A 426 -13.86 -31.74 -7.71
N LYS A 427 -13.75 -33.04 -7.46
CA LYS A 427 -14.87 -33.82 -6.92
C LYS A 427 -14.81 -34.24 -5.46
N ASP A 428 -13.58 -34.36 -4.96
CA ASP A 428 -13.32 -34.76 -3.58
C ASP A 428 -11.93 -34.24 -3.21
N MET A 429 -11.45 -34.62 -2.02
CA MET A 429 -10.14 -34.14 -1.58
C MET A 429 -8.98 -34.51 -2.51
N PRO A 430 -8.82 -35.82 -2.83
CA PRO A 430 -7.72 -36.23 -3.70
C PRO A 430 -7.69 -35.50 -5.03
N SER A 431 -8.85 -35.39 -5.67
CA SER A 431 -8.89 -34.71 -6.96
C SER A 431 -8.69 -33.22 -6.77
N ALA A 432 -9.17 -32.65 -5.67
CA ALA A 432 -8.98 -31.21 -5.43
C ALA A 432 -7.47 -30.97 -5.23
N CYS A 433 -6.85 -31.83 -4.41
CA CYS A 433 -5.41 -31.71 -4.20
C CYS A 433 -4.67 -31.80 -5.53
N ARG A 434 -5.00 -32.81 -6.36
CA ARG A 434 -4.35 -33.00 -7.66
C ARG A 434 -4.51 -31.80 -8.55
N PHE A 435 -5.73 -31.28 -8.65
CA PHE A 435 -5.95 -30.12 -9.49
C PHE A 435 -5.19 -28.88 -8.97
N LEU A 436 -5.29 -28.60 -7.67
CA LEU A 436 -4.60 -27.44 -7.10
C LEU A 436 -3.09 -27.59 -7.27
N ASP A 437 -2.57 -28.80 -7.02
CA ASP A 437 -1.11 -29.07 -7.18
C ASP A 437 -0.63 -28.73 -8.58
N SER A 438 -1.48 -28.99 -9.58
CA SER A 438 -1.17 -28.73 -10.96
C SER A 438 -1.31 -27.25 -11.32
N TYR A 439 -2.38 -26.65 -10.81
CA TYR A 439 -2.64 -25.24 -11.06
C TYR A 439 -1.53 -24.39 -10.43
N TRP A 440 -1.19 -24.68 -9.18
CA TRP A 440 -0.12 -23.91 -8.51
C TRP A 440 1.23 -24.05 -9.22
N GLN A 441 1.45 -25.14 -9.96
CA GLN A 441 2.71 -25.28 -10.69
C GLN A 441 2.66 -24.62 -12.06
N GLY A 442 1.55 -23.91 -12.33
CA GLY A 442 1.41 -23.24 -13.61
C GLY A 442 1.12 -24.17 -14.79
N HIS A 443 0.75 -25.41 -14.50
CA HIS A 443 0.46 -26.39 -15.53
C HIS A 443 -0.95 -26.41 -16.12
N GLU A 444 -1.80 -25.46 -15.77
CA GLU A 444 -3.16 -25.43 -16.29
C GLU A 444 -3.28 -24.22 -17.19
N GLU A 445 -4.40 -24.11 -17.91
CA GLU A 445 -4.65 -23.03 -18.85
C GLU A 445 -5.01 -21.76 -18.10
N ILE A 446 -5.41 -21.91 -16.85
CA ILE A 446 -5.63 -20.72 -16.03
C ILE A 446 -4.46 -20.70 -15.04
N ARG A 447 -3.90 -19.51 -14.80
CA ARG A 447 -2.73 -19.39 -13.92
C ARG A 447 -2.76 -18.13 -13.06
N GLN A 448 -1.80 -18.05 -12.13
CA GLN A 448 -1.70 -16.89 -11.28
C GLN A 448 -0.29 -16.78 -10.67
N ILE A 449 0.07 -15.56 -10.34
CA ILE A 449 1.29 -15.34 -9.61
C ILE A 449 0.74 -14.43 -8.53
N SER A 450 1.01 -14.79 -7.29
CA SER A 450 0.47 -13.98 -6.20
C SER A 450 1.30 -14.02 -4.94
N LYS A 451 1.00 -13.02 -4.12
CA LYS A 451 1.60 -12.90 -2.80
C LYS A 451 0.61 -12.08 -1.99
N SER A 452 0.11 -12.65 -0.89
CA SER A 452 -0.87 -11.96 -0.05
C SER A 452 -1.91 -11.33 -0.96
N ASP A 453 -2.07 -10.01 -0.85
CA ASP A 453 -3.07 -9.35 -1.65
C ASP A 453 -2.60 -8.78 -2.99
N ASP A 454 -1.48 -9.28 -3.51
CA ASP A 454 -1.07 -8.77 -4.82
C ASP A 454 -1.05 -9.97 -5.73
N ALA A 455 -1.56 -9.78 -6.94
CA ALA A 455 -1.59 -10.90 -7.87
C ALA A 455 -1.84 -10.51 -9.30
N MET A 456 -1.54 -11.46 -10.17
CA MET A 456 -1.85 -11.32 -11.57
C MET A 456 -2.36 -12.66 -12.02
N LEU A 457 -3.54 -12.61 -12.63
CA LEU A 457 -4.21 -13.79 -13.10
C LEU A 457 -4.02 -13.95 -14.61
N GLY A 458 -3.65 -15.16 -15.01
CA GLY A 458 -3.40 -15.42 -16.41
C GLY A 458 -4.24 -16.51 -17.05
N TRP A 459 -4.35 -16.40 -18.37
CA TRP A 459 -5.10 -17.36 -19.22
C TRP A 459 -4.24 -17.60 -20.44
N THR A 460 -4.00 -18.87 -20.75
CA THR A 460 -3.25 -19.18 -21.94
C THR A 460 -4.31 -19.34 -23.02
N LYS A 461 -3.97 -19.96 -24.14
CA LYS A 461 -4.97 -20.19 -25.19
C LYS A 461 -5.82 -21.34 -24.67
N GLY A 462 -7.10 -21.36 -25.04
CA GLY A 462 -7.95 -22.43 -24.59
C GLY A 462 -9.37 -21.99 -24.35
N ARG A 463 -10.15 -22.92 -23.80
CA ARG A 463 -11.55 -22.67 -23.55
C ARG A 463 -11.85 -21.55 -22.56
N ALA A 464 -10.98 -21.39 -21.57
CA ALA A 464 -11.20 -20.37 -20.56
C ALA A 464 -10.91 -18.95 -21.01
N LEU A 465 -10.08 -18.82 -22.05
CA LEU A 465 -9.66 -17.51 -22.51
C LEU A 465 -10.79 -16.52 -22.75
N VAL A 466 -11.83 -16.97 -23.45
CA VAL A 466 -12.92 -16.04 -23.75
C VAL A 466 -13.59 -15.59 -22.44
N GLY A 467 -13.73 -16.51 -21.51
CA GLY A 467 -14.29 -16.14 -20.21
C GLY A 467 -13.35 -15.15 -19.52
N GLY A 468 -12.05 -15.36 -19.66
CA GLY A 468 -11.09 -14.44 -19.06
C GLY A 468 -11.33 -13.01 -19.52
N HIS A 469 -11.61 -12.79 -20.81
CA HIS A 469 -11.87 -11.42 -21.27
C HIS A 469 -13.15 -10.89 -20.68
N ARG A 470 -14.15 -11.77 -20.51
CA ARG A 470 -15.42 -11.31 -19.94
C ARG A 470 -15.18 -10.85 -18.51
N LEU A 471 -14.42 -11.66 -17.77
CA LEU A 471 -14.12 -11.33 -16.37
C LEU A 471 -13.44 -9.99 -16.32
N PHE A 472 -12.44 -9.81 -17.18
CA PHE A 472 -11.71 -8.56 -17.24
C PHE A 472 -12.68 -7.43 -17.49
N GLU A 473 -13.59 -7.65 -18.43
CA GLU A 473 -14.56 -6.63 -18.80
C GLU A 473 -15.47 -6.32 -17.61
N MET A 474 -15.83 -7.37 -16.89
CA MET A 474 -16.68 -7.21 -15.73
C MET A 474 -15.95 -6.35 -14.70
N LEU A 475 -14.67 -6.64 -14.50
CA LEU A 475 -13.87 -5.87 -13.54
C LEU A 475 -13.82 -4.42 -14.01
N LYS A 476 -13.56 -4.20 -15.30
CA LYS A 476 -13.50 -2.82 -15.80
C LYS A 476 -14.82 -2.10 -15.51
N GLU A 477 -15.91 -2.82 -15.66
CA GLU A 477 -17.21 -2.27 -15.44
C GLU A 477 -17.28 -1.81 -13.99
N GLY A 478 -16.77 -2.64 -13.09
CA GLY A 478 -16.76 -2.29 -11.68
C GLY A 478 -18.11 -2.17 -11.01
N LYS A 479 -19.08 -2.93 -11.50
CA LYS A 479 -20.42 -2.86 -10.91
C LYS A 479 -20.70 -4.07 -10.04
N VAL A 480 -20.14 -5.22 -10.41
CA VAL A 480 -20.39 -6.46 -9.69
C VAL A 480 -19.12 -7.09 -9.17
N ASN A 481 -19.07 -7.38 -7.88
CA ASN A 481 -17.87 -7.99 -7.30
C ASN A 481 -17.75 -9.40 -7.83
N PRO A 482 -16.66 -9.72 -8.53
CA PRO A 482 -16.53 -11.08 -9.07
C PRO A 482 -16.32 -12.18 -8.05
N SER A 483 -16.22 -11.82 -6.78
CA SER A 483 -15.97 -12.86 -5.80
C SER A 483 -16.89 -12.82 -4.61
N PRO A 484 -17.26 -13.99 -4.07
CA PRO A 484 -18.13 -13.97 -2.90
C PRO A 484 -17.28 -13.79 -1.62
N TYR A 485 -15.95 -13.89 -1.73
CA TYR A 485 -15.10 -13.84 -0.53
C TYR A 485 -14.42 -12.54 -0.11
N MET A 486 -14.00 -11.73 -1.08
CA MET A 486 -13.32 -10.47 -0.76
C MET A 486 -13.74 -9.49 -1.85
N LYS A 487 -13.53 -8.20 -1.61
CA LYS A 487 -13.86 -7.15 -2.59
C LYS A 487 -12.73 -7.05 -3.59
N ILE A 488 -12.91 -7.66 -4.75
CA ILE A 488 -11.90 -7.68 -5.79
C ILE A 488 -12.19 -6.64 -6.88
N SER A 489 -11.15 -5.97 -7.39
CA SER A 489 -11.33 -5.00 -8.48
C SER A 489 -10.10 -5.10 -9.32
N TYR A 490 -9.93 -4.22 -10.31
CA TYR A 490 -8.73 -4.31 -11.10
C TYR A 490 -7.85 -3.17 -10.62
N GLU A 491 -6.53 -3.38 -10.64
CA GLU A 491 -5.57 -2.38 -10.21
C GLU A 491 -5.45 -1.26 -11.23
N HIS A 492 -5.57 -0.02 -10.78
CA HIS A 492 -5.46 1.09 -11.71
C HIS A 492 -3.98 1.30 -11.98
N GLY A 493 -3.46 0.62 -12.99
CA GLY A 493 -2.03 0.70 -13.28
C GLY A 493 -1.49 -0.60 -12.73
N GLY A 494 -1.71 -1.66 -13.49
CA GLY A 494 -1.27 -2.98 -13.08
C GLY A 494 0.19 -3.15 -12.72
N ALA A 495 0.43 -3.63 -11.50
CA ALA A 495 1.76 -3.86 -10.98
C ALA A 495 1.74 -5.14 -10.13
N PHE A 496 2.89 -5.74 -9.92
CA PHE A 496 2.97 -6.93 -9.13
C PHE A 496 4.26 -6.86 -8.33
N LEU A 497 4.11 -6.85 -7.01
CA LEU A 497 5.27 -6.79 -6.13
C LEU A 497 6.26 -5.69 -6.51
N GLY A 498 5.75 -4.49 -6.71
CA GLY A 498 6.62 -3.38 -7.02
C GLY A 498 6.96 -3.13 -8.47
N ASP A 499 6.82 -4.12 -9.34
CA ASP A 499 7.12 -3.86 -10.74
C ASP A 499 5.87 -3.59 -11.59
N ILE A 500 5.88 -2.50 -12.31
CA ILE A 500 4.79 -2.18 -13.19
C ILE A 500 4.86 -3.02 -14.47
N LEU A 501 3.73 -3.58 -14.91
CA LEU A 501 3.70 -4.35 -16.16
C LEU A 501 3.51 -3.33 -17.27
N LEU A 502 4.61 -3.00 -17.97
CA LEU A 502 4.57 -2.03 -19.07
C LEU A 502 4.16 -2.69 -20.41
N TYR A 503 3.00 -2.26 -20.90
CA TYR A 503 2.38 -2.75 -22.16
C TYR A 503 2.74 -1.83 -23.35
N ASP A 504 2.87 -2.39 -24.56
CA ASP A 504 3.14 -1.56 -25.73
C ASP A 504 1.81 -1.34 -26.43
N SER A 505 1.85 -0.86 -27.67
CA SER A 505 0.62 -0.59 -28.40
C SER A 505 -0.35 -1.78 -28.55
N ARG A 506 0.15 -3.01 -28.56
CA ARG A 506 -0.70 -4.18 -28.71
C ARG A 506 -1.51 -4.53 -27.46
N ARG A 507 -1.12 -3.95 -26.33
CA ARG A 507 -1.77 -4.22 -25.05
C ARG A 507 -1.92 -5.72 -24.83
N GLU A 508 -0.83 -6.46 -25.00
CA GLU A 508 -0.83 -7.91 -24.81
C GLU A 508 0.35 -8.33 -23.95
N PRO A 509 0.16 -9.33 -23.05
CA PRO A 509 1.20 -9.83 -22.15
C PRO A 509 2.50 -10.21 -22.87
N GLY A 510 2.37 -10.92 -23.99
CA GLY A 510 3.55 -11.36 -24.72
C GLY A 510 4.53 -10.25 -25.08
N SER A 511 4.05 -9.06 -25.36
CA SER A 511 4.95 -7.98 -25.71
C SER A 511 5.08 -6.96 -24.59
N ALA A 512 4.70 -7.35 -23.38
CA ALA A 512 4.78 -6.46 -22.23
C ALA A 512 6.03 -6.77 -21.40
N ILE A 513 6.50 -5.78 -20.66
CA ILE A 513 7.66 -6.00 -19.83
C ILE A 513 7.43 -5.42 -18.46
N PHE A 514 8.09 -6.01 -17.48
CA PHE A 514 7.97 -5.53 -16.11
C PHE A 514 9.07 -4.49 -15.89
N VAL A 515 8.72 -3.29 -15.42
CA VAL A 515 9.73 -2.28 -15.12
C VAL A 515 9.52 -1.82 -13.70
N GLY A 516 10.59 -1.32 -13.06
CA GLY A 516 10.48 -0.85 -11.70
C GLY A 516 9.52 0.31 -11.67
N ASN A 517 8.91 0.55 -10.52
CA ASN A 517 7.99 1.65 -10.38
C ASN A 517 8.81 2.84 -9.94
N ILE A 518 8.99 3.82 -10.84
CA ILE A 518 9.79 5.01 -10.53
C ILE A 518 9.24 5.79 -9.34
N ASN A 519 7.91 5.77 -9.17
CA ASN A 519 7.32 6.46 -8.03
C ASN A 519 7.77 5.83 -6.69
N SER A 520 8.07 4.53 -6.70
CA SER A 520 8.53 3.89 -5.46
C SER A 520 9.96 4.33 -5.13
N MET A 521 10.76 4.59 -6.17
CA MET A 521 12.13 5.07 -5.98
C MET A 521 12.05 6.39 -5.23
N LEU A 522 11.15 7.26 -5.67
CA LEU A 522 10.98 8.54 -5.04
C LEU A 522 10.43 8.39 -3.62
N ASN A 523 9.49 7.47 -3.44
CA ASN A 523 8.96 7.24 -2.09
C ASN A 523 10.11 6.80 -1.17
N ASN A 524 10.89 5.83 -1.62
CA ASN A 524 11.98 5.33 -0.77
C ASN A 524 13.08 6.37 -0.53
N GLN A 525 13.39 7.21 -1.51
CA GLN A 525 14.47 8.17 -1.32
C GLN A 525 14.12 9.42 -0.60
N PHE A 526 12.90 9.92 -0.81
CA PHE A 526 12.54 11.17 -0.20
C PHE A 526 11.45 11.10 0.83
N SER A 527 10.77 9.95 0.91
CA SER A 527 9.74 9.80 1.93
C SER A 527 9.88 8.48 2.71
N PRO A 528 11.04 8.25 3.31
CA PRO A 528 11.14 6.98 4.04
C PRO A 528 10.09 6.90 5.15
N GLU A 529 9.77 5.68 5.56
CA GLU A 529 8.81 5.47 6.62
C GLU A 529 9.41 5.63 8.02
N TYR A 530 10.73 5.71 8.09
CA TYR A 530 11.41 5.92 9.37
C TYR A 530 12.59 6.82 9.17
N GLY A 531 13.04 7.44 10.26
CA GLY A 531 14.23 8.27 10.25
C GLY A 531 15.38 7.28 10.26
N VAL A 532 16.60 7.80 10.25
CA VAL A 532 17.78 6.95 10.20
C VAL A 532 18.13 6.36 11.55
N GLN A 533 17.42 6.77 12.59
CA GLN A 533 17.67 6.32 13.99
C GLN A 533 19.16 6.33 14.31
N SER A 534 19.83 7.48 14.17
CA SER A 534 21.27 7.55 14.39
C SER A 534 21.66 7.29 15.85
N GLY A 535 20.68 7.34 16.73
CA GLY A 535 20.95 7.06 18.13
C GLY A 535 21.03 5.56 18.45
N VAL A 536 20.70 4.72 17.47
CA VAL A 536 20.78 3.28 17.67
C VAL A 536 22.15 2.82 17.14
N ARG A 537 23.09 2.56 18.05
CA ARG A 537 24.44 2.19 17.69
C ARG A 537 24.51 1.00 16.77
N ASP A 538 23.75 -0.04 17.09
CA ASP A 538 23.79 -1.23 16.28
C ASP A 538 22.91 -1.05 15.05
N ARG A 539 23.52 -0.81 13.90
CA ARG A 539 22.76 -0.56 12.68
C ARG A 539 21.88 -1.73 12.24
N SER A 540 22.31 -2.95 12.51
CA SER A 540 21.52 -4.10 12.13
C SER A 540 20.18 -4.04 12.85
N LYS A 541 20.09 -3.29 13.95
CA LYS A 541 18.79 -3.20 14.65
C LYS A 541 17.90 -2.03 14.16
N ARG A 542 18.40 -1.19 13.26
CA ARG A 542 17.61 -0.04 12.78
C ARG A 542 16.59 -0.42 11.71
N LYS A 543 15.58 0.40 11.51
CA LYS A 543 14.62 0.12 10.47
C LYS A 543 15.28 0.29 9.12
N ARG A 544 16.27 1.19 9.06
CA ARG A 544 17.01 1.48 7.82
C ARG A 544 18.50 1.40 8.17
N PRO A 545 19.04 0.18 8.24
CA PRO A 545 20.42 -0.09 8.56
C PRO A 545 21.51 0.70 7.82
N PHE A 546 21.42 0.67 6.50
CA PHE A 546 22.40 1.29 5.61
C PHE A 546 21.70 2.02 4.47
N PRO A 547 21.06 3.12 4.76
CA PRO A 547 20.35 3.92 3.75
C PRO A 547 21.18 4.20 2.47
N GLY A 548 22.46 4.49 2.62
CA GLY A 548 23.28 4.81 1.46
C GLY A 548 23.41 3.74 0.39
N LEU A 549 23.27 2.47 0.78
CA LEU A 549 23.45 1.37 -0.16
C LEU A 549 22.45 1.31 -1.28
N ALA A 550 21.26 1.86 -1.06
CA ALA A 550 20.23 1.86 -2.10
C ALA A 550 20.72 2.57 -3.38
N TRP A 551 21.62 3.52 -3.26
CA TRP A 551 22.14 4.22 -4.44
C TRP A 551 22.84 3.24 -5.39
N ALA A 552 23.56 2.28 -4.82
CA ALA A 552 24.28 1.32 -5.63
C ALA A 552 23.40 0.33 -6.40
N SER A 553 22.16 0.12 -5.94
CA SER A 553 21.24 -0.82 -6.59
C SER A 553 20.15 -0.10 -7.41
N MET A 554 20.04 1.22 -7.25
CA MET A 554 19.05 2.01 -7.96
C MET A 554 18.90 1.72 -9.48
N LYS A 555 20.01 1.72 -10.21
CA LYS A 555 19.97 1.49 -11.64
C LYS A 555 19.37 0.12 -11.90
N ASP A 556 19.81 -0.85 -11.14
CA ASP A 556 19.29 -2.18 -11.30
C ASP A 556 17.79 -2.28 -10.99
N THR A 557 17.36 -1.59 -9.95
CA THR A 557 15.97 -1.67 -9.56
C THR A 557 15.06 -0.81 -10.43
N TYR A 558 15.49 0.40 -10.79
CA TYR A 558 14.63 1.31 -11.59
C TYR A 558 15.11 1.67 -13.00
N GLY A 559 16.23 1.10 -13.39
CA GLY A 559 16.81 1.42 -14.68
C GLY A 559 15.91 1.27 -15.89
N ALA A 560 15.00 0.31 -15.85
CA ALA A 560 14.10 0.05 -16.96
C ALA A 560 12.90 0.98 -16.98
N CYS A 561 12.70 1.79 -15.96
CA CYS A 561 11.56 2.69 -16.05
C CYS A 561 11.84 3.68 -17.20
N PRO A 562 10.89 3.82 -18.14
CA PRO A 562 11.04 4.72 -19.29
C PRO A 562 11.61 6.11 -18.98
N ILE A 563 11.17 6.70 -17.87
CA ILE A 563 11.66 8.04 -17.53
C ILE A 563 12.74 8.07 -16.46
N TYR A 564 13.38 6.93 -16.23
CA TYR A 564 14.45 6.84 -15.24
C TYR A 564 15.42 8.02 -15.32
N SER A 565 16.10 8.18 -16.46
CA SER A 565 17.07 9.30 -16.65
C SER A 565 16.44 10.65 -16.35
N ASP A 566 15.25 10.85 -16.85
CA ASP A 566 14.56 12.11 -16.65
C ASP A 566 14.35 12.44 -15.19
N VAL A 567 13.90 11.44 -14.45
CA VAL A 567 13.66 11.68 -13.06
C VAL A 567 14.97 12.00 -12.34
N LEU A 568 16.04 11.26 -12.64
CA LEU A 568 17.30 11.53 -11.97
C LEU A 568 17.76 12.94 -12.28
N GLU A 569 17.57 13.39 -13.53
CA GLU A 569 17.99 14.74 -13.87
C GLU A 569 17.12 15.77 -13.20
N ALA A 570 15.81 15.54 -13.14
CA ALA A 570 14.96 16.53 -12.49
C ALA A 570 15.34 16.61 -11.01
N ILE A 571 15.61 15.47 -10.41
CA ILE A 571 16.01 15.49 -8.99
C ILE A 571 17.29 16.36 -8.85
N GLU A 572 18.28 16.06 -9.67
CA GLU A 572 19.56 16.79 -9.61
C GLU A 572 19.34 18.28 -9.70
N ARG A 573 18.56 18.68 -10.71
CA ARG A 573 18.23 20.07 -10.92
C ARG A 573 17.51 20.68 -9.71
N CYS A 574 16.45 20.04 -9.23
CA CYS A 574 15.72 20.61 -8.08
C CYS A 574 16.50 20.60 -6.78
N TRP A 575 17.38 19.62 -6.61
CA TRP A 575 18.17 19.57 -5.39
C TRP A 575 19.16 20.71 -5.43
N TRP A 576 19.62 21.04 -6.64
CA TRP A 576 20.53 22.15 -6.84
C TRP A 576 19.86 23.42 -6.42
N ASN A 577 18.64 23.64 -6.90
CA ASN A 577 17.88 24.85 -6.56
C ASN A 577 17.58 24.96 -5.09
N ALA A 578 17.38 23.83 -4.42
CA ALA A 578 17.04 23.91 -3.02
C ALA A 578 18.24 23.87 -2.09
N PHE A 579 19.23 23.05 -2.39
CA PHE A 579 20.37 22.96 -1.49
C PHE A 579 21.66 23.60 -1.99
N GLY A 580 21.74 23.86 -3.30
CA GLY A 580 22.97 24.42 -3.82
C GLY A 580 24.05 23.35 -3.85
N GLU A 581 23.67 22.08 -3.90
CA GLU A 581 24.67 21.02 -3.96
C GLU A 581 24.14 19.98 -4.93
N SER A 582 25.01 19.03 -5.28
CA SER A 582 24.69 17.95 -6.19
C SER A 582 24.08 16.79 -5.38
N TYR A 583 22.87 16.38 -5.76
CA TYR A 583 22.24 15.28 -5.07
C TYR A 583 23.10 14.06 -5.34
N ARG A 584 23.51 13.88 -6.59
CA ARG A 584 24.30 12.71 -6.94
C ARG A 584 25.57 12.62 -6.07
N ALA A 585 26.23 13.76 -5.88
CA ALA A 585 27.45 13.76 -5.08
C ALA A 585 27.08 13.41 -3.65
N TYR A 586 25.98 14.00 -3.20
CA TYR A 586 25.48 13.74 -1.86
C TYR A 586 25.27 12.23 -1.64
N ARG A 587 24.62 11.56 -2.59
CA ARG A 587 24.37 10.13 -2.48
C ARG A 587 25.64 9.29 -2.61
N GLU A 588 26.59 9.75 -3.41
CA GLU A 588 27.84 8.99 -3.54
C GLU A 588 28.58 9.00 -2.20
N ASP A 589 28.53 10.11 -1.50
CA ASP A 589 29.20 10.19 -0.20
C ASP A 589 28.52 9.22 0.78
N MET A 590 27.19 9.30 0.84
CA MET A 590 26.43 8.41 1.71
C MET A 590 26.73 6.96 1.37
N LEU A 591 26.80 6.67 0.07
CA LEU A 591 27.10 5.33 -0.41
C LEU A 591 28.46 4.88 0.12
N LYS A 592 29.48 5.72 -0.05
CA LYS A 592 30.80 5.34 0.44
C LYS A 592 30.80 5.11 1.94
N ARG A 593 30.19 6.01 2.71
CA ARG A 593 30.20 5.86 4.14
C ARG A 593 29.50 4.57 4.60
N ASP A 594 28.32 4.31 4.09
CA ASP A 594 27.62 3.09 4.50
C ASP A 594 28.30 1.84 4.01
N THR A 595 29.00 1.94 2.88
CA THR A 595 29.72 0.80 2.36
C THR A 595 30.83 0.45 3.35
N LEU A 596 31.47 1.46 3.92
CA LEU A 596 32.55 1.23 4.87
C LEU A 596 31.99 0.70 6.19
N GLU A 597 30.89 1.29 6.61
CA GLU A 597 30.28 0.89 7.86
C GLU A 597 29.81 -0.59 7.79
N LEU A 598 29.28 -0.98 6.63
CA LEU A 598 28.79 -2.34 6.41
C LEU A 598 29.83 -3.42 6.67
N SER A 599 31.09 -3.17 6.31
CA SER A 599 32.11 -4.20 6.52
C SER A 599 32.26 -4.46 8.02
N ARG A 600 31.86 -3.50 8.84
CA ARG A 600 31.97 -3.70 10.27
C ARG A 600 30.99 -4.83 10.70
N TYR A 601 29.92 -5.00 9.94
CA TYR A 601 28.93 -6.01 10.26
C TYR A 601 29.05 -7.33 9.51
N VAL A 602 29.81 -7.35 8.42
CA VAL A 602 29.93 -8.58 7.66
C VAL A 602 31.34 -9.13 7.82
N ALA A 603 31.41 -10.26 8.50
CA ALA A 603 32.68 -10.93 8.77
C ALA A 603 33.43 -11.27 7.48
N SER A 604 32.75 -11.99 6.60
CA SER A 604 33.34 -12.40 5.33
C SER A 604 33.78 -11.21 4.49
N MET A 605 33.11 -10.09 4.68
CA MET A 605 33.41 -8.90 3.92
C MET A 605 34.74 -8.35 4.35
N ALA A 606 35.68 -8.29 3.41
CA ALA A 606 37.01 -7.76 3.70
C ALA A 606 36.79 -6.43 4.44
N ARG A 607 37.70 -6.08 5.33
CA ARG A 607 37.57 -4.85 6.09
C ARG A 607 37.56 -3.60 5.20
N GLN A 608 37.07 -3.78 3.98
CA GLN A 608 36.95 -2.71 2.98
C GLN A 608 36.80 -3.20 1.55
N ALA A 609 36.42 -4.46 1.35
CA ALA A 609 36.20 -4.93 -0.01
C ALA A 609 34.93 -4.19 -0.39
N GLY A 610 34.77 -3.85 -1.66
CA GLY A 610 33.57 -3.11 -2.04
C GLY A 610 32.26 -3.81 -1.80
N LEU A 611 31.33 -3.59 -2.72
CA LEU A 611 30.01 -4.20 -2.68
C LEU A 611 29.99 -5.25 -3.78
N ALA A 612 31.17 -5.58 -4.29
CA ALA A 612 31.34 -6.55 -5.36
C ALA A 612 30.55 -7.85 -5.20
N GLU A 613 30.56 -8.45 -4.01
CA GLU A 613 29.83 -9.71 -3.84
C GLU A 613 28.33 -9.59 -3.58
N LEU A 614 27.86 -8.37 -3.31
CA LEU A 614 26.45 -8.14 -3.02
C LEU A 614 25.55 -7.92 -4.23
N THR A 615 24.38 -8.56 -4.21
CA THR A 615 23.42 -8.43 -5.29
C THR A 615 22.58 -7.19 -5.10
N PRO A 616 21.79 -6.81 -6.10
CA PRO A 616 20.96 -5.62 -5.97
C PRO A 616 19.94 -5.83 -4.85
N ILE A 617 19.43 -7.05 -4.74
CA ILE A 617 18.48 -7.41 -3.69
C ILE A 617 19.15 -7.19 -2.33
N ASP A 618 20.38 -7.68 -2.19
CA ASP A 618 21.12 -7.55 -0.94
C ASP A 618 21.11 -6.08 -0.53
N LEU A 619 21.46 -5.22 -1.48
CA LEU A 619 21.51 -3.80 -1.21
C LEU A 619 20.18 -3.18 -0.81
N GLU A 620 19.13 -3.45 -1.57
CA GLU A 620 17.81 -2.87 -1.28
C GLU A 620 17.34 -3.28 0.11
N VAL A 621 17.66 -4.53 0.49
CA VAL A 621 17.27 -5.08 1.79
C VAL A 621 18.06 -4.44 2.92
N LEU A 622 19.37 -4.24 2.73
CA LEU A 622 20.20 -3.62 3.76
C LEU A 622 19.75 -2.17 4.02
N ALA A 623 19.18 -1.54 3.00
CA ALA A 623 18.73 -0.17 3.13
C ALA A 623 17.31 -0.18 3.65
N ASP A 624 16.59 -1.25 3.39
CA ASP A 624 15.20 -1.31 3.83
C ASP A 624 14.73 -2.71 4.12
N PRO A 625 15.09 -3.23 5.29
CA PRO A 625 14.71 -4.60 5.71
C PRO A 625 13.23 -4.98 5.54
N ASN A 626 12.35 -3.99 5.59
CA ASN A 626 10.92 -4.21 5.42
C ASN A 626 10.64 -4.91 4.10
N LYS A 627 11.50 -4.76 3.12
CA LYS A 627 11.28 -5.41 1.85
C LYS A 627 11.37 -6.92 2.01
N LEU A 628 11.95 -7.36 3.12
CA LEU A 628 12.11 -8.79 3.40
C LEU A 628 10.77 -9.31 3.94
N GLN A 629 9.81 -8.39 4.09
CA GLN A 629 8.50 -8.72 4.61
C GLN A 629 7.46 -8.68 3.52
N TYR A 630 7.46 -7.62 2.72
CA TYR A 630 6.48 -7.46 1.66
C TYR A 630 6.96 -7.72 0.23
N LYS A 631 8.23 -8.07 0.03
CA LYS A 631 8.71 -8.24 -1.33
C LYS A 631 9.52 -9.50 -1.59
N TRP A 632 10.52 -9.75 -0.77
CA TRP A 632 11.40 -10.91 -0.94
C TRP A 632 11.43 -11.82 0.26
N THR A 633 12.20 -12.90 0.17
CA THR A 633 12.26 -13.84 1.28
C THR A 633 13.72 -14.21 1.54
N GLU A 634 13.98 -14.70 2.75
CA GLU A 634 15.32 -15.08 3.17
C GLU A 634 16.19 -15.68 2.08
N ALA A 635 15.63 -16.65 1.36
CA ALA A 635 16.39 -17.30 0.32
C ALA A 635 16.80 -16.41 -0.84
N ASP A 636 16.25 -15.20 -0.94
CA ASP A 636 16.62 -14.31 -2.05
C ASP A 636 17.85 -13.45 -1.72
N VAL A 637 18.25 -13.48 -0.46
CA VAL A 637 19.38 -12.70 0.02
C VAL A 637 20.62 -13.54 0.29
N SER A 638 21.79 -13.02 -0.08
CA SER A 638 23.05 -13.71 0.18
C SER A 638 23.12 -14.13 1.65
N ALA A 639 23.65 -15.32 1.90
CA ALA A 639 23.73 -15.84 3.25
C ALA A 639 24.51 -14.95 4.21
N ASN A 640 25.61 -14.38 3.77
CA ASN A 640 26.39 -13.55 4.68
C ASN A 640 25.63 -12.27 5.03
N ILE A 641 24.73 -11.87 4.16
CA ILE A 641 23.95 -10.66 4.40
C ILE A 641 22.77 -10.95 5.31
N HIS A 642 22.19 -12.12 5.14
CA HIS A 642 21.06 -12.55 5.94
C HIS A 642 21.45 -12.55 7.42
N GLU A 643 22.64 -13.04 7.71
CA GLU A 643 23.12 -13.08 9.08
C GLU A 643 23.21 -11.68 9.69
N VAL A 644 23.31 -10.66 8.86
CA VAL A 644 23.41 -9.30 9.39
C VAL A 644 22.08 -8.89 10.00
N LEU A 645 21.00 -9.39 9.42
CA LEU A 645 19.67 -9.03 9.84
C LEU A 645 18.91 -10.00 10.70
N MET A 646 19.36 -11.25 10.73
CA MET A 646 18.67 -12.28 11.48
C MET A 646 19.62 -13.16 12.25
N HIS A 647 19.11 -13.81 13.28
CA HIS A 647 19.88 -14.73 14.07
C HIS A 647 18.95 -15.93 14.23
N GLY A 648 19.50 -17.13 14.28
CA GLY A 648 18.65 -18.31 14.45
C GLY A 648 18.76 -19.11 15.74
N VAL A 649 17.75 -19.92 15.98
CA VAL A 649 17.70 -20.80 17.12
C VAL A 649 18.27 -22.11 16.57
N SER A 650 18.84 -22.95 17.42
CA SER A 650 19.43 -24.20 16.92
C SER A 650 18.47 -25.06 16.10
N VAL A 651 18.99 -25.65 15.03
CA VAL A 651 18.21 -26.53 14.17
C VAL A 651 17.74 -27.72 15.01
N GLU A 652 18.58 -28.16 15.93
CA GLU A 652 18.23 -29.31 16.74
C GLU A 652 17.02 -29.05 17.59
N LYS A 653 16.90 -27.83 18.10
CA LYS A 653 15.76 -27.55 18.92
C LYS A 653 14.47 -27.42 18.12
N THR A 654 14.56 -26.88 16.90
CA THR A 654 13.35 -26.71 16.11
C THR A 654 12.95 -28.06 15.55
N GLU A 655 13.94 -28.86 15.17
CA GLU A 655 13.73 -30.18 14.60
C GLU A 655 12.93 -31.02 15.56
N ARG A 656 13.33 -31.01 16.82
CA ARG A 656 12.66 -31.78 17.82
C ARG A 656 11.24 -31.23 17.97
N PHE A 657 11.11 -29.91 18.05
CA PHE A 657 9.79 -29.31 18.14
C PHE A 657 8.91 -29.69 16.94
N LEU A 658 9.41 -29.47 15.73
CA LEU A 658 8.65 -29.73 14.52
C LEU A 658 8.15 -31.16 14.39
N ARG A 659 8.98 -32.11 14.81
CA ARG A 659 8.66 -33.51 14.78
C ARG A 659 7.43 -33.74 15.64
N SER A 660 7.36 -33.08 16.79
CA SER A 660 6.21 -33.24 17.69
C SER A 660 4.94 -32.58 17.21
N VAL A 661 5.08 -31.68 16.24
CA VAL A 661 3.94 -30.95 15.69
C VAL A 661 3.32 -31.64 14.48
N MET A 662 4.16 -31.91 13.49
CA MET A 662 3.70 -32.52 12.25
C MET A 662 3.15 -33.92 12.36
N PRO A 663 2.25 -34.27 11.42
CA PRO A 663 1.57 -35.57 11.32
C PRO A 663 2.61 -36.67 11.30
N ARG A 664 3.35 -36.70 10.20
CA ARG A 664 4.41 -37.68 9.98
C ARG A 664 5.47 -36.90 9.17
N PRO B 1 38.36 58.14 12.50
CA PRO B 1 38.33 58.50 11.05
C PRO B 1 36.94 58.27 10.46
N ARG B 2 36.85 58.35 9.13
CA ARG B 2 35.60 58.14 8.37
C ARG B 2 35.26 56.63 8.35
N ARG B 3 33.99 56.30 8.09
CA ARG B 3 33.65 54.88 7.98
C ARG B 3 34.17 54.45 6.62
N ALA B 4 34.54 53.19 6.50
CA ALA B 4 35.01 52.66 5.22
C ALA B 4 33.79 52.50 4.29
N PRO B 5 33.93 52.85 3.01
CA PRO B 5 32.74 52.67 2.17
C PRO B 5 32.49 51.16 1.98
N ALA B 6 31.24 50.79 1.84
CA ALA B 6 30.85 49.40 1.64
C ALA B 6 29.94 49.31 0.40
N PHE B 7 30.12 48.26 -0.38
CA PHE B 7 29.33 48.03 -1.58
C PHE B 7 28.70 46.64 -1.62
N PRO B 8 27.38 46.58 -1.88
CA PRO B 8 26.72 45.27 -1.95
C PRO B 8 27.25 44.58 -3.24
N LEU B 9 27.15 43.24 -3.29
CA LEU B 9 27.60 42.46 -4.45
C LEU B 9 26.95 42.97 -5.75
N SER B 10 25.69 43.37 -5.72
CA SER B 10 25.08 43.90 -6.95
C SER B 10 25.75 45.19 -7.47
N ASP B 11 26.49 45.89 -6.62
CA ASP B 11 27.15 47.12 -7.09
C ASP B 11 28.25 46.79 -8.10
N ILE B 12 28.44 47.65 -9.10
CA ILE B 12 29.45 47.41 -10.12
C ILE B 12 30.86 47.23 -9.54
N LYS B 13 31.15 47.87 -8.40
CA LYS B 13 32.47 47.77 -7.81
C LYS B 13 32.76 46.36 -7.29
N ALA B 14 31.74 45.70 -6.77
CA ALA B 14 31.90 44.35 -6.30
C ALA B 14 31.82 43.43 -7.52
N GLN B 15 30.88 43.70 -8.44
CA GLN B 15 30.71 42.85 -9.64
C GLN B 15 32.03 42.71 -10.41
N MET B 16 32.81 43.77 -10.46
CA MET B 16 34.04 43.73 -11.20
C MET B 16 35.09 42.88 -10.52
N LEU B 17 34.82 42.42 -9.30
CA LEU B 17 35.82 41.56 -8.59
C LEU B 17 35.72 40.12 -9.12
N PHE B 18 34.61 39.84 -9.79
CA PHE B 18 34.40 38.50 -10.31
C PHE B 18 34.29 38.38 -11.80
N ALA B 19 35.24 37.66 -12.38
CA ALA B 19 35.24 37.45 -13.81
C ALA B 19 33.95 36.73 -14.32
N ASN B 20 33.74 36.84 -15.62
CA ASN B 20 32.59 36.23 -16.29
C ASN B 20 32.76 34.73 -16.52
N ASN B 21 32.89 33.96 -15.44
CA ASN B 21 32.93 32.51 -15.49
C ASN B 21 32.20 31.95 -14.26
N ILE B 22 31.68 30.74 -14.37
CA ILE B 22 30.91 30.11 -13.30
C ILE B 22 31.56 30.10 -11.93
N LYS B 23 32.81 29.67 -11.85
CA LYS B 23 33.51 29.60 -10.57
C LYS B 23 33.52 30.94 -9.84
N ALA B 24 33.89 31.98 -10.58
CA ALA B 24 33.98 33.32 -10.03
C ALA B 24 32.60 33.83 -9.61
N GLN B 25 31.60 33.61 -10.46
CA GLN B 25 30.26 34.05 -10.07
C GLN B 25 29.80 33.23 -8.87
N GLN B 26 30.03 31.92 -8.88
CA GLN B 26 29.61 31.14 -7.70
C GLN B 26 30.31 31.60 -6.43
N ALA B 27 31.60 31.94 -6.55
CA ALA B 27 32.35 32.35 -5.37
C ALA B 27 31.81 33.65 -4.81
N SER B 28 31.33 34.54 -5.68
CA SER B 28 30.78 35.80 -5.18
C SER B 28 29.50 35.62 -4.40
N LYS B 29 28.67 34.65 -4.83
CA LYS B 29 27.37 34.41 -4.22
C LYS B 29 27.26 33.32 -3.18
N ARG B 30 28.31 32.50 -3.02
CA ARG B 30 28.26 31.43 -2.05
C ARG B 30 27.68 31.85 -0.70
N SER B 31 26.63 31.18 -0.27
CA SER B 31 26.01 31.49 1.01
C SER B 31 26.64 30.66 2.14
N PHE B 32 26.22 30.97 3.35
CA PHE B 32 26.70 30.30 4.53
C PHE B 32 26.38 28.82 4.35
N LYS B 33 27.34 27.98 4.69
CA LYS B 33 27.16 26.53 4.60
C LYS B 33 27.74 25.89 5.88
N GLU B 34 27.16 24.76 6.29
CA GLU B 34 27.68 24.05 7.45
C GLU B 34 27.25 22.60 7.32
N GLY B 35 27.89 21.74 8.10
CA GLY B 35 27.58 20.33 8.04
C GLY B 35 28.74 19.56 8.66
N ALA B 36 28.44 18.39 9.19
CA ALA B 36 29.50 17.61 9.83
C ALA B 36 30.61 17.27 8.85
N ILE B 37 31.86 17.36 9.27
CA ILE B 37 32.94 16.99 8.35
C ILE B 37 33.12 15.47 8.37
N GLU B 38 33.74 14.95 7.31
CA GLU B 38 34.04 13.53 7.24
C GLU B 38 35.44 13.46 7.84
N THR B 39 35.47 13.30 9.15
CA THR B 39 36.71 13.26 9.92
C THR B 39 37.74 12.32 9.31
N TYR B 40 37.27 11.13 8.91
CA TYR B 40 38.07 10.10 8.25
C TYR B 40 37.08 9.42 7.32
N GLU B 41 37.55 8.67 6.34
CA GLU B 41 36.64 8.02 5.41
C GLU B 41 35.57 7.25 6.13
N GLY B 42 34.33 7.59 5.85
CA GLY B 42 33.23 6.86 6.46
C GLY B 42 32.86 7.31 7.86
N LEU B 43 33.54 8.31 8.42
CA LEU B 43 33.22 8.75 9.79
C LEU B 43 32.84 10.21 9.90
N LEU B 44 31.60 10.49 10.25
CA LEU B 44 31.20 11.88 10.43
C LEU B 44 31.57 12.39 11.83
N SER B 45 32.00 13.65 11.90
CA SER B 45 32.39 14.28 13.15
C SER B 45 31.29 14.23 14.21
N VAL B 46 30.01 14.07 13.83
CA VAL B 46 28.98 14.06 14.84
C VAL B 46 28.41 12.68 15.08
N ASP B 47 29.06 11.67 14.52
CA ASP B 47 28.64 10.28 14.70
C ASP B 47 28.47 10.05 16.22
N PRO B 48 27.32 9.51 16.66
CA PRO B 48 27.13 9.28 18.11
C PRO B 48 28.27 8.53 18.80
N ARG B 49 28.90 7.57 18.12
CA ARG B 49 30.00 6.85 18.77
C ARG B 49 31.21 7.77 18.88
N PHE B 50 31.43 8.59 17.86
CA PHE B 50 32.62 9.45 17.89
C PHE B 50 32.53 10.50 19.01
N LEU B 51 31.34 11.08 19.16
CA LEU B 51 31.10 12.08 20.20
C LEU B 51 31.15 11.40 21.57
N SER B 52 30.62 10.18 21.67
CA SER B 52 30.65 9.43 22.95
C SER B 52 32.12 9.17 23.30
N PHE B 53 32.90 8.82 22.29
CA PHE B 53 34.33 8.57 22.47
C PHE B 53 35.03 9.85 22.96
N LYS B 54 34.78 10.96 22.27
CA LYS B 54 35.39 12.21 22.70
C LYS B 54 34.97 12.60 24.10
N ASN B 55 33.73 12.31 24.48
CA ASN B 55 33.27 12.67 25.83
C ASN B 55 34.04 11.88 26.89
N GLU B 56 34.18 10.58 26.68
CA GLU B 56 34.89 9.72 27.62
C GLU B 56 36.36 10.12 27.68
N LEU B 57 37.00 10.16 26.52
CA LEU B 57 38.42 10.48 26.48
C LEU B 57 38.75 11.84 27.07
N SER B 58 38.02 12.88 26.67
CA SER B 58 38.33 14.20 27.20
C SER B 58 38.16 14.23 28.71
N ARG B 59 37.12 13.60 29.26
CA ARG B 59 36.95 13.62 30.69
C ARG B 59 38.07 12.81 31.35
N TYR B 60 38.32 11.63 30.84
CA TYR B 60 39.34 10.79 31.47
C TYR B 60 40.72 11.48 31.50
N LEU B 61 41.19 11.95 30.34
CA LEU B 61 42.49 12.59 30.28
C LEU B 61 42.59 13.82 31.19
N THR B 62 41.54 14.62 31.24
CA THR B 62 41.58 15.79 32.08
C THR B 62 41.65 15.36 33.56
N ASP B 63 40.92 14.30 33.89
CA ASP B 63 40.90 13.78 35.26
C ASP B 63 42.30 13.34 35.69
N HIS B 64 42.82 12.36 34.95
CA HIS B 64 44.09 11.74 35.23
C HIS B 64 45.31 12.53 34.90
N PHE B 65 45.21 13.51 34.01
CA PHE B 65 46.40 14.28 33.69
C PHE B 65 46.18 15.77 33.73
N PRO B 66 46.04 16.30 34.95
CA PRO B 66 45.83 17.72 35.17
C PRO B 66 47.06 18.48 34.68
N ALA B 67 46.85 19.72 34.32
CA ALA B 67 47.91 20.58 33.83
C ALA B 67 49.03 20.70 34.85
N ASN B 68 50.26 20.72 34.37
CA ASN B 68 51.43 20.88 35.24
C ASN B 68 52.14 22.13 34.74
N VAL B 69 51.61 23.29 35.10
CA VAL B 69 52.16 24.57 34.68
C VAL B 69 52.37 25.43 35.91
N ASP B 70 53.61 25.87 36.16
CA ASP B 70 53.84 26.69 37.35
C ASP B 70 53.38 28.15 37.19
N GLU B 71 53.56 28.93 38.28
CA GLU B 71 53.19 30.34 38.39
C GLU B 71 53.82 31.21 37.29
N TYR B 72 54.92 30.73 36.70
CA TYR B 72 55.62 31.46 35.64
C TYR B 72 55.31 30.90 34.27
N GLY B 73 54.24 30.12 34.19
CA GLY B 73 53.84 29.54 32.92
C GLY B 73 54.77 28.46 32.38
N ARG B 74 55.73 28.01 33.16
CA ARG B 74 56.62 26.98 32.64
C ARG B 74 55.95 25.63 32.86
N VAL B 75 56.00 24.74 31.88
CA VAL B 75 55.37 23.47 32.13
C VAL B 75 56.43 22.47 32.59
N TYR B 76 56.02 21.58 33.47
CA TYR B 76 56.89 20.56 34.01
C TYR B 76 56.09 19.26 34.10
N GLY B 77 56.63 18.27 34.79
CA GLY B 77 55.92 17.01 34.99
C GLY B 77 55.36 16.24 33.81
N ASN B 78 54.03 16.15 33.71
CA ASN B 78 53.41 15.37 32.64
C ASN B 78 53.39 16.07 31.30
N GLY B 79 53.85 17.31 31.25
CA GLY B 79 53.89 18.03 29.98
C GLY B 79 52.52 18.46 29.45
N VAL B 80 51.54 18.51 30.36
CA VAL B 80 50.17 18.89 30.04
C VAL B 80 49.97 20.31 30.53
N ARG B 81 49.44 21.18 29.68
CA ARG B 81 49.24 22.57 30.07
C ARG B 81 47.81 23.05 30.22
N THR B 82 46.84 22.23 29.81
CA THR B 82 45.46 22.63 30.00
C THR B 82 44.60 21.38 29.97
N ASN B 83 43.30 21.50 30.21
CA ASN B 83 42.41 20.33 30.16
C ASN B 83 42.32 19.78 28.72
N PHE B 84 41.62 18.66 28.53
CA PHE B 84 41.50 18.09 27.20
C PHE B 84 40.13 18.29 26.58
N PHE B 85 39.38 19.25 27.11
CA PHE B 85 38.02 19.50 26.64
C PHE B 85 37.93 20.20 25.29
N GLY B 86 39.08 20.67 24.80
CA GLY B 86 39.11 21.33 23.51
C GLY B 86 38.58 20.48 22.35
N MET B 87 38.59 19.16 22.51
CA MET B 87 38.10 18.28 21.44
C MET B 87 36.58 18.22 21.37
N ARG B 88 35.88 18.80 22.35
CA ARG B 88 34.42 18.71 22.40
C ARG B 88 33.65 19.69 21.51
N HIS B 89 33.93 19.68 20.21
CA HIS B 89 33.23 20.55 19.28
C HIS B 89 32.59 19.71 18.17
N MET B 90 31.49 20.21 17.63
CA MET B 90 30.78 19.56 16.54
C MET B 90 31.46 20.07 15.27
N ASN B 91 32.61 19.50 14.91
CA ASN B 91 33.41 19.93 13.76
C ASN B 91 32.64 20.06 12.45
N GLY B 92 32.69 21.26 11.87
CA GLY B 92 31.96 21.54 10.65
C GLY B 92 30.76 22.46 10.89
N PHE B 93 30.41 22.69 12.16
CA PHE B 93 29.28 23.56 12.51
C PHE B 93 29.89 24.73 13.23
N PRO B 94 29.89 25.92 12.60
CA PRO B 94 30.49 27.11 13.20
C PRO B 94 29.71 27.95 14.21
N MET B 95 30.44 28.66 15.04
CA MET B 95 29.83 29.59 15.98
C MET B 95 29.12 30.60 15.04
N ILE B 96 28.08 31.26 15.53
CA ILE B 96 27.33 32.23 14.71
C ILE B 96 27.21 33.51 15.51
N PRO B 97 27.54 34.66 14.92
CA PRO B 97 28.03 34.79 13.55
C PRO B 97 29.56 34.81 13.63
N ALA B 98 30.24 34.72 12.49
CA ALA B 98 31.68 34.83 12.47
C ALA B 98 31.89 36.37 12.43
N THR B 99 33.10 36.85 12.65
CA THR B 99 33.29 38.28 12.67
C THR B 99 33.33 38.94 11.31
N TRP B 100 33.00 40.22 11.26
CA TRP B 100 33.18 40.93 10.02
C TRP B 100 34.59 41.48 10.28
N PRO B 101 35.47 41.40 9.32
CA PRO B 101 36.82 41.93 9.52
C PRO B 101 36.83 43.47 9.63
N LEU B 102 37.54 44.02 10.64
CA LEU B 102 37.68 45.47 10.84
C LEU B 102 38.31 46.16 9.64
N ALA B 103 37.65 47.18 9.08
CA ALA B 103 38.23 47.88 7.92
C ALA B 103 39.45 48.73 8.32
N SER B 104 39.49 49.15 9.58
CA SER B 104 40.62 49.96 10.07
C SER B 104 40.92 49.57 11.50
N ASN B 105 42.18 49.33 11.81
CA ASN B 105 42.57 48.96 13.18
C ASN B 105 43.28 50.14 13.89
N LEU B 106 43.19 51.36 13.34
CA LEU B 106 43.89 52.50 13.97
C LEU B 106 43.38 52.76 15.33
N LYS B 107 42.06 52.79 15.46
CA LYS B 107 41.43 53.05 16.75
C LYS B 107 41.65 51.91 17.71
N LYS B 108 41.57 50.69 17.20
CA LYS B 108 41.80 49.48 18.03
C LYS B 108 43.23 49.56 18.64
N ARG B 109 44.21 49.99 17.86
CA ARG B 109 45.58 50.08 18.41
C ARG B 109 45.67 51.22 19.44
N ALA B 110 45.15 52.40 19.07
CA ALA B 110 45.18 53.54 19.99
C ALA B 110 44.50 53.22 21.32
N ASP B 111 43.29 52.65 21.26
CA ASP B 111 42.61 52.31 22.50
C ASP B 111 43.34 51.25 23.31
N ALA B 112 44.22 50.49 22.66
CA ALA B 112 44.95 49.47 23.39
C ALA B 112 46.28 50.05 23.85
N ASP B 113 46.46 51.36 23.64
CA ASP B 113 47.66 52.04 24.01
C ASP B 113 48.94 51.53 23.29
N LEU B 114 48.79 51.22 22.01
CA LEU B 114 49.91 50.79 21.21
C LEU B 114 50.26 51.99 20.36
N ALA B 115 51.54 52.14 20.07
CA ALA B 115 52.05 53.30 19.33
C ALA B 115 51.67 53.37 17.86
N ASP B 116 51.58 54.61 17.35
CA ASP B 116 51.24 54.83 15.96
C ASP B 116 52.48 55.01 15.09
N GLY B 117 53.64 54.56 15.59
CA GLY B 117 54.88 54.67 14.83
C GLY B 117 56.02 54.35 15.77
N PRO B 118 57.27 54.26 15.29
CA PRO B 118 58.46 53.95 16.11
C PRO B 118 58.45 54.98 17.24
N VAL B 119 58.59 54.53 18.47
CA VAL B 119 58.55 55.51 19.55
C VAL B 119 59.85 56.28 19.80
N SER B 120 60.99 55.71 19.41
CA SER B 120 62.29 56.38 19.57
C SER B 120 63.08 56.26 18.28
N GLU B 121 64.12 57.07 18.11
CA GLU B 121 64.91 56.98 16.89
C GLU B 121 65.58 55.61 16.82
N ARG B 122 66.00 55.10 17.98
CA ARG B 122 66.62 53.77 18.01
C ARG B 122 65.66 52.74 17.36
N ASP B 123 64.43 52.73 17.80
CA ASP B 123 63.46 51.77 17.28
C ASP B 123 63.29 51.98 15.78
N ASN B 124 63.24 53.23 15.36
CA ASN B 124 63.12 53.50 13.95
C ASN B 124 64.30 52.89 13.21
N LEU B 125 65.50 52.93 13.81
CA LEU B 125 66.66 52.36 13.11
C LEU B 125 66.58 50.84 13.05
N LEU B 126 66.10 50.24 14.14
CA LEU B 126 66.02 48.80 14.23
C LEU B 126 65.02 48.20 13.24
N PHE B 127 63.86 48.84 13.06
CA PHE B 127 62.88 48.32 12.11
C PHE B 127 63.46 48.45 10.72
N ARG B 128 64.06 49.62 10.42
CA ARG B 128 64.65 49.79 9.09
C ARG B 128 65.81 48.87 8.89
N ALA B 129 66.60 48.61 9.94
CA ALA B 129 67.72 47.69 9.80
C ALA B 129 67.19 46.29 9.46
N ALA B 130 66.06 45.90 10.06
CA ALA B 130 65.46 44.58 9.77
C ALA B 130 65.12 44.49 8.28
N VAL B 131 64.58 45.56 7.72
CA VAL B 131 64.31 45.58 6.29
C VAL B 131 65.60 45.44 5.43
N ARG B 132 66.66 46.14 5.79
CA ARG B 132 67.89 46.07 5.00
C ARG B 132 68.54 44.68 5.10
N LEU B 133 68.51 44.08 6.27
CA LEU B 133 69.15 42.79 6.41
C LEU B 133 68.31 41.70 5.72
N MET B 134 66.99 41.84 5.75
CA MET B 134 66.08 40.84 5.16
C MET B 134 65.92 40.91 3.67
N PHE B 135 65.89 42.12 3.13
CA PHE B 135 65.71 42.26 1.70
C PHE B 135 66.96 42.54 0.88
N SER B 136 68.14 42.31 1.44
CA SER B 136 69.34 42.69 0.69
C SER B 136 70.09 41.74 -0.24
N ASP B 137 70.47 40.54 0.15
CA ASP B 137 71.25 39.85 -0.89
C ASP B 137 70.57 38.59 -1.35
N LEU B 138 69.40 38.82 -1.94
CA LEU B 138 68.49 37.81 -2.41
C LEU B 138 68.91 37.06 -3.66
N GLU B 139 68.64 35.75 -3.66
CA GLU B 139 68.95 34.88 -4.78
C GLU B 139 67.63 34.46 -5.35
N PRO B 140 67.48 34.53 -6.68
CA PRO B 140 66.25 34.15 -7.37
C PRO B 140 66.03 32.65 -7.22
N VAL B 141 64.77 32.26 -7.13
CA VAL B 141 64.38 30.86 -7.04
C VAL B 141 63.06 30.69 -7.78
N PRO B 142 62.68 29.45 -8.09
CA PRO B 142 61.40 29.40 -8.82
C PRO B 142 60.23 29.82 -7.92
N LEU B 143 59.24 30.47 -8.52
CA LEU B 143 58.06 30.88 -7.79
C LEU B 143 57.20 29.63 -7.67
N LYS B 144 57.07 29.06 -6.48
CA LYS B 144 56.27 27.84 -6.28
C LYS B 144 54.80 28.15 -5.97
N ILE B 145 53.91 27.32 -6.49
CA ILE B 145 52.49 27.48 -6.33
C ILE B 145 51.85 26.22 -5.73
N ARG B 146 51.01 26.39 -4.71
CA ARG B 146 50.34 25.27 -4.07
C ARG B 146 49.34 24.65 -5.05
N LYS B 147 49.40 23.34 -5.24
CA LYS B 147 48.48 22.70 -6.17
C LYS B 147 47.04 22.78 -5.67
N GLY B 148 46.13 23.11 -6.56
CA GLY B 148 44.75 23.18 -6.17
C GLY B 148 44.30 24.47 -5.48
N SER B 149 45.22 25.34 -5.08
CA SER B 149 44.86 26.60 -4.43
C SER B 149 44.17 27.46 -5.50
N SER B 150 43.28 28.37 -5.08
CA SER B 150 42.57 29.25 -6.01
C SER B 150 43.28 30.56 -6.35
N THR B 151 43.02 31.11 -7.53
CA THR B 151 43.66 32.39 -7.86
C THR B 151 42.78 33.53 -7.31
N CYS B 152 41.70 33.18 -6.66
CA CYS B 152 40.76 34.16 -6.12
C CYS B 152 40.45 35.26 -7.12
N ILE B 153 40.27 36.49 -6.66
CA ILE B 153 39.87 37.56 -7.55
C ILE B 153 40.83 37.79 -8.70
N PRO B 154 40.30 37.86 -9.93
CA PRO B 154 38.88 37.75 -10.29
C PRO B 154 38.42 36.43 -10.95
N TYR B 155 39.38 35.59 -11.33
CA TYR B 155 39.11 34.34 -12.02
C TYR B 155 38.74 33.12 -11.22
N PHE B 156 39.24 33.04 -9.98
CA PHE B 156 38.96 31.91 -9.13
C PHE B 156 39.27 30.59 -9.89
N SER B 157 40.48 30.45 -10.41
CA SER B 157 40.85 29.22 -11.08
C SER B 157 41.69 28.34 -10.14
N ASN B 158 41.57 27.02 -10.26
CA ASN B 158 42.34 26.07 -9.43
C ASN B 158 43.17 25.19 -10.34
N ASP B 159 43.16 25.56 -11.61
CA ASP B 159 43.89 24.83 -12.63
C ASP B 159 45.37 25.25 -12.70
N MET B 160 46.29 24.30 -12.49
CA MET B 160 47.70 24.66 -12.49
C MET B 160 48.17 25.34 -13.75
N GLY B 161 47.70 24.85 -14.88
CA GLY B 161 48.12 25.45 -16.13
C GLY B 161 47.69 26.91 -16.19
N THR B 162 46.50 27.20 -15.68
CA THR B 162 46.01 28.57 -15.73
C THR B 162 46.73 29.42 -14.67
N LYS B 163 47.02 28.83 -13.51
CA LYS B 163 47.73 29.53 -12.45
C LYS B 163 49.14 29.86 -12.90
N ILE B 164 49.81 28.93 -13.57
CA ILE B 164 51.17 29.18 -14.06
C ILE B 164 51.13 30.35 -15.07
N GLU B 165 50.16 30.35 -15.96
CA GLU B 165 50.05 31.44 -16.94
C GLU B 165 49.75 32.80 -16.29
N ILE B 166 48.87 32.80 -15.29
CA ILE B 166 48.51 34.03 -14.59
C ILE B 166 49.79 34.55 -13.91
N ALA B 167 50.48 33.66 -13.21
CA ALA B 167 51.70 34.04 -12.51
C ALA B 167 52.75 34.59 -13.47
N GLU B 168 53.04 33.85 -14.55
CA GLU B 168 54.03 34.31 -15.52
C GLU B 168 53.63 35.64 -16.16
N ARG B 169 52.38 35.77 -16.55
CA ARG B 169 51.93 37.06 -17.11
C ARG B 169 52.13 38.18 -16.02
N ALA B 170 51.87 37.84 -14.77
CA ALA B 170 51.99 38.81 -13.69
C ALA B 170 53.44 39.29 -13.53
N LEU B 171 54.41 38.38 -13.61
CA LEU B 171 55.79 38.78 -13.43
C LEU B 171 56.18 39.67 -14.60
N GLU B 172 55.51 39.47 -15.73
CA GLU B 172 55.80 40.25 -16.91
C GLU B 172 55.17 41.63 -16.89
N LYS B 173 53.99 41.77 -16.32
CA LYS B 173 53.32 43.05 -16.34
C LYS B 173 53.31 43.80 -15.02
N ALA B 174 53.95 43.24 -13.99
CA ALA B 174 53.97 43.89 -12.66
C ALA B 174 54.50 45.34 -12.73
N GLU B 175 55.56 45.54 -13.49
CA GLU B 175 56.16 46.86 -13.60
C GLU B 175 55.20 47.90 -14.14
N GLU B 176 54.46 47.53 -15.18
CA GLU B 176 53.50 48.41 -15.80
C GLU B 176 52.36 48.64 -14.83
N ALA B 177 52.08 47.59 -14.05
CA ALA B 177 50.98 47.67 -13.10
C ALA B 177 51.39 48.61 -11.99
N GLY B 178 52.56 48.36 -11.42
CA GLY B 178 53.01 49.25 -10.34
C GLY B 178 53.09 50.70 -10.79
N ASN B 179 53.59 50.94 -11.99
CA ASN B 179 53.68 52.31 -12.48
C ASN B 179 52.26 52.90 -12.62
N LEU B 180 51.30 52.09 -13.02
CA LEU B 180 49.97 52.63 -13.10
C LEU B 180 49.46 53.07 -11.71
N MET B 181 49.82 52.27 -10.71
CA MET B 181 49.41 52.52 -9.35
C MET B 181 50.11 53.74 -8.82
N LEU B 182 51.39 53.86 -9.14
CA LEU B 182 52.13 55.06 -8.72
C LEU B 182 51.42 56.31 -9.27
N GLN B 183 50.71 56.17 -10.39
CA GLN B 183 50.02 57.35 -10.96
C GLN B 183 48.63 57.48 -10.39
N GLY B 184 48.29 56.64 -9.42
CA GLY B 184 46.97 56.73 -8.86
C GLY B 184 45.93 56.02 -9.72
N LYS B 185 46.37 55.33 -10.77
CA LYS B 185 45.42 54.62 -11.64
C LYS B 185 45.22 53.15 -11.21
N PHE B 186 44.62 52.94 -10.04
CA PHE B 186 44.40 51.59 -9.56
C PHE B 186 43.39 50.77 -10.39
N ASP B 187 42.36 51.44 -10.90
CA ASP B 187 41.35 50.75 -11.68
C ASP B 187 41.99 50.25 -12.95
N ASP B 188 42.90 51.03 -13.52
CA ASP B 188 43.55 50.55 -14.74
C ASP B 188 44.46 49.37 -14.46
N ALA B 189 45.18 49.43 -13.36
CA ALA B 189 46.09 48.34 -13.06
C ALA B 189 45.28 47.05 -12.85
N TYR B 190 44.13 47.16 -12.19
CA TYR B 190 43.30 45.98 -11.95
C TYR B 190 42.66 45.41 -13.22
N GLN B 191 42.05 46.29 -14.00
CA GLN B 191 41.41 45.92 -15.24
C GLN B 191 42.35 45.30 -16.27
N LEU B 192 43.49 45.92 -16.46
CA LEU B 192 44.47 45.44 -17.41
C LEU B 192 45.26 44.25 -16.91
N HIS B 193 45.63 44.26 -15.63
CA HIS B 193 46.46 43.20 -15.09
C HIS B 193 45.96 42.42 -13.90
N GLN B 194 44.71 42.67 -13.48
CA GLN B 194 44.13 41.99 -12.33
C GLN B 194 44.97 42.17 -11.05
N MET B 195 45.65 43.32 -10.95
CA MET B 195 46.47 43.64 -9.78
C MET B 195 45.71 44.72 -9.00
N GLY B 196 44.99 44.24 -8.01
CA GLY B 196 44.19 45.12 -7.21
C GLY B 196 42.91 44.39 -6.90
N GLY B 197 41.84 45.15 -6.69
CA GLY B 197 40.58 44.53 -6.40
C GLY B 197 40.34 44.37 -4.92
N ALA B 198 40.47 43.14 -4.43
CA ALA B 198 40.21 42.88 -3.02
C ALA B 198 40.67 41.50 -2.63
N TYR B 199 40.68 41.27 -1.33
CA TYR B 199 41.00 39.95 -0.78
C TYR B 199 39.63 39.30 -0.74
N TYR B 200 39.58 37.98 -0.90
CA TYR B 200 38.32 37.26 -0.85
C TYR B 200 38.31 36.66 0.53
N VAL B 201 37.36 37.08 1.36
CA VAL B 201 37.30 36.64 2.76
C VAL B 201 36.51 35.38 2.99
N VAL B 202 37.17 34.35 3.48
CA VAL B 202 36.55 33.08 3.80
C VAL B 202 36.73 32.87 5.28
N TYR B 203 35.95 31.97 5.85
CA TYR B 203 36.04 31.68 7.26
C TYR B 203 36.53 30.26 7.42
N ARG B 204 37.56 30.08 8.22
CA ARG B 204 38.10 28.74 8.48
C ARG B 204 37.87 28.37 9.92
N ALA B 205 37.85 27.08 10.19
CA ALA B 205 37.62 26.63 11.55
C ALA B 205 38.88 26.46 12.35
N GLN B 206 38.82 26.83 13.63
CA GLN B 206 39.89 26.54 14.57
C GLN B 206 39.04 25.46 15.29
N SER B 207 39.34 24.21 14.96
CA SER B 207 38.56 23.05 15.42
C SER B 207 38.50 22.79 16.87
N THR B 208 39.47 23.30 17.61
CA THR B 208 39.48 23.13 19.03
C THR B 208 39.68 24.53 19.57
N ASP B 209 39.03 24.82 20.69
CA ASP B 209 39.14 26.12 21.33
C ASP B 209 38.89 25.71 22.78
N ALA B 210 39.19 26.59 23.73
CA ALA B 210 39.06 26.28 25.14
C ALA B 210 37.65 26.06 25.65
N ILE B 211 37.53 25.06 26.52
CA ILE B 211 36.27 24.72 27.15
C ILE B 211 36.66 24.35 28.56
N THR B 212 35.90 24.82 29.54
CA THR B 212 36.17 24.46 30.92
C THR B 212 34.94 23.80 31.54
N LEU B 213 35.15 23.04 32.60
CA LEU B 213 34.06 22.38 33.27
C LEU B 213 33.89 23.11 34.58
N ASP B 214 32.75 23.75 34.76
CA ASP B 214 32.47 24.48 36.00
C ASP B 214 32.17 23.48 37.13
N PRO B 215 33.07 23.36 38.11
CA PRO B 215 32.94 22.47 39.27
C PRO B 215 31.61 22.59 40.00
N LYS B 216 31.18 23.82 40.20
CA LYS B 216 29.94 24.14 40.87
C LYS B 216 28.71 23.57 40.20
N THR B 217 28.55 23.84 38.91
CA THR B 217 27.39 23.38 38.18
C THR B 217 27.46 22.03 37.48
N GLY B 218 28.68 21.53 37.24
CA GLY B 218 28.81 20.28 36.54
C GLY B 218 28.63 20.52 35.05
N LYS B 219 28.52 21.79 34.64
CA LYS B 219 28.34 22.14 33.24
C LYS B 219 29.56 22.73 32.54
N PHE B 220 29.75 22.35 31.29
CA PHE B 220 30.86 22.87 30.49
C PHE B 220 30.56 24.30 29.98
N VAL B 221 31.62 25.09 29.90
CA VAL B 221 31.55 26.46 29.44
C VAL B 221 32.57 26.68 28.33
N SER B 222 32.11 27.10 27.16
CA SER B 222 32.99 27.34 26.03
C SER B 222 33.58 28.75 26.09
N LYS B 223 34.84 28.91 25.69
CA LYS B 223 35.41 30.27 25.74
C LYS B 223 34.68 31.25 24.81
N ASP B 224 34.31 32.42 25.34
CA ASP B 224 33.60 33.40 24.51
C ASP B 224 34.55 33.97 23.48
N ARG B 225 34.08 34.10 22.24
CA ARG B 225 34.91 34.63 21.17
C ARG B 225 34.15 35.86 20.62
N MET B 226 34.77 37.01 20.79
CA MET B 226 34.14 38.26 20.41
C MET B 226 34.20 38.47 18.93
N VAL B 227 33.09 38.97 18.38
CA VAL B 227 33.00 39.23 16.95
C VAL B 227 32.41 40.60 16.71
N ALA B 228 32.79 41.21 15.60
CA ALA B 228 32.30 42.54 15.25
C ALA B 228 31.22 42.44 14.18
N ASP B 229 30.12 43.18 14.34
CA ASP B 229 29.07 43.11 13.33
C ASP B 229 29.53 44.06 12.26
N PHE B 230 28.74 44.21 11.22
CA PHE B 230 29.10 45.07 10.11
C PHE B 230 29.38 46.54 10.47
N GLU B 231 28.59 47.14 11.33
CA GLU B 231 28.79 48.55 11.69
C GLU B 231 30.12 48.72 12.36
N TYR B 232 30.39 47.85 13.33
CA TYR B 232 31.63 47.90 14.06
C TYR B 232 32.80 47.77 13.08
N ALA B 233 32.74 46.77 12.20
CA ALA B 233 33.83 46.57 11.24
C ALA B 233 34.08 47.75 10.33
N VAL B 234 33.03 48.33 9.77
CA VAL B 234 33.29 49.46 8.88
C VAL B 234 33.66 50.75 9.57
N THR B 235 33.42 50.85 10.87
CA THR B 235 33.73 52.07 11.58
C THR B 235 34.94 51.91 12.52
N GLY B 236 35.77 50.91 12.27
CA GLY B 236 36.93 50.73 13.12
C GLY B 236 36.53 50.60 14.57
N GLY B 237 35.26 50.25 14.79
CA GLY B 237 34.76 50.09 16.13
C GLY B 237 34.18 51.35 16.77
N GLU B 238 34.03 52.43 16.03
CA GLU B 238 33.45 53.62 16.66
C GLU B 238 31.94 53.43 16.89
N GLN B 239 31.31 52.62 16.05
CA GLN B 239 29.91 52.30 16.22
C GLN B 239 29.67 50.79 16.15
N GLY B 240 28.42 50.38 16.18
CA GLY B 240 28.09 48.96 16.11
C GLY B 240 28.54 48.24 17.35
N SER B 241 28.62 46.91 17.30
CA SER B 241 29.06 46.22 18.51
C SER B 241 29.99 45.04 18.37
N LEU B 242 30.67 44.79 19.48
CA LEU B 242 31.60 43.71 19.61
C LEU B 242 30.88 42.81 20.58
N PHE B 243 30.55 41.59 20.17
CA PHE B 243 29.84 40.70 21.08
C PHE B 243 30.28 39.26 20.96
N ALA B 244 29.91 38.46 21.95
CA ALA B 244 30.26 37.06 21.97
C ALA B 244 29.49 36.30 20.89
N ALA B 245 30.19 35.55 20.04
CA ALA B 245 29.51 34.78 19.01
C ALA B 245 28.83 33.62 19.75
N SER B 246 27.80 33.03 19.19
CA SER B 246 27.16 31.91 19.88
C SER B 246 27.75 30.55 19.47
N LYS B 247 28.34 29.85 20.44
CA LYS B 247 28.88 28.52 20.18
C LYS B 247 27.87 27.41 20.60
N ASP B 248 26.69 27.81 21.08
CA ASP B 248 25.68 26.84 21.51
C ASP B 248 25.31 25.88 20.37
N ALA B 249 25.45 24.58 20.59
CA ALA B 249 25.13 23.62 19.54
C ALA B 249 23.70 23.02 19.58
N SER B 250 22.89 23.51 20.52
CA SER B 250 21.51 23.05 20.70
C SER B 250 20.74 23.12 19.42
N ARG B 251 20.98 24.20 18.66
CA ARG B 251 20.33 24.40 17.38
C ARG B 251 20.50 23.25 16.38
N LEU B 252 21.60 22.50 16.47
CA LEU B 252 21.82 21.41 15.52
C LEU B 252 20.73 20.35 15.64
N LYS B 253 20.17 20.21 16.85
CA LYS B 253 19.09 19.24 17.07
C LYS B 253 17.83 19.66 16.32
N GLU B 254 17.31 20.85 16.57
CA GLU B 254 16.10 21.22 15.82
C GLU B 254 16.30 21.58 14.41
N GLN B 255 17.51 21.98 14.01
CA GLN B 255 17.68 22.28 12.59
C GLN B 255 17.92 21.03 11.79
N TYR B 256 18.78 20.14 12.32
CA TYR B 256 19.22 19.00 11.54
C TYR B 256 18.90 17.65 12.13
N GLY B 257 18.30 17.68 13.31
CA GLY B 257 17.97 16.44 13.98
C GLY B 257 19.24 15.80 14.53
N ILE B 258 20.29 16.58 14.66
CA ILE B 258 21.53 16.00 15.15
C ILE B 258 21.55 16.00 16.66
N ASP B 259 21.90 14.84 17.19
CA ASP B 259 21.98 14.67 18.61
C ASP B 259 23.22 15.40 19.15
N VAL B 260 23.01 16.29 20.10
CA VAL B 260 24.11 17.06 20.65
C VAL B 260 24.39 16.67 22.10
N PRO B 261 25.41 15.85 22.35
CA PRO B 261 25.68 15.50 23.74
C PRO B 261 25.96 16.73 24.59
N ASP B 262 25.76 16.60 25.89
CA ASP B 262 26.01 17.67 26.82
C ASP B 262 27.48 18.14 26.79
N GLY B 263 27.70 19.45 26.80
CA GLY B 263 29.07 19.93 26.76
C GLY B 263 29.79 19.86 25.40
N PHE B 264 29.04 19.88 24.30
CA PHE B 264 29.70 19.91 22.99
C PHE B 264 29.24 21.19 22.33
N PHE B 265 30.17 21.88 21.66
CA PHE B 265 29.85 23.18 21.06
C PHE B 265 30.20 23.38 19.59
N CYS B 266 29.70 24.46 19.00
CA CYS B 266 30.02 24.79 17.63
C CYS B 266 31.46 25.30 17.64
N GLU B 267 32.13 25.21 16.50
CA GLU B 267 33.53 25.64 16.39
C GLU B 267 33.79 27.12 16.23
N ARG B 268 34.93 27.54 16.75
CA ARG B 268 35.33 28.91 16.62
C ARG B 268 35.66 29.04 15.16
N ARG B 269 35.27 30.15 14.55
CA ARG B 269 35.61 30.38 13.16
C ARG B 269 36.51 31.61 13.05
N ARG B 270 37.48 31.55 12.13
CA ARG B 270 38.44 32.63 11.94
C ARG B 270 38.44 33.12 10.50
N THR B 271 38.77 34.40 10.31
CA THR B 271 38.77 34.89 8.95
C THR B 271 40.03 34.46 8.25
N ALA B 272 39.93 34.25 6.95
CA ALA B 272 41.08 33.87 6.15
C ALA B 272 40.91 34.73 4.91
N MET B 273 42.01 35.12 4.27
CA MET B 273 41.90 35.98 3.10
C MET B 273 42.65 35.40 1.94
N GLY B 274 41.98 35.31 0.80
CA GLY B 274 42.62 34.80 -0.42
C GLY B 274 43.02 36.04 -1.21
N GLY B 275 44.30 36.18 -1.57
CA GLY B 275 44.71 37.37 -2.30
C GLY B 275 44.52 37.28 -3.78
N PRO B 276 44.34 38.41 -4.47
CA PRO B 276 44.16 38.35 -5.93
C PRO B 276 45.51 37.84 -6.45
N PHE B 277 45.55 36.64 -7.03
CA PHE B 277 46.82 36.06 -7.44
C PHE B 277 47.72 36.88 -8.35
N ALA B 278 47.20 37.61 -9.31
CA ALA B 278 48.10 38.38 -10.16
C ALA B 278 48.91 39.37 -9.31
N LEU B 279 48.37 39.83 -8.18
CA LEU B 279 49.07 40.80 -7.33
C LEU B 279 50.06 40.08 -6.40
N ASN B 280 49.64 38.93 -5.89
CA ASN B 280 50.49 38.16 -4.98
C ASN B 280 51.73 37.55 -5.62
N ALA B 281 51.62 37.13 -6.88
CA ALA B 281 52.73 36.50 -7.58
C ALA B 281 54.03 37.29 -7.52
N PRO B 282 54.00 38.56 -7.96
CA PRO B 282 55.15 39.46 -7.95
C PRO B 282 55.71 39.61 -6.53
N ILE B 283 54.81 39.50 -5.54
CA ILE B 283 55.24 39.63 -4.14
C ILE B 283 55.87 38.32 -3.66
N MET B 284 55.28 37.20 -4.04
CA MET B 284 55.82 35.90 -3.61
C MET B 284 57.21 35.64 -4.20
N ALA B 285 57.46 36.20 -5.39
CA ALA B 285 58.75 35.99 -6.05
C ALA B 285 59.88 36.69 -5.28
N VAL B 286 59.52 37.64 -4.42
CA VAL B 286 60.52 38.30 -3.63
C VAL B 286 60.53 37.62 -2.28
N ALA B 287 59.33 37.37 -1.77
CA ALA B 287 59.19 36.73 -0.44
C ALA B 287 59.93 35.43 -0.29
N GLN B 288 59.88 34.55 -1.28
CA GLN B 288 60.60 33.28 -1.08
C GLN B 288 62.09 33.52 -0.91
N PRO B 289 62.71 34.32 -1.80
CA PRO B 289 64.15 34.57 -1.63
C PRO B 289 64.41 35.15 -0.22
N VAL B 290 63.57 36.07 0.23
CA VAL B 290 63.76 36.63 1.59
C VAL B 290 63.71 35.52 2.63
N ARG B 291 62.79 34.59 2.49
CA ARG B 291 62.74 33.49 3.45
C ARG B 291 64.03 32.70 3.39
N ASN B 292 64.51 32.44 2.18
CA ASN B 292 65.74 31.66 2.02
C ASN B 292 66.89 32.33 2.72
N LYS B 293 66.93 33.66 2.67
CA LYS B 293 68.01 34.37 3.30
C LYS B 293 67.93 34.31 4.82
N ILE B 294 66.78 34.65 5.40
CA ILE B 294 66.73 34.62 6.87
C ILE B 294 66.78 33.22 7.44
N TYR B 295 66.30 32.22 6.70
CA TYR B 295 66.38 30.85 7.22
C TYR B 295 67.81 30.29 7.10
N SER B 296 68.65 30.93 6.29
CA SER B 296 70.05 30.52 6.16
C SER B 296 70.97 31.42 7.01
N LYS B 297 71.23 32.63 6.55
CA LYS B 297 72.10 33.51 7.32
C LYS B 297 71.64 33.75 8.74
N TYR B 298 70.32 33.86 8.96
CA TYR B 298 69.83 34.09 10.31
C TYR B 298 69.06 32.92 10.86
N ALA B 299 69.50 31.73 10.47
CA ALA B 299 68.93 30.49 10.92
C ALA B 299 68.76 30.39 12.43
N TYR B 300 69.72 30.91 13.19
CA TYR B 300 69.62 30.83 14.65
C TYR B 300 68.28 31.39 15.17
N THR B 301 67.96 32.57 14.70
CA THR B 301 66.73 33.17 15.16
C THR B 301 65.48 32.66 14.46
N PHE B 302 65.58 32.44 13.14
CA PHE B 302 64.42 32.10 12.31
C PHE B 302 64.16 30.71 11.74
N HIS B 303 65.17 29.84 11.65
CA HIS B 303 64.95 28.51 11.09
C HIS B 303 64.73 27.45 12.17
N HIS B 304 63.49 26.97 12.28
CA HIS B 304 63.14 25.98 13.32
C HIS B 304 62.53 24.71 12.74
N THR B 305 63.17 23.58 13.05
CA THR B 305 62.74 22.29 12.56
C THR B 305 62.31 21.35 13.67
N THR B 306 63.26 20.58 14.19
CA THR B 306 62.97 19.60 15.23
C THR B 306 63.03 20.13 16.63
N ARG B 307 62.48 19.34 17.54
CA ARG B 307 62.49 19.76 18.91
C ARG B 307 63.93 19.85 19.43
N LEU B 308 64.84 19.06 18.87
CA LEU B 308 66.23 19.10 19.32
C LEU B 308 66.89 20.34 18.75
N ASN B 309 66.49 20.69 17.54
CA ASN B 309 67.01 21.88 16.88
C ASN B 309 66.76 23.09 17.81
N LYS B 310 65.53 23.21 18.33
CA LYS B 310 65.17 24.29 19.22
C LYS B 310 65.90 24.12 20.53
N GLU B 311 65.88 22.90 21.04
CA GLU B 311 66.52 22.61 22.30
C GLU B 311 68.00 22.99 22.36
N GLU B 312 68.77 22.64 21.35
CA GLU B 312 70.19 22.97 21.40
C GLU B 312 70.39 24.45 21.70
N LYS B 313 69.62 25.31 21.03
CA LYS B 313 69.73 26.76 21.23
C LYS B 313 69.30 27.22 22.62
N VAL B 314 68.14 26.76 23.06
CA VAL B 314 67.63 27.17 24.36
C VAL B 314 68.39 26.72 25.64
N LYS B 315 69.00 25.52 25.60
CA LYS B 315 69.71 25.00 26.77
C LYS B 315 70.96 25.81 27.12
N GLU B 316 71.43 26.62 26.19
CA GLU B 316 72.57 27.47 26.45
C GLU B 316 72.13 28.74 27.16
N TRP B 317 70.83 28.95 27.30
CA TRP B 317 70.36 30.19 27.93
C TRP B 317 70.27 30.07 29.42
N SER B 318 70.47 31.18 30.13
CA SER B 318 70.34 31.15 31.59
C SER B 318 68.87 31.41 31.93
N LEU B 319 68.17 32.12 31.05
CA LEU B 319 66.75 32.43 31.21
C LEU B 319 66.04 32.34 29.86
N CYS B 320 64.84 31.76 29.87
CA CYS B 320 64.04 31.59 28.66
C CYS B 320 62.64 32.14 28.92
N VAL B 321 62.26 33.19 28.22
CA VAL B 321 60.91 33.75 28.41
C VAL B 321 60.03 33.43 27.20
N ALA B 322 59.00 32.62 27.44
CA ALA B 322 58.05 32.22 26.38
C ALA B 322 56.95 33.29 26.30
N THR B 323 56.93 34.08 25.23
CA THR B 323 55.93 35.13 25.11
C THR B 323 54.70 34.72 24.31
N ASP B 324 53.71 35.61 24.36
CA ASP B 324 52.41 35.52 23.68
C ASP B 324 52.06 36.93 23.14
N VAL B 325 51.41 36.97 21.99
CA VAL B 325 51.00 38.25 21.40
C VAL B 325 49.51 38.13 21.22
N SER B 326 48.77 39.13 21.65
CA SER B 326 47.36 39.03 21.46
C SER B 326 46.95 39.47 20.04
N ASP B 327 46.12 38.65 19.41
CA ASP B 327 45.53 38.94 18.07
C ASP B 327 46.46 39.68 17.13
N HIS B 328 47.57 39.02 16.84
CA HIS B 328 48.62 39.59 16.04
C HIS B 328 48.28 40.22 14.68
N ASP B 329 47.57 39.46 13.86
CA ASP B 329 47.25 39.95 12.54
C ASP B 329 46.35 41.18 12.54
N THR B 330 45.34 41.23 13.39
CA THR B 330 44.47 42.39 13.38
C THR B 330 45.11 43.64 14.06
N PHE B 331 46.09 43.44 14.94
CA PHE B 331 46.79 44.57 15.59
C PHE B 331 47.98 45.07 14.76
N TRP B 332 48.46 44.26 13.80
CA TRP B 332 49.64 44.61 12.97
C TRP B 332 49.46 46.02 12.40
N PRO B 333 50.44 46.90 12.60
CA PRO B 333 50.40 48.31 12.13
C PRO B 333 50.72 48.70 10.73
N GLY B 334 49.80 49.42 10.14
CA GLY B 334 50.04 49.90 8.79
C GLY B 334 51.23 50.84 8.78
N TRP B 335 51.57 51.43 9.93
CA TRP B 335 52.72 52.35 9.87
C TRP B 335 53.98 51.53 9.58
N LEU B 336 54.02 50.27 10.00
CA LEU B 336 55.20 49.45 9.68
C LEU B 336 55.23 49.13 8.19
N ARG B 337 54.06 48.92 7.58
CA ARG B 337 54.01 48.69 6.13
C ARG B 337 54.63 49.93 5.47
N ASP B 338 54.21 51.11 5.93
CA ASP B 338 54.78 52.29 5.27
C ASP B 338 56.27 52.49 5.56
N LEU B 339 56.73 52.04 6.72
CA LEU B 339 58.12 52.18 7.06
C LEU B 339 58.94 51.24 6.20
N ILE B 340 58.48 49.99 6.08
CA ILE B 340 59.15 49.02 5.25
C ILE B 340 59.26 49.49 3.78
N CYS B 341 58.16 50.02 3.23
CA CYS B 341 58.15 50.50 1.84
C CYS B 341 59.15 51.62 1.67
N ASP B 342 59.11 52.56 2.62
CA ASP B 342 60.04 53.68 2.63
C ASP B 342 61.49 53.18 2.62
N GLU B 343 61.85 52.27 3.51
CA GLU B 343 63.20 51.79 3.52
C GLU B 343 63.59 51.02 2.23
N LEU B 344 62.65 50.23 1.68
CA LEU B 344 62.89 49.48 0.45
C LEU B 344 63.21 50.49 -0.64
N LEU B 345 62.48 51.59 -0.66
CA LEU B 345 62.77 52.59 -1.65
C LEU B 345 64.18 53.17 -1.40
N ASN B 346 64.56 53.40 -0.13
CA ASN B 346 65.91 53.94 0.15
C ASN B 346 66.95 52.95 -0.29
N MET B 347 66.67 51.65 -0.17
CA MET B 347 67.66 50.64 -0.56
C MET B 347 67.78 50.53 -2.06
N GLY B 348 66.90 51.17 -2.82
CA GLY B 348 66.98 51.07 -4.25
C GLY B 348 66.04 50.06 -4.94
N TYR B 349 65.06 49.54 -4.21
CA TYR B 349 64.07 48.61 -4.80
C TYR B 349 63.23 49.37 -5.85
N ALA B 350 62.87 48.68 -6.92
CA ALA B 350 62.06 49.30 -7.96
C ALA B 350 60.83 49.95 -7.31
N PRO B 351 60.58 51.23 -7.60
CA PRO B 351 59.41 51.89 -7.01
C PRO B 351 58.09 51.20 -7.37
N TRP B 352 57.96 50.82 -8.63
CA TRP B 352 56.73 50.16 -9.08
C TRP B 352 56.47 48.90 -8.25
N TRP B 353 57.53 48.17 -7.90
CA TRP B 353 57.34 46.95 -7.13
C TRP B 353 56.93 47.30 -5.70
N VAL B 354 57.56 48.32 -5.13
CA VAL B 354 57.23 48.75 -3.79
C VAL B 354 55.78 49.19 -3.71
N LYS B 355 55.34 49.88 -4.74
CA LYS B 355 53.95 50.31 -4.78
C LYS B 355 53.01 49.08 -4.78
N LEU B 356 53.37 48.04 -5.53
CA LEU B 356 52.53 46.84 -5.54
C LEU B 356 52.46 46.26 -4.13
N PHE B 357 53.62 46.19 -3.48
CA PHE B 357 53.70 45.63 -2.12
C PHE B 357 52.85 46.46 -1.16
N GLU B 358 53.02 47.79 -1.21
CA GLU B 358 52.26 48.69 -0.34
C GLU B 358 50.77 48.48 -0.55
N THR B 359 50.34 48.41 -1.81
CA THR B 359 48.94 48.27 -2.11
C THR B 359 48.37 46.94 -1.62
N SER B 360 49.17 45.89 -1.69
CA SER B 360 48.70 44.59 -1.22
C SER B 360 48.36 44.70 0.26
N LEU B 361 48.96 45.66 0.97
CA LEU B 361 48.67 45.77 2.41
C LEU B 361 47.65 46.90 2.75
N LYS B 362 46.85 47.30 1.76
CA LYS B 362 45.84 48.34 1.96
C LYS B 362 44.58 48.03 1.20
N LEU B 363 44.55 46.82 0.67
CA LEU B 363 43.48 46.35 -0.17
C LEU B 363 42.14 46.15 0.49
N PRO B 364 41.06 46.47 -0.24
CA PRO B 364 39.67 46.32 0.20
C PRO B 364 39.46 44.81 0.43
N VAL B 365 38.41 44.44 1.16
CA VAL B 365 38.09 43.03 1.41
C VAL B 365 36.61 42.72 1.04
N TYR B 366 36.44 41.60 0.33
CA TYR B 366 35.11 41.15 -0.05
C TYR B 366 34.69 40.09 0.92
N VAL B 367 33.69 40.42 1.73
CA VAL B 367 33.21 39.51 2.74
C VAL B 367 32.18 38.56 2.17
N GLY B 368 32.47 37.27 2.29
CA GLY B 368 31.55 36.23 1.82
C GLY B 368 30.32 35.98 2.67
N ALA B 369 30.41 35.01 3.59
CA ALA B 369 29.26 34.68 4.41
C ALA B 369 29.60 34.33 5.86
N PRO B 370 29.61 35.33 6.76
CA PRO B 370 29.90 35.18 8.18
C PRO B 370 28.80 34.44 8.92
N ALA B 371 27.61 34.45 8.32
CA ALA B 371 26.44 33.85 8.95
C ALA B 371 25.33 33.75 7.91
N PRO B 372 24.26 33.01 8.23
CA PRO B 372 23.13 32.87 7.31
C PRO B 372 22.62 34.29 7.09
N GLU B 373 22.20 34.62 5.86
CA GLU B 373 21.67 35.97 5.54
C GLU B 373 22.61 37.16 5.71
N GLN B 374 23.91 36.93 5.78
CA GLN B 374 24.81 38.04 5.95
C GLN B 374 25.98 37.92 5.00
N GLY B 375 26.57 39.06 4.65
CA GLY B 375 27.73 39.02 3.79
C GLY B 375 27.61 39.59 2.41
N HIS B 376 28.41 39.04 1.50
CA HIS B 376 28.42 39.45 0.11
C HIS B 376 28.52 40.95 0.01
N THR B 377 29.54 41.51 0.65
CA THR B 377 29.75 42.96 0.70
C THR B 377 31.22 43.29 0.60
N LEU B 378 31.53 44.23 -0.27
CA LEU B 378 32.89 44.68 -0.45
C LEU B 378 33.12 45.83 0.53
N LEU B 379 34.20 45.73 1.30
CA LEU B 379 34.55 46.79 2.26
C LEU B 379 35.75 47.49 1.67
N GLY B 380 35.64 48.80 1.48
CA GLY B 380 36.75 49.54 0.90
C GLY B 380 36.53 49.72 -0.57
N ASP B 381 37.11 50.77 -1.13
CA ASP B 381 37.00 51.11 -2.54
C ASP B 381 38.26 50.73 -3.28
N PRO B 382 38.18 49.81 -4.25
CA PRO B 382 39.33 49.36 -5.03
C PRO B 382 39.93 50.47 -5.87
N SER B 383 39.19 51.54 -6.12
CA SER B 383 39.73 52.64 -6.90
C SER B 383 40.88 53.37 -6.16
N ASN B 384 40.89 53.30 -4.83
CA ASN B 384 41.99 53.91 -4.06
C ASN B 384 42.12 53.13 -2.76
N PRO B 385 42.88 52.04 -2.79
CA PRO B 385 43.11 51.16 -1.64
C PRO B 385 43.56 51.96 -0.42
N ASP B 386 42.78 51.89 0.65
CA ASP B 386 43.14 52.63 1.85
C ASP B 386 42.70 51.96 3.15
N LEU B 387 42.57 50.64 3.15
CA LEU B 387 42.14 49.94 4.36
C LEU B 387 43.29 49.75 5.34
N GLU B 388 42.97 49.55 6.62
CA GLU B 388 43.99 49.30 7.60
C GLU B 388 43.52 48.07 8.36
N VAL B 389 43.41 46.94 7.66
CA VAL B 389 42.94 45.70 8.32
C VAL B 389 43.98 45.05 9.21
N GLY B 390 45.20 45.56 9.19
CA GLY B 390 46.23 44.90 9.96
C GLY B 390 46.95 44.05 8.93
N LEU B 391 47.12 42.77 9.18
CA LEU B 391 47.84 41.92 8.22
C LEU B 391 46.89 40.96 7.55
N SER B 392 46.84 40.95 6.22
CA SER B 392 45.93 39.99 5.54
C SER B 392 46.61 38.64 5.40
N SER B 393 45.95 37.57 5.82
CA SER B 393 46.55 36.26 5.73
C SER B 393 46.96 35.83 4.32
N GLY B 394 46.26 36.30 3.30
CA GLY B 394 46.64 35.89 1.97
C GLY B 394 47.62 36.81 1.25
N GLN B 395 48.15 37.83 1.92
CA GLN B 395 49.10 38.71 1.25
C GLN B 395 50.33 37.82 0.98
N GLY B 396 51.05 38.07 -0.09
CA GLY B 396 52.17 37.16 -0.36
C GLY B 396 53.38 37.04 0.58
N ALA B 397 53.45 37.88 1.61
CA ALA B 397 54.58 37.87 2.52
C ALA B 397 54.11 38.03 3.95
N THR B 398 52.91 37.54 4.23
CA THR B 398 52.38 37.67 5.58
C THR B 398 53.28 37.14 6.69
N ASP B 399 53.94 36.01 6.47
CA ASP B 399 54.80 35.48 7.53
C ASP B 399 55.99 36.43 7.75
N LEU B 400 56.54 36.95 6.66
CA LEU B 400 57.67 37.86 6.81
C LEU B 400 57.28 39.11 7.58
N MET B 401 56.11 39.67 7.25
CA MET B 401 55.63 40.88 7.89
C MET B 401 55.45 40.67 9.40
N GLY B 402 54.90 39.53 9.81
CA GLY B 402 54.72 39.32 11.22
C GLY B 402 56.06 39.09 11.87
N THR B 403 56.94 38.41 11.14
CA THR B 403 58.23 38.11 11.71
C THR B 403 59.08 39.37 11.89
N LEU B 404 58.99 40.29 10.93
CA LEU B 404 59.77 41.52 11.03
C LEU B 404 59.22 42.33 12.20
N LEU B 405 57.91 42.55 12.25
CA LEU B 405 57.36 43.28 13.35
C LEU B 405 57.72 42.68 14.72
N MET B 406 57.41 41.41 14.91
CA MET B 406 57.66 40.79 16.19
C MET B 406 59.11 40.63 16.60
N SER B 407 59.97 40.27 15.65
CA SER B 407 61.35 40.08 16.04
C SER B 407 61.90 41.39 16.61
N ILE B 408 61.60 42.52 15.96
CA ILE B 408 62.06 43.79 16.43
C ILE B 408 61.38 44.17 17.74
N THR B 409 60.09 43.88 17.83
CA THR B 409 59.33 44.17 19.03
C THR B 409 59.97 43.45 20.26
N TYR B 410 60.33 42.19 20.09
CA TYR B 410 60.95 41.50 21.23
C TYR B 410 62.37 42.03 21.54
N LEU B 411 63.14 42.36 20.51
CA LEU B 411 64.45 42.90 20.73
C LEU B 411 64.27 44.19 21.54
N VAL B 412 63.38 45.05 21.09
CA VAL B 412 63.17 46.30 21.80
C VAL B 412 62.80 46.04 23.28
N MET B 413 61.95 45.06 23.51
CA MET B 413 61.54 44.71 24.85
C MET B 413 62.77 44.33 25.68
N GLN B 414 63.68 43.56 25.08
CA GLN B 414 64.88 43.16 25.79
C GLN B 414 65.78 44.38 26.05
N LEU B 415 65.90 45.28 25.07
CA LEU B 415 66.72 46.46 25.25
C LEU B 415 66.11 47.38 26.29
N ASP B 416 64.81 47.62 26.18
CA ASP B 416 64.18 48.55 27.12
C ASP B 416 64.25 48.08 28.56
N HIS B 417 63.92 46.82 28.79
CA HIS B 417 63.85 46.29 30.15
C HIS B 417 65.06 45.57 30.70
N THR B 418 66.03 45.21 29.87
CA THR B 418 67.17 44.48 30.36
C THR B 418 68.53 44.86 29.84
N ALA B 419 68.60 45.57 28.72
CA ALA B 419 69.92 45.84 28.19
C ALA B 419 70.16 47.24 27.67
N PRO B 420 69.93 48.26 28.50
CA PRO B 420 70.14 49.65 28.08
C PRO B 420 71.60 49.92 27.69
N HIS B 421 72.51 49.11 28.21
CA HIS B 421 73.93 49.23 27.88
C HIS B 421 74.21 48.91 26.41
N LEU B 422 73.25 48.29 25.71
CA LEU B 422 73.47 47.97 24.30
C LEU B 422 73.05 49.14 23.42
N ASN B 423 72.30 50.09 23.96
CA ASN B 423 71.87 51.20 23.14
C ASN B 423 72.99 52.00 22.46
N SER B 424 74.15 52.12 23.09
CA SER B 424 75.22 52.92 22.48
C SER B 424 75.75 52.26 21.23
N ARG B 425 75.31 51.04 20.95
CA ARG B 425 75.73 50.33 19.75
C ARG B 425 74.81 50.56 18.58
N ILE B 426 73.69 51.24 18.84
CA ILE B 426 72.71 51.50 17.82
C ILE B 426 72.62 53.01 17.67
N LYS B 427 73.48 53.58 16.83
CA LYS B 427 73.55 55.02 16.69
C LYS B 427 73.13 55.53 15.33
N ASP B 428 73.23 54.68 14.32
CA ASP B 428 72.86 55.08 12.96
C ASP B 428 72.51 53.81 12.18
N MET B 429 72.23 53.94 10.89
CA MET B 429 71.89 52.76 10.10
C MET B 429 72.99 51.68 10.12
N PRO B 430 74.24 52.07 9.75
CA PRO B 430 75.31 51.07 9.74
C PRO B 430 75.48 50.31 11.04
N SER B 431 75.48 51.01 12.17
CA SER B 431 75.67 50.35 13.45
C SER B 431 74.42 49.56 13.83
N ALA B 432 73.24 50.06 13.45
CA ALA B 432 72.01 49.33 13.75
C ALA B 432 72.05 48.02 12.95
N CYS B 433 72.49 48.10 11.70
CA CYS B 433 72.56 46.88 10.87
C CYS B 433 73.53 45.90 11.45
N ARG B 434 74.71 46.38 11.85
CA ARG B 434 75.73 45.53 12.46
C ARG B 434 75.26 44.85 13.72
N PHE B 435 74.63 45.62 14.59
CA PHE B 435 74.10 45.08 15.84
C PHE B 435 73.01 44.03 15.63
N LEU B 436 72.06 44.36 14.76
CA LEU B 436 70.95 43.44 14.50
C LEU B 436 71.48 42.16 13.84
N ASP B 437 72.41 42.33 12.91
CA ASP B 437 73.00 41.16 12.20
C ASP B 437 73.57 40.20 13.24
N SER B 438 74.27 40.76 14.23
CA SER B 438 74.90 39.97 15.29
C SER B 438 73.85 39.33 16.21
N TYR B 439 72.87 40.14 16.59
CA TYR B 439 71.80 39.68 17.45
C TYR B 439 71.03 38.52 16.79
N TRP B 440 70.69 38.69 15.52
CA TRP B 440 69.94 37.66 14.81
C TRP B 440 70.71 36.37 14.64
N GLN B 441 72.05 36.44 14.67
CA GLN B 441 72.84 35.21 14.53
C GLN B 441 73.06 34.53 15.89
N GLY B 442 72.49 35.09 16.95
CA GLY B 442 72.66 34.46 18.25
C GLY B 442 73.98 34.82 18.91
N HIS B 443 74.60 35.89 18.45
CA HIS B 443 75.91 36.32 18.98
C HIS B 443 75.91 37.33 20.12
N GLU B 444 74.75 37.69 20.66
CA GLU B 444 74.71 38.65 21.75
C GLU B 444 74.22 37.97 23.01
N GLU B 445 74.31 38.64 24.15
CA GLU B 445 73.89 38.07 25.44
C GLU B 445 72.39 38.03 25.56
N ILE B 446 71.70 38.76 24.68
CA ILE B 446 70.25 38.66 24.61
C ILE B 446 70.04 37.97 23.27
N ARG B 447 69.11 37.01 23.27
CA ARG B 447 68.81 36.22 22.07
C ARG B 447 67.32 35.97 21.91
N GLN B 448 66.94 35.34 20.79
CA GLN B 448 65.56 35.01 20.54
C GLN B 448 65.43 34.00 19.42
N ILE B 449 64.36 33.23 19.48
CA ILE B 449 64.02 32.32 18.41
C ILE B 449 62.56 32.69 18.20
N SER B 450 62.23 33.06 16.99
CA SER B 450 60.86 33.45 16.71
C SER B 450 60.40 33.06 15.34
N LYS B 451 59.08 33.17 15.20
CA LYS B 451 58.37 32.97 13.94
C LYS B 451 57.02 33.67 14.15
N SER B 452 56.76 34.71 13.37
CA SER B 452 55.49 35.47 13.45
C SER B 452 55.20 35.82 14.89
N ASP B 453 54.12 35.31 15.45
CA ASP B 453 53.77 35.63 16.84
C ASP B 453 54.19 34.61 17.92
N ASP B 454 55.05 33.67 17.58
CA ASP B 454 55.52 32.73 18.59
C ASP B 454 57.00 33.02 18.77
N ALA B 455 57.49 33.00 20.00
CA ALA B 455 58.89 33.27 20.27
C ALA B 455 59.30 32.91 21.65
N MET B 456 60.60 32.76 21.81
CA MET B 456 61.17 32.56 23.11
C MET B 456 62.36 33.49 23.16
N LEU B 457 62.43 34.28 24.22
CA LEU B 457 63.47 35.26 24.43
C LEU B 457 64.51 34.72 25.43
N GLY B 458 65.78 34.82 25.05
CA GLY B 458 66.82 34.32 25.92
C GLY B 458 67.87 35.32 26.40
N TRP B 459 68.45 35.01 27.54
CA TRP B 459 69.52 35.80 28.12
C TRP B 459 70.59 34.79 28.51
N THR B 460 71.84 35.07 28.17
CA THR B 460 72.93 34.21 28.62
C THR B 460 73.41 34.90 29.90
N LYS B 461 74.59 34.53 30.39
CA LYS B 461 75.13 35.20 31.59
C LYS B 461 75.56 36.59 31.13
N GLY B 462 75.50 37.56 32.03
CA GLY B 462 75.91 38.91 31.65
C GLY B 462 75.11 40.02 32.31
N ARG B 463 75.40 41.24 31.89
CA ARG B 463 74.73 42.39 32.46
C ARG B 463 73.21 42.43 32.29
N ALA B 464 72.71 41.95 31.16
CA ALA B 464 71.26 41.94 30.90
C ALA B 464 70.48 40.89 31.71
N LEU B 465 71.15 39.83 32.16
CA LEU B 465 70.45 38.77 32.88
C LEU B 465 69.59 39.22 34.04
N VAL B 466 70.10 40.11 34.88
CA VAL B 466 69.29 40.55 36.01
C VAL B 466 68.04 41.29 35.52
N GLY B 467 68.15 42.04 34.42
CA GLY B 467 66.98 42.72 33.89
C GLY B 467 65.99 41.69 33.30
N GLY B 468 66.54 40.63 32.70
CA GLY B 468 65.71 39.58 32.14
C GLY B 468 64.78 39.03 33.21
N HIS B 469 65.29 38.73 34.39
CA HIS B 469 64.41 38.22 35.45
C HIS B 469 63.37 39.27 35.83
N ARG B 470 63.73 40.54 35.85
CA ARG B 470 62.75 41.56 36.19
C ARG B 470 61.62 41.56 35.14
N LEU B 471 61.98 41.50 33.85
CA LEU B 471 61.01 41.49 32.75
C LEU B 471 60.07 40.28 32.92
N PHE B 472 60.66 39.15 33.27
CA PHE B 472 59.90 37.94 33.44
C PHE B 472 58.91 38.12 34.57
N GLU B 473 59.35 38.80 35.62
CA GLU B 473 58.50 39.07 36.78
C GLU B 473 57.37 40.04 36.37
N MET B 474 57.71 41.05 35.59
CA MET B 474 56.77 42.03 35.07
C MET B 474 55.67 41.28 34.29
N LEU B 475 56.11 40.38 33.41
CA LEU B 475 55.18 39.59 32.63
C LEU B 475 54.29 38.73 33.55
N LYS B 476 54.90 38.06 34.52
CA LYS B 476 54.12 37.24 35.42
C LYS B 476 53.07 38.09 36.14
N GLU B 477 53.44 39.32 36.48
CA GLU B 477 52.55 40.25 37.16
C GLU B 477 51.35 40.48 36.27
N GLY B 478 51.61 40.67 34.98
CA GLY B 478 50.55 40.89 34.03
C GLY B 478 49.76 42.19 34.15
N LYS B 479 50.33 43.24 34.75
CA LYS B 479 49.61 44.49 34.89
C LYS B 479 50.03 45.53 33.86
N VAL B 480 51.28 45.45 33.42
CA VAL B 480 51.83 46.44 32.51
C VAL B 480 52.35 45.77 31.28
N ASN B 481 51.91 46.26 30.13
CA ASN B 481 52.35 45.71 28.85
C ASN B 481 53.82 46.12 28.72
N PRO B 482 54.71 45.17 28.45
CA PRO B 482 56.13 45.55 28.34
C PRO B 482 56.55 46.18 27.04
N SER B 483 55.65 46.22 26.07
CA SER B 483 55.97 46.77 24.79
C SER B 483 55.03 47.89 24.36
N PRO B 484 55.55 48.90 23.67
CA PRO B 484 54.64 49.99 23.26
C PRO B 484 53.98 49.59 21.91
N TYR B 485 54.43 48.50 21.30
CA TYR B 485 53.94 48.11 19.95
C TYR B 485 52.80 47.11 19.78
N MET B 486 52.78 46.06 20.59
CA MET B 486 51.80 45.03 20.52
C MET B 486 51.53 44.64 21.94
N LYS B 487 50.46 43.89 22.16
CA LYS B 487 50.09 43.45 23.51
C LYS B 487 50.86 42.17 23.78
N ILE B 488 51.84 42.27 24.66
CA ILE B 488 52.70 41.14 24.98
C ILE B 488 52.41 40.59 26.37
N SER B 489 52.37 39.25 26.50
CA SER B 489 52.18 38.64 27.81
C SER B 489 53.03 37.36 27.85
N TYR B 490 52.99 36.58 28.93
CA TYR B 490 53.79 35.36 28.89
C TYR B 490 52.85 34.24 28.52
N GLU B 491 53.34 33.28 27.77
CA GLU B 491 52.53 32.14 27.36
C GLU B 491 52.22 31.24 28.57
N HIS B 492 50.94 30.96 28.85
CA HIS B 492 50.60 30.08 29.99
C HIS B 492 50.94 28.64 29.54
N GLY B 493 52.14 28.17 29.88
CA GLY B 493 52.56 26.86 29.39
C GLY B 493 53.41 27.15 28.16
N GLY B 494 54.64 27.60 28.39
CA GLY B 494 55.53 27.95 27.32
C GLY B 494 55.76 26.91 26.27
N ALA B 495 55.64 27.31 25.01
CA ALA B 495 55.85 26.39 23.91
C ALA B 495 56.40 27.18 22.74
N PHE B 496 57.00 26.49 21.79
CA PHE B 496 57.52 27.17 20.62
C PHE B 496 57.32 26.31 19.41
N LEU B 497 56.53 26.82 18.47
CA LEU B 497 56.23 26.13 17.24
C LEU B 497 55.80 24.68 17.48
N GLY B 498 54.80 24.50 18.34
CA GLY B 498 54.28 23.17 18.62
C GLY B 498 54.96 22.35 19.71
N ASP B 499 56.20 22.69 20.08
CA ASP B 499 56.89 21.95 21.13
C ASP B 499 56.85 22.66 22.47
N ILE B 500 56.47 21.91 23.49
CA ILE B 500 56.39 22.40 24.83
C ILE B 500 57.77 22.33 25.47
N LEU B 501 58.14 23.39 26.18
CA LEU B 501 59.43 23.41 26.84
C LEU B 501 59.19 22.79 28.19
N LEU B 502 59.63 21.54 28.34
CA LEU B 502 59.43 20.81 29.60
C LEU B 502 60.59 21.06 30.56
N TYR B 503 60.30 21.75 31.64
CA TYR B 503 61.30 22.07 32.67
C TYR B 503 61.28 21.00 33.74
N ASP B 504 62.39 20.83 34.46
CA ASP B 504 62.43 19.86 35.56
C ASP B 504 62.36 20.67 36.85
N SER B 505 62.72 20.08 37.99
CA SER B 505 62.62 20.77 39.28
C SER B 505 63.42 22.06 39.41
N ARG B 506 64.45 22.21 38.61
CA ARG B 506 65.29 23.39 38.67
C ARG B 506 64.67 24.60 38.01
N ARG B 507 63.73 24.34 37.10
CA ARG B 507 63.08 25.39 36.36
C ARG B 507 64.12 26.24 35.64
N GLU B 508 65.10 25.59 35.00
CA GLU B 508 66.12 26.31 34.25
C GLU B 508 66.23 25.78 32.85
N PRO B 509 66.50 26.66 31.87
CA PRO B 509 66.61 26.22 30.48
C PRO B 509 67.63 25.11 30.30
N GLY B 510 68.79 25.28 30.93
CA GLY B 510 69.83 24.29 30.78
C GLY B 510 69.37 22.84 30.94
N SER B 511 68.47 22.61 31.90
CA SER B 511 67.98 21.24 32.15
C SER B 511 66.56 21.00 31.67
N ALA B 512 66.08 21.79 30.71
CA ALA B 512 64.73 21.62 30.20
C ALA B 512 64.82 20.96 28.83
N ILE B 513 63.73 20.33 28.39
CA ILE B 513 63.75 19.72 27.06
C ILE B 513 62.47 20.03 26.29
N PHE B 514 62.59 20.07 24.98
CA PHE B 514 61.39 20.32 24.17
C PHE B 514 60.67 19.01 23.86
N VAL B 515 59.39 18.90 24.23
CA VAL B 515 58.62 17.72 23.91
C VAL B 515 57.39 18.10 23.07
N GLY B 516 56.89 17.16 22.29
CA GLY B 516 55.71 17.44 21.49
C GLY B 516 54.54 17.76 22.39
N ASN B 517 53.57 18.51 21.86
CA ASN B 517 52.39 18.85 22.61
C ASN B 517 51.41 17.71 22.39
N ILE B 518 51.20 16.88 23.42
CA ILE B 518 50.29 15.75 23.30
C ILE B 518 48.87 16.21 22.96
N ASN B 519 48.47 17.36 23.46
CA ASN B 519 47.16 17.87 23.14
C ASN B 519 47.06 18.16 21.62
N SER B 520 48.15 18.56 20.97
CA SER B 520 48.08 18.81 19.51
C SER B 520 47.91 17.49 18.73
N MET B 521 48.40 16.39 19.30
CA MET B 521 48.22 15.10 18.62
C MET B 521 46.71 14.84 18.62
N LEU B 522 46.07 15.03 19.78
CA LEU B 522 44.63 14.82 19.88
C LEU B 522 43.85 15.78 18.97
N ASN B 523 44.32 17.03 18.85
CA ASN B 523 43.63 18.00 17.97
C ASN B 523 43.70 17.48 16.56
N ASN B 524 44.89 17.07 16.16
CA ASN B 524 45.08 16.59 14.81
C ASN B 524 44.34 15.29 14.47
N GLN B 525 44.33 14.33 15.40
CA GLN B 525 43.70 13.05 15.11
C GLN B 525 42.19 13.02 15.21
N PHE B 526 41.64 13.74 16.20
CA PHE B 526 40.20 13.74 16.44
C PHE B 526 39.44 15.02 16.08
N SER B 527 40.15 16.10 15.85
CA SER B 527 39.48 17.35 15.45
C SER B 527 40.17 18.02 14.24
N PRO B 528 40.23 17.34 13.11
CA PRO B 528 40.89 18.01 11.98
C PRO B 528 40.07 19.26 11.57
N GLU B 529 40.70 20.18 10.86
CA GLU B 529 40.02 21.39 10.41
C GLU B 529 39.22 21.18 9.13
N TYR B 530 39.49 20.10 8.41
CA TYR B 530 38.73 19.82 7.20
C TYR B 530 38.41 18.34 7.19
N GLY B 531 37.42 17.97 6.39
CA GLY B 531 37.03 16.58 6.20
C GLY B 531 38.02 15.97 5.23
N VAL B 532 37.90 14.68 4.94
CA VAL B 532 38.83 14.02 4.04
C VAL B 532 38.63 14.29 2.55
N GLN B 533 37.55 14.99 2.20
CA GLN B 533 37.23 15.35 0.80
C GLN B 533 37.36 14.15 -0.18
N SER B 534 36.76 13.00 0.15
CA SER B 534 36.88 11.85 -0.75
C SER B 534 36.38 12.07 -2.16
N GLY B 535 35.62 13.13 -2.37
CA GLY B 535 35.13 13.46 -3.69
C GLY B 535 36.16 14.20 -4.53
N VAL B 536 37.30 14.57 -3.95
CA VAL B 536 38.32 15.26 -4.72
C VAL B 536 39.28 14.18 -5.16
N ARG B 537 39.26 13.91 -6.47
CA ARG B 537 40.09 12.86 -7.08
C ARG B 537 41.55 13.06 -6.87
N ASP B 538 42.01 14.25 -7.20
CA ASP B 538 43.44 14.54 -7.04
C ASP B 538 43.70 14.81 -5.57
N ARG B 539 44.28 13.83 -4.89
CA ARG B 539 44.59 13.94 -3.48
C ARG B 539 45.53 15.07 -3.15
N SER B 540 46.48 15.32 -4.04
CA SER B 540 47.45 16.37 -3.82
C SER B 540 46.71 17.72 -3.69
N LYS B 541 45.49 17.79 -4.21
CA LYS B 541 44.71 19.03 -4.12
C LYS B 541 43.83 19.10 -2.86
N ARG B 542 43.77 18.03 -2.07
CA ARG B 542 42.96 18.03 -0.85
C ARG B 542 43.67 18.77 0.28
N LYS B 543 42.91 19.22 1.28
CA LYS B 543 43.49 19.88 2.44
C LYS B 543 44.20 18.82 3.24
N ARG B 544 43.73 17.57 3.18
CA ARG B 544 44.35 16.45 3.93
C ARG B 544 44.57 15.35 2.90
N PRO B 545 45.67 15.44 2.15
CA PRO B 545 45.96 14.44 1.11
C PRO B 545 46.05 12.96 1.57
N PHE B 546 46.85 12.68 2.59
CA PHE B 546 47.04 11.29 3.04
C PHE B 546 46.95 11.23 4.57
N PRO B 547 45.74 11.35 5.09
CA PRO B 547 45.48 11.33 6.54
C PRO B 547 46.13 10.17 7.25
N GLY B 548 46.21 9.02 6.57
CA GLY B 548 46.78 7.84 7.18
C GLY B 548 48.24 7.92 7.56
N LEU B 549 49.01 8.70 6.79
CA LEU B 549 50.43 8.82 7.01
C LEU B 549 50.86 9.32 8.35
N ALA B 550 50.07 10.20 8.96
CA ALA B 550 50.48 10.74 10.25
C ALA B 550 50.68 9.65 11.32
N TRP B 551 50.07 8.48 11.15
CA TRP B 551 50.25 7.41 12.16
C TRP B 551 51.74 7.03 12.20
N ALA B 552 52.35 7.01 11.02
CA ALA B 552 53.77 6.67 10.86
C ALA B 552 54.75 7.67 11.50
N SER B 553 54.33 8.91 11.66
CA SER B 553 55.20 9.91 12.27
C SER B 553 54.86 10.20 13.70
N MET B 554 53.70 9.72 14.15
CA MET B 554 53.26 9.96 15.53
C MET B 554 54.32 9.78 16.64
N LYS B 555 54.99 8.63 16.65
CA LYS B 555 55.99 8.35 17.71
C LYS B 555 57.09 9.41 17.64
N ASP B 556 57.54 9.66 16.43
CA ASP B 556 58.56 10.66 16.26
C ASP B 556 58.14 12.07 16.73
N THR B 557 56.93 12.48 16.40
CA THR B 557 56.42 13.80 16.78
C THR B 557 56.04 13.94 18.24
N TYR B 558 55.38 12.91 18.81
CA TYR B 558 54.93 13.04 20.20
C TYR B 558 55.50 12.03 21.19
N GLY B 559 56.35 11.13 20.72
CA GLY B 559 56.92 10.11 21.59
C GLY B 559 57.58 10.60 22.87
N ALA B 560 58.06 11.83 22.89
CA ALA B 560 58.71 12.36 24.07
C ALA B 560 57.77 12.97 25.08
N CYS B 561 56.48 13.12 24.74
CA CYS B 561 55.58 13.67 25.76
C CYS B 561 55.55 12.64 26.86
N PRO B 562 55.70 13.08 28.11
CA PRO B 562 55.68 12.19 29.28
C PRO B 562 54.51 11.20 29.34
N ILE B 563 53.31 11.63 28.94
CA ILE B 563 52.16 10.75 29.02
C ILE B 563 51.77 10.13 27.68
N TYR B 564 52.70 10.12 26.72
CA TYR B 564 52.44 9.57 25.40
C TYR B 564 51.82 8.16 25.44
N SER B 565 52.45 7.25 26.17
CA SER B 565 51.93 5.90 26.24
C SER B 565 50.58 5.88 26.88
N ASP B 566 50.44 6.63 27.95
CA ASP B 566 49.16 6.66 28.65
C ASP B 566 48.03 7.15 27.75
N VAL B 567 48.27 8.22 27.00
CA VAL B 567 47.27 8.74 26.10
C VAL B 567 46.87 7.71 25.02
N LEU B 568 47.86 7.08 24.39
CA LEU B 568 47.56 6.06 23.37
C LEU B 568 46.71 4.93 23.99
N GLU B 569 47.00 4.58 25.24
CA GLU B 569 46.21 3.53 25.88
C GLU B 569 44.82 4.01 26.24
N ALA B 570 44.70 5.25 26.72
CA ALA B 570 43.38 5.76 27.04
C ALA B 570 42.54 5.82 25.74
N ILE B 571 43.17 6.18 24.61
CA ILE B 571 42.49 6.27 23.31
C ILE B 571 41.98 4.90 22.93
N GLU B 572 42.87 3.91 23.01
CA GLU B 572 42.54 2.54 22.65
C GLU B 572 41.34 2.06 23.43
N ARG B 573 41.36 2.32 24.72
CA ARG B 573 40.30 1.88 25.59
C ARG B 573 38.96 2.55 25.31
N CYS B 574 38.98 3.87 25.15
CA CYS B 574 37.73 4.56 24.88
C CYS B 574 37.15 4.23 23.51
N TRP B 575 38.03 4.02 22.53
CA TRP B 575 37.63 3.71 21.17
C TRP B 575 37.00 2.32 21.19
N TRP B 576 37.48 1.47 22.08
CA TRP B 576 36.92 0.14 22.18
C TRP B 576 35.50 0.31 22.68
N ASN B 577 35.35 1.03 23.77
CA ASN B 577 34.05 1.27 24.34
C ASN B 577 33.09 1.90 23.35
N ALA B 578 33.60 2.76 22.48
CA ALA B 578 32.73 3.47 21.55
C ALA B 578 32.45 2.81 20.22
N PHE B 579 33.46 2.15 19.67
CA PHE B 579 33.34 1.53 18.38
C PHE B 579 33.45 0.01 18.35
N GLY B 580 33.89 -0.59 19.45
CA GLY B 580 34.02 -2.03 19.48
C GLY B 580 35.13 -2.51 18.60
N GLU B 581 36.15 -1.69 18.39
CA GLU B 581 37.29 -2.09 17.57
C GLU B 581 38.58 -1.51 18.15
N SER B 582 39.71 -1.92 17.60
CA SER B 582 41.01 -1.39 18.06
C SER B 582 41.31 -0.13 17.26
N TYR B 583 41.62 0.98 17.94
CA TYR B 583 41.93 2.21 17.20
C TYR B 583 43.25 1.98 16.48
N ARG B 584 44.19 1.42 17.20
CA ARG B 584 45.50 1.16 16.62
C ARG B 584 45.38 0.36 15.32
N ALA B 585 44.54 -0.69 15.33
CA ALA B 585 44.38 -1.49 14.10
C ALA B 585 43.75 -0.59 13.04
N TYR B 586 42.75 0.18 13.45
CA TYR B 586 42.09 1.09 12.54
C TYR B 586 43.12 1.99 11.84
N ARG B 587 44.05 2.56 12.60
CA ARG B 587 45.01 3.47 12.00
C ARG B 587 46.06 2.75 11.16
N GLU B 588 46.35 1.50 11.51
CA GLU B 588 47.35 0.76 10.71
C GLU B 588 46.74 0.46 9.36
N ASP B 589 45.45 0.18 9.31
CA ASP B 589 44.85 -0.04 8.00
C ASP B 589 44.90 1.25 7.19
N MET B 590 44.53 2.36 7.82
CA MET B 590 44.51 3.63 7.11
C MET B 590 45.89 3.95 6.62
N LEU B 591 46.89 3.62 7.43
CA LEU B 591 48.29 3.86 7.11
C LEU B 591 48.72 3.10 5.85
N LYS B 592 48.34 1.84 5.77
CA LYS B 592 48.67 1.01 4.61
C LYS B 592 47.99 1.52 3.36
N ARG B 593 46.72 1.88 3.48
CA ARG B 593 45.99 2.36 2.30
C ARG B 593 46.57 3.63 1.71
N ASP B 594 46.85 4.60 2.57
CA ASP B 594 47.39 5.84 2.08
C ASP B 594 48.84 5.64 1.64
N THR B 595 49.56 4.73 2.29
CA THR B 595 50.95 4.51 1.89
C THR B 595 50.96 4.03 0.46
N LEU B 596 49.99 3.19 0.12
CA LEU B 596 49.87 2.66 -1.22
C LEU B 596 49.40 3.72 -2.20
N GLU B 597 48.39 4.48 -1.77
CA GLU B 597 47.85 5.56 -2.60
C GLU B 597 48.93 6.61 -2.91
N LEU B 598 49.83 6.84 -1.96
CA LEU B 598 50.91 7.80 -2.12
C LEU B 598 51.82 7.47 -3.29
N SER B 599 52.15 6.20 -3.46
CA SER B 599 53.06 5.82 -4.53
C SER B 599 52.48 6.19 -5.89
N ARG B 600 51.18 6.41 -5.96
CA ARG B 600 50.59 6.82 -7.22
C ARG B 600 50.94 8.29 -7.51
N TYR B 601 51.48 8.99 -6.51
CA TYR B 601 51.82 10.40 -6.67
C TYR B 601 53.32 10.67 -6.67
N VAL B 602 54.07 9.73 -6.09
CA VAL B 602 55.49 9.92 -6.05
C VAL B 602 56.17 9.06 -7.12
N ALA B 603 56.68 9.74 -8.15
CA ALA B 603 57.37 9.07 -9.26
C ALA B 603 58.52 8.24 -8.70
N SER B 604 59.47 8.93 -8.07
CA SER B 604 60.65 8.28 -7.49
C SER B 604 60.30 7.14 -6.54
N MET B 605 59.17 7.27 -5.85
CA MET B 605 58.76 6.24 -4.92
C MET B 605 58.37 5.00 -5.70
N ALA B 606 59.04 3.89 -5.39
CA ALA B 606 58.75 2.64 -6.06
C ALA B 606 57.22 2.48 -6.02
N ARG B 607 56.68 1.82 -7.04
CA ARG B 607 55.23 1.61 -7.12
C ARG B 607 54.74 0.78 -5.94
N GLN B 608 55.49 0.85 -4.83
CA GLN B 608 55.17 0.17 -3.58
C GLN B 608 56.31 0.08 -2.56
N ALA B 609 57.34 0.91 -2.73
CA ALA B 609 58.44 0.92 -1.76
C ALA B 609 57.77 1.59 -0.56
N GLY B 610 58.10 1.15 0.67
CA GLY B 610 57.48 1.73 1.84
C GLY B 610 57.57 3.23 1.99
N LEU B 611 57.73 3.66 3.24
CA LEU B 611 57.85 5.06 3.56
C LEU B 611 59.30 5.25 4.01
N ALA B 612 60.12 4.27 3.59
CA ALA B 612 61.54 4.22 3.94
C ALA B 612 62.27 5.53 3.75
N GLU B 613 62.08 6.15 2.59
CA GLU B 613 62.76 7.41 2.31
C GLU B 613 62.13 8.68 2.89
N LEU B 614 60.89 8.59 3.36
CA LEU B 614 60.21 9.75 3.92
C LEU B 614 60.53 10.06 5.38
N THR B 615 60.78 11.33 5.66
CA THR B 615 61.09 11.77 7.02
C THR B 615 59.79 11.98 7.81
N PRO B 616 59.90 12.14 9.12
CA PRO B 616 58.70 12.37 9.91
C PRO B 616 58.01 13.63 9.41
N ILE B 617 58.82 14.63 9.03
CA ILE B 617 58.28 15.88 8.52
C ILE B 617 57.49 15.59 7.25
N ASP B 618 58.09 14.82 6.35
CA ASP B 618 57.43 14.46 5.11
C ASP B 618 56.01 13.90 5.33
N LEU B 619 55.88 12.99 6.28
CA LEU B 619 54.61 12.36 6.61
C LEU B 619 53.57 13.31 7.23
N GLU B 620 53.98 14.13 8.20
CA GLU B 620 53.06 15.07 8.81
C GLU B 620 52.56 16.06 7.73
N VAL B 621 53.44 16.42 6.79
CA VAL B 621 53.06 17.38 5.77
C VAL B 621 52.10 16.77 4.78
N LEU B 622 52.33 15.49 4.45
CA LEU B 622 51.42 14.82 3.51
C LEU B 622 50.03 14.61 4.11
N ALA B 623 49.98 14.48 5.44
CA ALA B 623 48.69 14.34 6.09
C ALA B 623 48.07 15.71 6.34
N ASP B 624 48.92 16.75 6.39
CA ASP B 624 48.44 18.11 6.69
C ASP B 624 49.33 19.22 6.15
N PRO B 625 49.25 19.49 4.85
CA PRO B 625 50.03 20.52 4.16
C PRO B 625 50.02 21.89 4.88
N ASN B 626 48.98 22.19 5.64
CA ASN B 626 48.91 23.46 6.39
C ASN B 626 50.15 23.69 7.24
N LYS B 627 50.76 22.60 7.71
CA LYS B 627 51.94 22.69 8.54
C LYS B 627 53.09 23.35 7.75
N LEU B 628 52.97 23.35 6.43
CA LEU B 628 53.99 23.97 5.58
C LEU B 628 53.81 25.49 5.63
N GLN B 629 52.76 25.93 6.33
CA GLN B 629 52.46 27.34 6.46
C GLN B 629 52.79 27.89 7.83
N TYR B 630 52.43 27.17 8.88
CA TYR B 630 52.68 27.67 10.22
C TYR B 630 53.78 26.94 10.98
N LYS B 631 54.44 25.97 10.37
CA LYS B 631 55.46 25.25 11.13
C LYS B 631 56.78 25.06 10.41
N TRP B 632 56.73 24.51 9.21
CA TRP B 632 57.91 24.27 8.44
C TRP B 632 57.98 25.07 7.14
N THR B 633 59.04 24.85 6.40
CA THR B 633 59.24 25.56 5.15
C THR B 633 59.72 24.56 4.10
N GLU B 634 59.49 24.88 2.83
CA GLU B 634 59.89 24.03 1.73
C GLU B 634 61.19 23.26 1.93
N ALA B 635 62.22 23.95 2.35
CA ALA B 635 63.51 23.31 2.52
C ALA B 635 63.52 22.19 3.55
N ASP B 636 62.51 22.15 4.42
CA ASP B 636 62.46 21.11 5.46
C ASP B 636 61.84 19.82 4.96
N VAL B 637 61.29 19.86 3.74
CA VAL B 637 60.62 18.72 3.12
C VAL B 637 61.36 18.06 1.93
N SER B 638 61.45 16.73 1.95
CA SER B 638 62.10 16.02 0.86
C SER B 638 61.64 16.60 -0.46
N ALA B 639 62.57 16.79 -1.38
CA ALA B 639 62.26 17.38 -2.66
C ALA B 639 61.21 16.60 -3.44
N ASN B 640 61.27 15.28 -3.42
CA ASN B 640 60.29 14.50 -4.19
C ASN B 640 58.89 14.65 -3.61
N ILE B 641 58.80 14.91 -2.32
CA ILE B 641 57.53 15.09 -1.65
C ILE B 641 57.01 16.48 -1.95
N HIS B 642 57.88 17.48 -1.84
CA HIS B 642 57.51 18.86 -2.11
C HIS B 642 56.80 18.98 -3.48
N GLU B 643 57.30 18.27 -4.48
CA GLU B 643 56.71 18.30 -5.82
C GLU B 643 55.29 17.76 -5.86
N VAL B 644 54.93 16.96 -4.87
CA VAL B 644 53.59 16.41 -4.81
C VAL B 644 52.58 17.51 -4.49
N LEU B 645 53.01 18.47 -3.67
CA LEU B 645 52.13 19.54 -3.23
C LEU B 645 52.26 20.84 -4.00
N MET B 646 53.44 21.07 -4.58
CA MET B 646 53.69 22.34 -5.29
C MET B 646 54.19 22.18 -6.69
N HIS B 647 53.98 23.22 -7.47
CA HIS B 647 54.45 23.25 -8.84
C HIS B 647 55.11 24.64 -9.03
N GLY B 648 56.13 24.72 -9.84
CA GLY B 648 56.76 26.02 -10.00
C GLY B 648 56.73 26.67 -11.35
N VAL B 649 57.07 27.94 -11.34
CA VAL B 649 57.19 28.74 -12.52
C VAL B 649 58.68 28.69 -12.84
N SER B 650 59.07 28.82 -14.10
CA SER B 650 60.48 28.75 -14.50
C SER B 650 61.38 29.65 -13.70
N VAL B 651 62.60 29.19 -13.48
CA VAL B 651 63.59 29.98 -12.76
C VAL B 651 64.00 31.15 -13.64
N GLU B 652 64.04 30.94 -14.95
CA GLU B 652 64.44 32.00 -15.87
C GLU B 652 63.47 33.16 -15.83
N LYS B 653 62.19 32.86 -15.67
CA LYS B 653 61.24 33.95 -15.64
C LYS B 653 61.27 34.73 -14.34
N THR B 654 61.48 34.06 -13.19
CA THR B 654 61.53 34.78 -11.93
C THR B 654 62.85 35.53 -11.83
N GLU B 655 63.89 34.91 -12.37
CA GLU B 655 65.22 35.47 -12.36
C GLU B 655 65.20 36.82 -13.06
N ARG B 656 64.59 36.85 -14.25
CA ARG B 656 64.50 38.07 -15.03
C ARG B 656 63.69 39.12 -14.22
N PHE B 657 62.57 38.68 -13.67
CA PHE B 657 61.70 39.56 -12.87
C PHE B 657 62.44 40.12 -11.66
N LEU B 658 63.05 39.24 -10.87
CA LEU B 658 63.75 39.65 -9.69
C LEU B 658 64.86 40.68 -9.98
N ARG B 659 65.56 40.51 -11.10
CA ARG B 659 66.66 41.41 -11.45
C ARG B 659 66.09 42.80 -11.61
N SER B 660 64.90 42.90 -12.19
CA SER B 660 64.28 44.20 -12.42
C SER B 660 63.71 44.84 -11.15
N VAL B 661 63.62 44.05 -10.08
CA VAL B 661 63.05 44.52 -8.83
C VAL B 661 64.11 44.98 -7.86
N MET B 662 65.09 44.12 -7.63
CA MET B 662 66.13 44.44 -6.67
C MET B 662 67.08 45.58 -7.00
N PRO B 663 67.67 46.19 -5.96
CA PRO B 663 68.61 47.31 -6.05
C PRO B 663 69.76 46.96 -7.00
N ARG B 664 70.52 45.96 -6.57
CA ARG B 664 71.69 45.42 -7.29
C ARG B 664 71.80 43.94 -6.84
N PRO C 1 -38.57 -50.50 -19.59
CA PRO C 1 -37.22 -50.04 -19.97
C PRO C 1 -36.24 -50.06 -18.80
N ARG C 2 -35.20 -49.23 -18.89
CA ARG C 2 -34.19 -49.15 -17.85
C ARG C 2 -34.63 -48.25 -16.72
N ARG C 3 -33.93 -48.33 -15.59
CA ARG C 3 -34.26 -47.45 -14.52
C ARG C 3 -33.50 -46.20 -14.89
N ALA C 4 -34.06 -45.07 -14.53
CA ALA C 4 -33.40 -43.80 -14.79
C ALA C 4 -32.24 -43.68 -13.81
N PRO C 5 -31.08 -43.18 -14.28
CA PRO C 5 -29.97 -43.04 -13.35
C PRO C 5 -30.34 -41.92 -12.35
N ALA C 6 -29.89 -42.07 -11.11
CA ALA C 6 -30.15 -41.09 -10.06
C ALA C 6 -28.81 -40.69 -9.43
N PHE C 7 -28.66 -39.41 -9.10
CA PHE C 7 -27.44 -38.92 -8.48
C PHE C 7 -27.76 -38.12 -7.23
N PRO C 8 -27.07 -38.42 -6.14
CA PRO C 8 -27.36 -37.64 -4.93
C PRO C 8 -26.77 -36.22 -5.16
N LEU C 9 -27.21 -35.28 -4.35
CA LEU C 9 -26.73 -33.89 -4.48
C LEU C 9 -25.21 -33.79 -4.39
N SER C 10 -24.58 -34.64 -3.58
CA SER C 10 -23.13 -34.62 -3.44
C SER C 10 -22.41 -34.99 -4.73
N ASP C 11 -23.11 -35.65 -5.66
CA ASP C 11 -22.48 -36.06 -6.91
C ASP C 11 -22.18 -34.85 -7.75
N ILE C 12 -21.07 -34.88 -8.47
CA ILE C 12 -20.70 -33.75 -9.30
C ILE C 12 -21.73 -33.39 -10.38
N LYS C 13 -22.51 -34.38 -10.84
CA LYS C 13 -23.51 -34.08 -11.86
C LYS C 13 -24.61 -33.16 -11.31
N ALA C 14 -24.94 -33.33 -10.03
CA ALA C 14 -25.94 -32.49 -9.38
C ALA C 14 -25.28 -31.19 -8.91
N GLN C 15 -24.03 -31.26 -8.43
CA GLN C 15 -23.34 -30.05 -7.98
C GLN C 15 -23.27 -29.02 -9.11
N MET C 16 -23.02 -29.48 -10.32
CA MET C 16 -22.91 -28.62 -11.48
C MET C 16 -24.23 -27.95 -11.84
N LEU C 17 -25.34 -28.36 -11.21
CA LEU C 17 -26.64 -27.70 -11.48
C LEU C 17 -26.80 -26.39 -10.68
N PHE C 18 -25.91 -26.16 -9.72
CA PHE C 18 -25.99 -25.02 -8.84
C PHE C 18 -24.75 -24.16 -8.86
N ALA C 19 -24.92 -22.92 -9.32
CA ALA C 19 -23.83 -21.97 -9.39
C ALA C 19 -23.25 -21.69 -8.01
N ASN C 20 -22.07 -21.08 -8.02
CA ASN C 20 -21.35 -20.75 -6.78
C ASN C 20 -21.88 -19.45 -6.13
N ASN C 21 -23.14 -19.46 -5.76
CA ASN C 21 -23.72 -18.34 -5.06
C ASN C 21 -24.66 -18.92 -4.05
N ILE C 22 -24.91 -18.13 -3.01
CA ILE C 22 -25.72 -18.53 -1.89
C ILE C 22 -27.12 -18.99 -2.23
N LYS C 23 -27.80 -18.27 -3.12
CA LYS C 23 -29.15 -18.66 -3.51
C LYS C 23 -29.18 -20.07 -4.17
N ALA C 24 -28.33 -20.26 -5.15
CA ALA C 24 -28.28 -21.52 -5.86
C ALA C 24 -27.97 -22.65 -4.87
N GLN C 25 -26.99 -22.43 -3.99
CA GLN C 25 -26.61 -23.46 -3.02
C GLN C 25 -27.75 -23.75 -2.06
N GLN C 26 -28.40 -22.70 -1.57
CA GLN C 26 -29.53 -22.83 -0.66
C GLN C 26 -30.66 -23.55 -1.35
N ALA C 27 -30.91 -23.23 -2.62
CA ALA C 27 -31.97 -23.89 -3.34
C ALA C 27 -31.66 -25.41 -3.45
N SER C 28 -30.39 -25.77 -3.64
CA SER C 28 -30.05 -27.21 -3.79
C SER C 28 -30.29 -28.02 -2.53
N LYS C 29 -29.98 -27.44 -1.38
CA LYS C 29 -30.07 -28.11 -0.09
C LYS C 29 -31.34 -27.88 0.69
N ARG C 30 -32.16 -26.94 0.27
CA ARG C 30 -33.36 -26.61 1.03
C ARG C 30 -34.11 -27.83 1.51
N SER C 31 -34.32 -27.91 2.81
CA SER C 31 -35.00 -29.08 3.34
C SER C 31 -36.50 -28.86 3.42
N PHE C 32 -37.23 -29.94 3.63
CA PHE C 32 -38.68 -29.93 3.72
C PHE C 32 -39.04 -28.83 4.72
N LYS C 33 -40.04 -28.02 4.38
CA LYS C 33 -40.46 -26.92 5.25
C LYS C 33 -41.97 -26.86 5.27
N GLU C 34 -42.55 -26.48 6.40
CA GLU C 34 -44.01 -26.34 6.50
C GLU C 34 -44.30 -25.39 7.65
N GLY C 35 -45.52 -24.85 7.65
CA GLY C 35 -45.94 -23.86 8.63
C GLY C 35 -47.17 -23.10 8.10
N ALA C 36 -47.96 -22.57 9.01
CA ALA C 36 -49.18 -21.88 8.60
C ALA C 36 -48.89 -20.70 7.68
N ILE C 37 -49.72 -20.45 6.68
CA ILE C 37 -49.47 -19.28 5.85
C ILE C 37 -50.18 -18.05 6.48
N GLU C 38 -49.72 -16.86 6.14
CA GLU C 38 -50.36 -15.66 6.65
C GLU C 38 -51.45 -15.41 5.63
N THR C 39 -52.60 -16.04 5.84
CA THR C 39 -53.73 -15.93 4.90
C THR C 39 -53.98 -14.46 4.50
N TYR C 40 -53.98 -13.58 5.47
CA TYR C 40 -54.12 -12.13 5.22
C TYR C 40 -53.20 -11.51 6.25
N GLU C 41 -52.81 -10.24 6.09
CA GLU C 41 -51.88 -9.64 7.05
C GLU C 41 -52.37 -9.86 8.45
N GLY C 42 -51.51 -10.38 9.31
CA GLY C 42 -51.89 -10.65 10.69
C GLY C 42 -52.85 -11.82 10.94
N LEU C 43 -53.22 -12.61 9.92
CA LEU C 43 -54.12 -13.74 10.17
C LEU C 43 -53.50 -15.06 9.68
N LEU C 44 -53.26 -16.00 10.59
CA LEU C 44 -52.68 -17.29 10.23
C LEU C 44 -53.74 -18.28 9.82
N SER C 45 -53.46 -19.09 8.80
CA SER C 45 -54.42 -20.09 8.32
C SER C 45 -54.87 -21.05 9.43
N VAL C 46 -54.12 -21.14 10.53
CA VAL C 46 -54.53 -22.07 11.59
C VAL C 46 -55.04 -21.38 12.85
N ASP C 47 -55.22 -20.06 12.77
CA ASP C 47 -55.79 -19.27 13.88
C ASP C 47 -57.07 -20.00 14.31
N PRO C 48 -57.26 -20.25 15.61
CA PRO C 48 -58.47 -20.95 16.06
C PRO C 48 -59.78 -20.29 15.60
N ARG C 49 -59.81 -18.96 15.57
CA ARG C 49 -61.05 -18.33 15.13
C ARG C 49 -61.31 -18.67 13.67
N PHE C 50 -60.28 -18.53 12.85
CA PHE C 50 -60.38 -18.80 11.42
C PHE C 50 -60.83 -20.24 11.14
N LEU C 51 -60.25 -21.20 11.84
CA LEU C 51 -60.63 -22.60 11.65
C LEU C 51 -62.06 -22.82 12.15
N SER C 52 -62.42 -22.18 13.27
CA SER C 52 -63.78 -22.31 13.81
C SER C 52 -64.76 -21.81 12.72
N PHE C 53 -64.43 -20.65 12.17
CA PHE C 53 -65.19 -20.03 11.10
C PHE C 53 -65.35 -21.03 9.91
N LYS C 54 -64.24 -21.58 9.42
CA LYS C 54 -64.29 -22.51 8.31
C LYS C 54 -65.17 -23.74 8.62
N ASN C 55 -65.11 -24.20 9.86
CA ASN C 55 -65.95 -25.34 10.23
C ASN C 55 -67.44 -25.04 10.14
N GLU C 56 -67.83 -23.84 10.61
CA GLU C 56 -69.24 -23.41 10.60
C GLU C 56 -69.68 -23.13 9.17
N LEU C 57 -68.94 -22.28 8.46
CA LEU C 57 -69.28 -21.93 7.08
C LEU C 57 -69.36 -23.14 6.15
N SER C 58 -68.36 -24.02 6.23
CA SER C 58 -68.36 -25.17 5.34
C SER C 58 -69.56 -26.09 5.60
N ARG C 59 -69.91 -26.28 6.88
CA ARG C 59 -71.04 -27.14 7.24
C ARG C 59 -72.35 -26.49 6.87
N TYR C 60 -72.46 -25.20 7.17
CA TYR C 60 -73.68 -24.49 6.86
C TYR C 60 -73.94 -24.48 5.37
N LEU C 61 -72.97 -24.01 4.57
CA LEU C 61 -73.16 -23.96 3.12
C LEU C 61 -73.54 -25.30 2.52
N THR C 62 -72.84 -26.36 2.93
CA THR C 62 -73.11 -27.67 2.39
C THR C 62 -74.54 -28.10 2.69
N ASP C 63 -74.96 -27.76 3.91
CA ASP C 63 -76.31 -28.09 4.37
C ASP C 63 -77.39 -27.38 3.55
N HIS C 64 -77.25 -26.07 3.46
CA HIS C 64 -78.24 -25.27 2.77
C HIS C 64 -78.13 -25.22 1.28
N PHE C 65 -77.00 -25.66 0.76
CA PHE C 65 -76.84 -25.63 -0.67
C PHE C 65 -76.18 -26.88 -1.21
N PRO C 66 -76.94 -27.99 -1.27
CA PRO C 66 -76.42 -29.26 -1.77
C PRO C 66 -76.13 -29.09 -3.25
N ALA C 67 -75.26 -29.92 -3.78
CA ALA C 67 -74.93 -29.84 -5.19
C ALA C 67 -76.17 -30.07 -6.05
N ASN C 68 -76.25 -29.35 -7.16
CA ASN C 68 -77.32 -29.49 -8.15
C ASN C 68 -76.60 -29.93 -9.46
N VAL C 69 -76.34 -31.24 -9.58
CA VAL C 69 -75.68 -31.79 -10.74
C VAL C 69 -76.46 -33.00 -11.23
N ASP C 70 -76.93 -32.98 -12.49
CA ASP C 70 -77.70 -34.12 -12.98
C ASP C 70 -76.87 -35.32 -13.36
N GLU C 71 -77.54 -36.38 -13.80
CA GLU C 71 -76.90 -37.65 -14.17
C GLU C 71 -75.85 -37.50 -15.28
N TYR C 72 -75.96 -36.45 -16.08
CA TYR C 72 -75.00 -36.19 -17.17
C TYR C 72 -73.94 -35.15 -16.76
N GLY C 73 -73.82 -34.89 -15.46
CA GLY C 73 -72.87 -33.90 -14.99
C GLY C 73 -73.21 -32.44 -15.30
N ARG C 74 -74.41 -32.16 -15.82
CA ARG C 74 -74.74 -30.77 -16.10
C ARG C 74 -75.18 -30.15 -14.80
N VAL C 75 -74.75 -28.93 -14.54
CA VAL C 75 -75.20 -28.30 -13.32
C VAL C 75 -76.37 -27.36 -13.65
N TYR C 76 -77.24 -27.24 -12.66
CA TYR C 76 -78.45 -26.44 -12.79
C TYR C 76 -78.76 -25.89 -11.40
N GLY C 77 -79.88 -25.19 -11.27
CA GLY C 77 -80.31 -24.67 -9.99
C GLY C 77 -79.42 -23.69 -9.26
N ASN C 78 -78.95 -24.08 -8.08
CA ASN C 78 -78.10 -23.20 -7.28
C ASN C 78 -76.69 -23.04 -7.84
N GLY C 79 -76.37 -23.84 -8.85
CA GLY C 79 -75.06 -23.75 -9.48
C GLY C 79 -73.92 -24.27 -8.61
N VAL C 80 -74.25 -25.20 -7.71
CA VAL C 80 -73.29 -25.79 -6.78
C VAL C 80 -73.02 -27.19 -7.29
N ARG C 81 -71.76 -27.56 -7.42
CA ARG C 81 -71.46 -28.90 -7.91
C ARG C 81 -70.88 -29.87 -6.91
N THR C 82 -70.52 -29.36 -5.75
CA THR C 82 -70.04 -30.24 -4.69
C THR C 82 -70.16 -29.58 -3.34
N ASN C 83 -69.92 -30.35 -2.28
CA ASN C 83 -70.03 -29.81 -0.92
C ASN C 83 -69.01 -28.71 -0.74
N PHE C 84 -69.03 -28.04 0.41
CA PHE C 84 -68.07 -26.96 0.63
C PHE C 84 -66.99 -27.34 1.61
N PHE C 85 -66.77 -28.64 1.83
CA PHE C 85 -65.73 -29.05 2.79
C PHE C 85 -64.30 -28.87 2.30
N GLY C 86 -64.16 -28.44 1.05
CA GLY C 86 -62.82 -28.26 0.47
C GLY C 86 -61.97 -27.27 1.23
N MET C 87 -62.61 -26.33 1.93
CA MET C 87 -61.88 -25.30 2.67
C MET C 87 -61.28 -25.77 3.99
N ARG C 88 -61.59 -27.00 4.38
CA ARG C 88 -61.11 -27.54 5.65
C ARG C 88 -59.66 -28.09 5.65
N HIS C 89 -58.71 -27.28 5.21
CA HIS C 89 -57.29 -27.73 5.24
C HIS C 89 -56.45 -26.76 6.06
N MET C 90 -55.43 -27.30 6.71
CA MET C 90 -54.53 -26.49 7.50
C MET C 90 -53.53 -25.99 6.44
N ASN C 91 -53.87 -24.89 5.77
CA ASN C 91 -53.04 -24.35 4.69
C ASN C 91 -51.62 -24.06 5.08
N GLY C 92 -50.66 -24.64 4.35
CA GLY C 92 -49.26 -24.45 4.65
C GLY C 92 -48.63 -25.73 5.20
N PHE C 93 -49.48 -26.70 5.54
CA PHE C 93 -49.00 -27.99 6.06
C PHE C 93 -49.38 -29.04 5.00
N PRO C 94 -48.38 -29.61 4.29
CA PRO C 94 -48.65 -30.60 3.25
C PRO C 94 -48.84 -32.02 3.72
N MET C 95 -49.42 -32.80 2.80
CA MET C 95 -49.65 -34.22 2.97
C MET C 95 -48.22 -34.77 2.89
N ILE C 96 -47.95 -35.90 3.52
CA ILE C 96 -46.60 -36.44 3.54
C ILE C 96 -46.65 -37.90 3.13
N PRO C 97 -45.81 -38.32 2.18
CA PRO C 97 -44.83 -37.51 1.46
C PRO C 97 -45.50 -37.01 0.19
N ALA C 98 -44.85 -36.09 -0.49
CA ALA C 98 -45.35 -35.61 -1.76
C ALA C 98 -44.78 -36.69 -2.74
N THR C 99 -45.25 -36.73 -3.97
CA THR C 99 -44.75 -37.73 -4.91
C THR C 99 -43.36 -37.46 -5.51
N TRP C 100 -42.65 -38.54 -5.88
CA TRP C 100 -41.40 -38.38 -6.58
C TRP C 100 -41.92 -38.35 -8.00
N PRO C 101 -41.41 -37.46 -8.83
CA PRO C 101 -41.91 -37.41 -10.21
C PRO C 101 -41.43 -38.63 -11.02
N LEU C 102 -42.33 -39.20 -11.81
CA LEU C 102 -42.02 -40.38 -12.64
C LEU C 102 -41.02 -39.99 -13.69
N ALA C 103 -39.91 -40.72 -13.78
CA ALA C 103 -38.86 -40.39 -14.74
C ALA C 103 -39.25 -40.76 -16.16
N SER C 104 -40.15 -41.73 -16.29
CA SER C 104 -40.62 -42.19 -17.58
C SER C 104 -42.10 -42.57 -17.50
N ASN C 105 -42.93 -42.02 -18.39
CA ASN C 105 -44.33 -42.37 -18.38
C ASN C 105 -44.69 -43.42 -19.50
N LEU C 106 -43.71 -44.05 -20.11
CA LEU C 106 -44.01 -45.01 -21.18
C LEU C 106 -44.88 -46.16 -20.75
N LYS C 107 -44.51 -46.74 -19.62
CA LYS C 107 -45.25 -47.86 -19.06
C LYS C 107 -46.58 -47.38 -18.53
N LYS C 108 -46.59 -46.23 -17.85
CA LYS C 108 -47.85 -45.67 -17.37
C LYS C 108 -48.84 -45.53 -18.55
N ARG C 109 -48.37 -45.06 -19.71
CA ARG C 109 -49.30 -44.89 -20.83
C ARG C 109 -49.76 -46.24 -21.38
N ALA C 110 -48.80 -47.16 -21.54
CA ALA C 110 -49.12 -48.48 -22.06
C ALA C 110 -50.12 -49.21 -21.17
N ASP C 111 -49.90 -49.14 -19.84
CA ASP C 111 -50.80 -49.81 -18.93
C ASP C 111 -52.20 -49.21 -18.91
N ALA C 112 -52.34 -47.94 -19.29
CA ALA C 112 -53.67 -47.33 -19.30
C ALA C 112 -54.27 -47.50 -20.70
N ASP C 113 -53.58 -48.31 -21.51
CA ASP C 113 -54.01 -48.59 -22.88
C ASP C 113 -54.07 -47.37 -23.76
N LEU C 114 -53.06 -46.52 -23.70
CA LEU C 114 -53.04 -45.31 -24.54
C LEU C 114 -51.99 -45.58 -25.60
N ALA C 115 -52.18 -44.99 -26.77
CA ALA C 115 -51.30 -45.23 -27.91
C ALA C 115 -49.90 -44.62 -27.81
N ASP C 116 -48.92 -45.28 -28.43
CA ASP C 116 -47.52 -44.83 -28.41
C ASP C 116 -47.23 -44.07 -29.72
N GLY C 117 -48.30 -43.65 -30.37
CA GLY C 117 -48.13 -42.91 -31.61
C GLY C 117 -49.48 -42.71 -32.30
N PRO C 118 -49.54 -41.86 -33.33
CA PRO C 118 -50.77 -41.57 -34.09
C PRO C 118 -51.28 -42.93 -34.50
N VAL C 119 -52.55 -43.22 -34.25
CA VAL C 119 -52.98 -44.55 -34.57
C VAL C 119 -53.35 -44.70 -36.02
N SER C 120 -53.71 -43.61 -36.68
CA SER C 120 -54.04 -43.71 -38.09
C SER C 120 -53.36 -42.58 -38.82
N GLU C 121 -53.20 -42.71 -40.14
CA GLU C 121 -52.56 -41.66 -40.92
C GLU C 121 -53.37 -40.36 -40.79
N ARG C 122 -54.70 -40.48 -40.71
CA ARG C 122 -55.51 -39.29 -40.55
C ARG C 122 -55.02 -38.52 -39.30
N ASP C 123 -54.94 -39.21 -38.15
CA ASP C 123 -54.49 -38.57 -36.90
C ASP C 123 -53.12 -37.95 -37.04
N ASN C 124 -52.23 -38.67 -37.70
CA ASN C 124 -50.90 -38.16 -37.87
C ASN C 124 -50.99 -36.85 -38.62
N LEU C 125 -51.85 -36.79 -39.63
CA LEU C 125 -51.96 -35.56 -40.42
C LEU C 125 -52.53 -34.42 -39.57
N LEU C 126 -53.47 -34.72 -38.71
CA LEU C 126 -54.07 -33.69 -37.87
C LEU C 126 -53.09 -33.11 -36.85
N PHE C 127 -52.28 -33.98 -36.20
CA PHE C 127 -51.32 -33.50 -35.22
C PHE C 127 -50.32 -32.59 -35.92
N ARG C 128 -49.88 -33.01 -37.10
CA ARG C 128 -48.93 -32.23 -37.88
C ARG C 128 -49.54 -30.96 -38.46
N ALA C 129 -50.84 -31.00 -38.80
CA ALA C 129 -51.48 -29.80 -39.33
C ALA C 129 -51.52 -28.80 -38.16
N ALA C 130 -51.88 -29.28 -36.97
CA ALA C 130 -51.90 -28.43 -35.79
C ALA C 130 -50.57 -27.69 -35.66
N VAL C 131 -49.48 -28.41 -35.82
CA VAL C 131 -48.16 -27.79 -35.76
C VAL C 131 -48.00 -26.71 -36.83
N ARG C 132 -48.35 -27.05 -38.08
CA ARG C 132 -48.22 -26.12 -39.20
C ARG C 132 -49.11 -24.86 -39.01
N LEU C 133 -50.32 -25.03 -38.50
CA LEU C 133 -51.19 -23.87 -38.29
C LEU C 133 -50.72 -22.99 -37.11
N MET C 134 -50.22 -23.61 -36.03
CA MET C 134 -49.78 -22.87 -34.86
C MET C 134 -48.46 -22.12 -34.99
N PHE C 135 -47.52 -22.75 -35.67
CA PHE C 135 -46.17 -22.20 -35.82
C PHE C 135 -45.84 -21.55 -37.14
N SER C 136 -46.85 -21.25 -37.96
CA SER C 136 -46.51 -20.70 -39.27
C SER C 136 -46.33 -19.20 -39.48
N ASP C 137 -47.31 -18.36 -39.20
CA ASP C 137 -46.99 -16.99 -39.58
C ASP C 137 -46.82 -16.04 -38.42
N LEU C 138 -45.83 -16.35 -37.59
CA LEU C 138 -45.56 -15.62 -36.38
C LEU C 138 -44.98 -14.22 -36.53
N GLU C 139 -45.34 -13.37 -35.55
CA GLU C 139 -44.92 -11.98 -35.47
C GLU C 139 -44.13 -11.83 -34.21
N PRO C 140 -42.91 -11.30 -34.32
CA PRO C 140 -42.02 -11.09 -33.18
C PRO C 140 -42.64 -10.11 -32.18
N VAL C 141 -42.46 -10.39 -30.89
CA VAL C 141 -42.94 -9.51 -29.84
C VAL C 141 -41.86 -9.44 -28.76
N PRO C 142 -42.01 -8.57 -27.78
CA PRO C 142 -40.90 -8.62 -26.85
C PRO C 142 -41.05 -9.86 -25.98
N LEU C 143 -39.92 -10.40 -25.54
CA LEU C 143 -39.92 -11.54 -24.65
C LEU C 143 -40.22 -10.95 -23.27
N LYS C 144 -41.39 -11.25 -22.71
CA LYS C 144 -41.75 -10.74 -21.40
C LYS C 144 -41.34 -11.73 -20.30
N ILE C 145 -40.89 -11.19 -19.18
CA ILE C 145 -40.43 -11.95 -18.02
C ILE C 145 -41.18 -11.55 -16.75
N ARG C 146 -41.71 -12.53 -16.05
CA ARG C 146 -42.44 -12.31 -14.81
C ARG C 146 -41.49 -11.74 -13.74
N LYS C 147 -41.92 -10.68 -13.06
CA LYS C 147 -41.06 -10.08 -12.06
C LYS C 147 -40.94 -11.00 -10.87
N GLY C 148 -39.76 -11.05 -10.26
CA GLY C 148 -39.59 -11.93 -9.11
C GLY C 148 -39.52 -13.41 -9.42
N SER C 149 -39.76 -13.81 -10.67
CA SER C 149 -39.65 -15.24 -11.00
C SER C 149 -38.15 -15.61 -10.98
N SER C 150 -37.82 -16.84 -10.56
CA SER C 150 -36.41 -17.32 -10.47
C SER C 150 -35.83 -17.86 -11.78
N THR C 151 -34.53 -17.71 -12.00
CA THR C 151 -33.95 -18.26 -13.23
C THR C 151 -33.66 -19.76 -13.02
N CYS C 152 -33.88 -20.26 -11.81
CA CYS C 152 -33.62 -21.66 -11.49
C CYS C 152 -32.23 -22.09 -11.93
N ILE C 153 -32.06 -23.33 -12.40
CA ILE C 153 -30.72 -23.79 -12.74
C ILE C 153 -29.95 -23.02 -13.81
N PRO C 154 -28.70 -22.64 -13.49
CA PRO C 154 -27.97 -22.88 -12.24
C PRO C 154 -27.85 -21.68 -11.27
N TYR C 155 -28.25 -20.48 -11.71
CA TYR C 155 -28.10 -19.27 -10.90
C TYR C 155 -29.16 -18.95 -9.88
N PHE C 156 -30.39 -19.36 -10.14
CA PHE C 156 -31.46 -19.08 -9.22
C PHE C 156 -31.49 -17.56 -8.90
N SER C 157 -31.37 -16.72 -9.92
CA SER C 157 -31.46 -15.27 -9.70
C SER C 157 -32.92 -14.81 -9.83
N ASN C 158 -33.32 -13.81 -9.04
CA ASN C 158 -34.67 -13.22 -9.08
C ASN C 158 -34.57 -11.76 -9.48
N ASP C 159 -33.34 -11.32 -9.72
CA ASP C 159 -33.04 -9.96 -10.11
C ASP C 159 -33.37 -9.68 -11.59
N MET C 160 -34.25 -8.72 -11.86
CA MET C 160 -34.65 -8.44 -13.24
C MET C 160 -33.49 -8.08 -14.13
N GLY C 161 -32.58 -7.25 -13.63
CA GLY C 161 -31.44 -6.88 -14.43
C GLY C 161 -30.72 -8.13 -14.89
N THR C 162 -30.44 -9.03 -13.96
CA THR C 162 -29.73 -10.28 -14.24
C THR C 162 -30.57 -11.14 -15.18
N LYS C 163 -31.88 -11.19 -14.94
CA LYS C 163 -32.74 -12.00 -15.80
C LYS C 163 -32.74 -11.50 -17.23
N ILE C 164 -32.84 -10.18 -17.41
CA ILE C 164 -32.81 -9.60 -18.75
C ILE C 164 -31.49 -10.01 -19.43
N GLU C 165 -30.39 -9.90 -18.71
CA GLU C 165 -29.10 -10.25 -19.29
C GLU C 165 -29.06 -11.69 -19.71
N ILE C 166 -29.47 -12.59 -18.80
CA ILE C 166 -29.43 -14.03 -19.07
C ILE C 166 -30.22 -14.31 -20.32
N ALA C 167 -31.40 -13.72 -20.41
CA ALA C 167 -32.25 -13.91 -21.56
C ALA C 167 -31.65 -13.36 -22.85
N GLU C 168 -31.11 -12.15 -22.81
CA GLU C 168 -30.54 -11.58 -24.05
C GLU C 168 -29.35 -12.41 -24.48
N ARG C 169 -28.49 -12.75 -23.53
CA ARG C 169 -27.36 -13.59 -23.86
C ARG C 169 -27.88 -14.95 -24.41
N ALA C 170 -28.98 -15.46 -23.86
CA ALA C 170 -29.54 -16.72 -24.35
C ALA C 170 -29.96 -16.62 -25.80
N LEU C 171 -30.70 -15.55 -26.13
CA LEU C 171 -31.15 -15.37 -27.51
C LEU C 171 -29.97 -15.25 -28.48
N GLU C 172 -28.82 -14.81 -27.95
CA GLU C 172 -27.63 -14.66 -28.77
C GLU C 172 -26.88 -15.96 -28.96
N LYS C 173 -26.81 -16.76 -27.90
CA LYS C 173 -26.07 -18.01 -27.98
C LYS C 173 -26.93 -19.29 -28.23
N ALA C 174 -28.25 -19.14 -28.34
CA ALA C 174 -29.11 -20.31 -28.54
C ALA C 174 -28.67 -21.13 -29.75
N GLU C 175 -28.33 -20.45 -30.83
CA GLU C 175 -27.91 -21.15 -32.03
C GLU C 175 -26.70 -22.02 -31.81
N GLU C 176 -25.71 -21.48 -31.12
CA GLU C 176 -24.48 -22.21 -30.87
C GLU C 176 -24.74 -23.36 -29.86
N ALA C 177 -25.69 -23.15 -28.95
CA ALA C 177 -26.00 -24.20 -27.99
C ALA C 177 -26.78 -25.31 -28.71
N GLY C 178 -27.75 -24.92 -29.52
CA GLY C 178 -28.53 -25.88 -30.26
C GLY C 178 -27.61 -26.78 -31.08
N ASN C 179 -26.72 -26.17 -31.86
CA ASN C 179 -25.79 -26.95 -32.68
C ASN C 179 -24.92 -27.86 -31.86
N LEU C 180 -24.47 -27.42 -30.69
CA LEU C 180 -23.66 -28.30 -29.85
C LEU C 180 -24.51 -29.51 -29.47
N MET C 181 -25.77 -29.26 -29.16
CA MET C 181 -26.65 -30.34 -28.77
C MET C 181 -26.88 -31.28 -29.95
N LEU C 182 -26.94 -30.73 -31.16
CA LEU C 182 -27.13 -31.57 -32.35
C LEU C 182 -25.92 -32.52 -32.46
N GLN C 183 -24.77 -32.10 -31.96
CA GLN C 183 -23.60 -32.97 -32.08
C GLN C 183 -23.49 -33.84 -30.86
N GLY C 184 -24.52 -33.82 -30.02
CA GLY C 184 -24.52 -34.61 -28.80
C GLY C 184 -23.68 -34.03 -27.66
N LYS C 185 -23.24 -32.78 -27.81
CA LYS C 185 -22.43 -32.16 -26.77
C LYS C 185 -23.28 -31.39 -25.75
N PHE C 186 -24.10 -32.10 -25.00
CA PHE C 186 -24.96 -31.43 -24.05
C PHE C 186 -24.22 -30.78 -22.89
N ASP C 187 -23.18 -31.45 -22.38
CA ASP C 187 -22.42 -30.91 -21.27
C ASP C 187 -21.80 -29.59 -21.70
N ASP C 188 -21.35 -29.50 -22.95
CA ASP C 188 -20.76 -28.28 -23.46
C ASP C 188 -21.79 -27.18 -23.60
N ALA C 189 -22.97 -27.51 -24.10
CA ALA C 189 -23.97 -26.49 -24.25
C ALA C 189 -24.34 -25.96 -22.87
N TYR C 190 -24.39 -26.84 -21.87
CA TYR C 190 -24.77 -26.45 -20.51
C TYR C 190 -23.70 -25.60 -19.83
N GLN C 191 -22.45 -26.05 -19.89
CA GLN C 191 -21.32 -25.36 -19.32
C GLN C 191 -21.06 -24.00 -19.94
N LEU C 192 -21.20 -23.90 -21.25
CA LEU C 192 -20.99 -22.61 -21.93
C LEU C 192 -22.21 -21.68 -21.89
N HIS C 193 -23.42 -22.21 -22.03
CA HIS C 193 -24.58 -21.33 -22.12
C HIS C 193 -25.71 -21.58 -21.16
N GLN C 194 -25.45 -22.48 -20.20
CA GLN C 194 -26.42 -22.89 -19.20
C GLN C 194 -27.70 -23.40 -19.86
N MET C 195 -27.59 -23.95 -21.07
CA MET C 195 -28.81 -24.48 -21.69
C MET C 195 -28.77 -25.99 -21.51
N GLY C 196 -29.50 -26.47 -20.51
CA GLY C 196 -29.51 -27.88 -20.22
C GLY C 196 -29.56 -28.06 -18.72
N GLY C 197 -29.01 -29.16 -18.22
CA GLY C 197 -29.03 -29.37 -16.80
C GLY C 197 -30.25 -30.14 -16.32
N ALA C 198 -31.22 -29.44 -15.72
CA ALA C 198 -32.43 -30.07 -15.21
C ALA C 198 -33.50 -29.03 -14.84
N TYR C 199 -34.70 -29.54 -14.57
CA TYR C 199 -35.81 -28.75 -14.08
C TYR C 199 -35.59 -28.84 -12.58
N TYR C 200 -35.98 -27.80 -11.84
CA TYR C 200 -35.84 -27.76 -10.39
C TYR C 200 -37.25 -28.06 -9.88
N VAL C 201 -37.39 -29.19 -9.21
CA VAL C 201 -38.69 -29.64 -8.78
C VAL C 201 -39.09 -29.18 -7.40
N VAL C 202 -40.18 -28.43 -7.33
CA VAL C 202 -40.69 -27.94 -6.05
C VAL C 202 -42.10 -28.47 -5.92
N TYR C 203 -42.63 -28.39 -4.71
CA TYR C 203 -43.96 -28.86 -4.46
C TYR C 203 -44.87 -27.67 -4.13
N ARG C 204 -45.98 -27.54 -4.84
CA ARG C 204 -46.92 -26.44 -4.62
C ARG C 204 -48.19 -26.98 -4.00
N ALA C 205 -48.92 -26.14 -3.29
CA ALA C 205 -50.14 -26.62 -2.66
C ALA C 205 -51.35 -26.44 -3.51
N GLN C 206 -52.24 -27.42 -3.44
CA GLN C 206 -53.53 -27.27 -4.10
C GLN C 206 -54.26 -27.12 -2.77
N SER C 207 -54.53 -25.87 -2.41
CA SER C 207 -55.12 -25.56 -1.11
C SER C 207 -56.42 -26.21 -0.72
N THR C 208 -57.20 -26.63 -1.71
CA THR C 208 -58.46 -27.27 -1.41
C THR C 208 -58.50 -28.53 -2.25
N ASP C 209 -59.01 -29.59 -1.66
CA ASP C 209 -59.10 -30.87 -2.32
C ASP C 209 -60.35 -31.44 -1.70
N ALA C 210 -60.94 -32.44 -2.35
CA ALA C 210 -62.18 -33.03 -1.88
C ALA C 210 -62.14 -33.62 -0.50
N ILE C 211 -63.22 -33.38 0.22
CA ILE C 211 -63.41 -33.91 1.56
C ILE C 211 -64.89 -34.24 1.60
N THR C 212 -65.23 -35.35 2.24
CA THR C 212 -66.64 -35.73 2.37
C THR C 212 -66.91 -36.00 3.83
N LEU C 213 -68.19 -35.94 4.20
CA LEU C 213 -68.58 -36.19 5.57
C LEU C 213 -69.34 -37.51 5.56
N ASP C 214 -68.76 -38.52 6.19
CA ASP C 214 -69.38 -39.85 6.24
C ASP C 214 -70.64 -39.86 7.09
N PRO C 215 -71.81 -39.94 6.46
CA PRO C 215 -73.10 -39.94 7.16
C PRO C 215 -73.12 -40.93 8.33
N LYS C 216 -72.68 -42.14 8.05
CA LYS C 216 -72.65 -43.23 9.03
C LYS C 216 -71.84 -42.91 10.29
N THR C 217 -70.62 -42.42 10.09
CA THR C 217 -69.75 -42.14 11.22
C THR C 217 -69.72 -40.69 11.71
N GLY C 218 -70.22 -39.76 10.90
CA GLY C 218 -70.21 -38.37 11.31
C GLY C 218 -68.80 -37.79 11.20
N LYS C 219 -67.86 -38.59 10.69
CA LYS C 219 -66.46 -38.15 10.53
C LYS C 219 -66.16 -37.73 9.09
N PHE C 220 -65.22 -36.81 8.95
CA PHE C 220 -64.84 -36.35 7.62
C PHE C 220 -63.78 -37.30 7.09
N VAL C 221 -63.74 -37.39 5.77
CA VAL C 221 -62.80 -38.25 5.05
C VAL C 221 -62.19 -37.43 3.93
N SER C 222 -60.86 -37.37 3.88
CA SER C 222 -60.17 -36.61 2.83
C SER C 222 -59.86 -37.52 1.64
N LYS C 223 -59.94 -36.97 0.45
CA LYS C 223 -59.68 -37.78 -0.73
C LYS C 223 -58.23 -38.26 -0.72
N ASP C 224 -58.01 -39.55 -0.91
CA ASP C 224 -56.66 -40.06 -0.92
C ASP C 224 -55.97 -39.58 -2.17
N ARG C 225 -54.71 -39.21 -2.02
CA ARG C 225 -53.91 -38.82 -3.16
C ARG C 225 -52.75 -39.77 -3.19
N MET C 226 -52.65 -40.50 -4.29
CA MET C 226 -51.59 -41.48 -4.47
C MET C 226 -50.28 -40.82 -4.83
N VAL C 227 -49.19 -41.30 -4.22
CA VAL C 227 -47.87 -40.79 -4.54
C VAL C 227 -46.92 -41.96 -4.79
N ALA C 228 -45.91 -41.70 -5.59
CA ALA C 228 -44.89 -42.67 -5.95
C ALA C 228 -43.66 -42.48 -5.10
N ASP C 229 -43.10 -43.57 -4.58
CA ASP C 229 -41.86 -43.41 -3.86
C ASP C 229 -40.75 -43.38 -4.90
N PHE C 230 -39.52 -43.22 -4.43
CA PHE C 230 -38.37 -43.16 -5.32
C PHE C 230 -38.22 -44.33 -6.31
N GLU C 231 -38.37 -45.55 -5.81
CA GLU C 231 -38.18 -46.70 -6.66
C GLU C 231 -39.19 -46.69 -7.80
N TYR C 232 -40.44 -46.42 -7.46
CA TYR C 232 -41.48 -46.33 -8.44
C TYR C 232 -41.14 -45.23 -9.47
N ALA C 233 -40.72 -44.05 -9.00
CA ALA C 233 -40.40 -42.97 -9.93
C ALA C 233 -39.27 -43.26 -10.87
N VAL C 234 -38.22 -43.94 -10.38
CA VAL C 234 -37.12 -44.19 -11.29
C VAL C 234 -37.31 -45.41 -12.15
N THR C 235 -38.31 -46.23 -11.85
CA THR C 235 -38.53 -47.41 -12.70
C THR C 235 -39.82 -47.31 -13.54
N GLY C 236 -40.35 -46.09 -13.67
CA GLY C 236 -41.54 -45.88 -14.49
C GLY C 236 -42.67 -46.71 -13.92
N GLY C 237 -42.56 -47.02 -12.62
CA GLY C 237 -43.60 -47.80 -11.97
C GLY C 237 -43.39 -49.30 -12.01
N GLU C 238 -42.28 -49.77 -12.55
CA GLU C 238 -42.11 -51.22 -12.55
C GLU C 238 -41.82 -51.76 -11.16
N GLN C 239 -41.20 -50.95 -10.31
CA GLN C 239 -40.92 -51.39 -8.95
C GLN C 239 -41.36 -50.33 -7.99
N GLY C 240 -41.05 -50.53 -6.71
CA GLY C 240 -41.43 -49.55 -5.72
C GLY C 240 -42.94 -49.55 -5.59
N SER C 241 -43.50 -48.48 -5.02
CA SER C 241 -44.93 -48.44 -4.88
C SER C 241 -45.60 -47.09 -5.02
N LEU C 242 -46.90 -47.19 -5.24
CA LEU C 242 -47.80 -46.06 -5.39
C LEU C 242 -48.67 -46.18 -4.15
N PHE C 243 -48.68 -45.18 -3.28
CA PHE C 243 -49.52 -45.28 -2.09
C PHE C 243 -50.14 -43.94 -1.70
N ALA C 244 -51.15 -44.01 -0.84
CA ALA C 244 -51.86 -42.84 -0.38
C ALA C 244 -51.00 -41.98 0.54
N ALA C 245 -50.82 -40.71 0.17
CA ALA C 245 -50.05 -39.80 1.02
C ALA C 245 -50.86 -39.61 2.31
N SER C 246 -50.23 -39.20 3.40
CA SER C 246 -51.01 -38.97 4.60
C SER C 246 -51.48 -37.51 4.78
N LYS C 247 -52.78 -37.30 4.79
CA LYS C 247 -53.38 -35.97 4.95
C LYS C 247 -53.78 -35.70 6.40
N ASP C 248 -53.57 -36.70 7.24
CA ASP C 248 -53.89 -36.57 8.67
C ASP C 248 -53.17 -35.38 9.26
N ALA C 249 -53.89 -34.46 9.90
CA ALA C 249 -53.21 -33.30 10.51
C ALA C 249 -52.96 -33.43 12.02
N SER C 250 -53.34 -34.57 12.62
CA SER C 250 -53.13 -34.78 14.06
C SER C 250 -51.74 -34.37 14.50
N ARG C 251 -50.75 -34.79 13.72
CA ARG C 251 -49.37 -34.48 13.99
C ARG C 251 -49.08 -33.03 14.32
N LEU C 252 -49.82 -32.10 13.73
CA LEU C 252 -49.53 -30.69 13.99
C LEU C 252 -49.59 -30.36 15.47
N LYS C 253 -50.38 -31.13 16.20
CA LYS C 253 -50.52 -30.90 17.63
C LYS C 253 -49.21 -31.20 18.36
N GLU C 254 -48.81 -32.47 18.41
CA GLU C 254 -47.56 -32.79 19.09
C GLU C 254 -46.38 -32.05 18.45
N GLN C 255 -46.32 -31.98 17.12
CA GLN C 255 -45.19 -31.31 16.47
C GLN C 255 -45.06 -29.80 16.67
N TYR C 256 -46.17 -29.09 16.55
CA TYR C 256 -46.08 -27.64 16.64
C TYR C 256 -46.99 -27.02 17.68
N GLY C 257 -47.65 -27.88 18.45
CA GLY C 257 -48.56 -27.38 19.46
C GLY C 257 -49.71 -26.62 18.79
N ILE C 258 -50.07 -27.03 17.58
CA ILE C 258 -51.16 -26.36 16.90
C ILE C 258 -52.38 -27.19 17.13
N ASP C 259 -53.47 -26.52 17.50
CA ASP C 259 -54.73 -27.17 17.75
C ASP C 259 -55.38 -27.56 16.42
N VAL C 260 -55.72 -28.82 16.28
CA VAL C 260 -56.30 -29.29 15.03
C VAL C 260 -57.75 -29.67 15.27
N PRO C 261 -58.70 -28.87 14.76
CA PRO C 261 -60.11 -29.22 14.96
C PRO C 261 -60.43 -30.48 14.19
N ASP C 262 -61.52 -31.13 14.56
CA ASP C 262 -61.95 -32.35 13.90
C ASP C 262 -62.26 -32.06 12.43
N GLY C 263 -61.88 -32.99 11.57
CA GLY C 263 -62.15 -32.84 10.16
C GLY C 263 -61.35 -31.78 9.41
N PHE C 264 -60.16 -31.46 9.88
CA PHE C 264 -59.31 -30.52 9.16
C PHE C 264 -58.09 -31.36 8.75
N PHE C 265 -57.63 -31.23 7.51
CA PHE C 265 -56.52 -32.03 7.00
C PHE C 265 -55.37 -31.26 6.41
N CYS C 266 -54.29 -31.98 6.10
CA CYS C 266 -53.10 -31.39 5.48
C CYS C 266 -53.38 -31.26 3.97
N GLU C 267 -52.79 -30.24 3.34
CA GLU C 267 -52.99 -29.98 1.92
C GLU C 267 -52.38 -30.98 0.96
N ARG C 268 -53.06 -31.10 -0.17
CA ARG C 268 -52.60 -31.92 -1.26
C ARG C 268 -51.45 -31.12 -1.88
N ARG C 269 -50.34 -31.77 -2.17
CA ARG C 269 -49.24 -31.10 -2.81
C ARG C 269 -49.00 -31.67 -4.17
N ARG C 270 -48.65 -30.79 -5.09
CA ARG C 270 -48.42 -31.14 -6.47
C ARG C 270 -46.99 -30.73 -6.84
N THR C 271 -46.39 -31.42 -7.80
CA THR C 271 -45.04 -31.06 -8.22
C THR C 271 -45.14 -29.87 -9.19
N ALA C 272 -44.15 -28.99 -9.15
CA ALA C 272 -44.09 -27.84 -10.05
C ALA C 272 -42.61 -27.87 -10.47
N MET C 273 -42.32 -27.46 -11.69
CA MET C 273 -40.96 -27.48 -12.19
C MET C 273 -40.54 -26.10 -12.64
N GLY C 274 -39.32 -25.74 -12.28
CA GLY C 274 -38.75 -24.48 -12.72
C GLY C 274 -37.69 -24.85 -13.75
N GLY C 275 -37.83 -24.34 -14.96
CA GLY C 275 -36.85 -24.67 -15.98
C GLY C 275 -35.60 -23.81 -15.96
N PRO C 276 -34.49 -24.33 -16.48
CA PRO C 276 -33.25 -23.55 -16.51
C PRO C 276 -33.56 -22.36 -17.46
N PHE C 277 -33.57 -21.14 -16.93
CA PHE C 277 -33.97 -19.97 -17.72
C PHE C 277 -33.25 -19.73 -19.05
N ALA C 278 -31.95 -20.02 -19.15
CA ALA C 278 -31.26 -19.79 -20.42
C ALA C 278 -31.82 -20.69 -21.55
N LEU C 279 -32.34 -21.86 -21.20
CA LEU C 279 -32.92 -22.76 -22.20
C LEU C 279 -34.35 -22.32 -22.52
N ASN C 280 -35.09 -21.90 -21.49
CA ASN C 280 -36.48 -21.48 -21.67
C ASN C 280 -36.69 -20.21 -22.48
N ALA C 281 -35.78 -19.24 -22.33
CA ALA C 281 -35.87 -17.95 -23.01
C ALA C 281 -36.07 -18.09 -24.52
N PRO C 282 -35.19 -18.85 -25.17
CA PRO C 282 -35.26 -19.06 -26.63
C PRO C 282 -36.57 -19.71 -27.01
N ILE C 283 -37.10 -20.52 -26.08
CA ILE C 283 -38.35 -21.19 -26.34
C ILE C 283 -39.52 -20.23 -26.16
N MET C 284 -39.48 -19.43 -25.11
CA MET C 284 -40.56 -18.50 -24.85
C MET C 284 -40.64 -17.46 -25.96
N ALA C 285 -39.49 -17.09 -26.54
CA ALA C 285 -39.49 -16.10 -27.61
C ALA C 285 -40.32 -16.57 -28.83
N VAL C 286 -40.52 -17.88 -28.96
CA VAL C 286 -41.33 -18.42 -30.04
C VAL C 286 -42.74 -18.62 -29.52
N ALA C 287 -42.83 -19.15 -28.30
CA ALA C 287 -44.11 -19.44 -27.71
C ALA C 287 -45.08 -18.28 -27.64
N GLN C 288 -44.59 -17.10 -27.26
CA GLN C 288 -45.52 -15.98 -27.14
C GLN C 288 -46.17 -15.66 -28.48
N PRO C 289 -45.36 -15.58 -29.57
CA PRO C 289 -45.90 -15.31 -30.91
C PRO C 289 -46.91 -16.41 -31.27
N VAL C 290 -46.63 -17.65 -30.86
CA VAL C 290 -47.57 -18.71 -31.18
C VAL C 290 -48.87 -18.39 -30.48
N ARG C 291 -48.79 -18.02 -29.20
CA ARG C 291 -50.01 -17.70 -28.47
C ARG C 291 -50.75 -16.55 -29.17
N ASN C 292 -50.01 -15.51 -29.53
CA ASN C 292 -50.65 -14.39 -30.20
C ASN C 292 -51.40 -14.84 -31.46
N LYS C 293 -50.81 -15.76 -32.23
CA LYS C 293 -51.49 -16.25 -33.42
C LYS C 293 -52.73 -17.06 -33.12
N ILE C 294 -52.65 -18.09 -32.29
CA ILE C 294 -53.86 -18.86 -32.02
C ILE C 294 -54.96 -18.08 -31.27
N TYR C 295 -54.57 -17.10 -30.45
CA TYR C 295 -55.59 -16.35 -29.71
C TYR C 295 -56.26 -15.33 -30.63
N SER C 296 -55.61 -14.98 -31.73
CA SER C 296 -56.22 -14.06 -32.68
C SER C 296 -56.91 -14.89 -33.77
N LYS C 297 -56.14 -15.39 -34.74
CA LYS C 297 -56.76 -16.19 -35.81
C LYS C 297 -57.66 -17.34 -35.35
N TYR C 298 -57.33 -18.02 -34.26
CA TYR C 298 -58.16 -19.15 -33.84
C TYR C 298 -58.83 -18.86 -32.53
N ALA C 299 -59.14 -17.59 -32.36
CA ALA C 299 -59.75 -17.12 -31.15
C ALA C 299 -60.96 -17.91 -30.75
N TYR C 300 -61.74 -18.37 -31.72
CA TYR C 300 -62.96 -19.11 -31.40
C TYR C 300 -62.70 -20.31 -30.50
N THR C 301 -61.68 -21.07 -30.85
CA THR C 301 -61.38 -22.28 -30.09
C THR C 301 -60.47 -22.00 -28.88
N PHE C 302 -59.52 -21.08 -29.05
CA PHE C 302 -58.52 -20.80 -28.02
C PHE C 302 -58.53 -19.54 -27.14
N HIS C 303 -59.28 -18.49 -27.50
CA HIS C 303 -59.25 -17.26 -26.70
C HIS C 303 -60.48 -17.13 -25.79
N HIS C 304 -60.27 -17.25 -24.49
CA HIS C 304 -61.37 -17.19 -23.56
C HIS C 304 -61.15 -16.16 -22.46
N THR C 305 -62.08 -15.21 -22.36
CA THR C 305 -62.02 -14.12 -21.41
C THR C 305 -63.14 -14.17 -20.39
N THR C 306 -64.26 -13.55 -20.72
CA THR C 306 -65.38 -13.49 -19.79
C THR C 306 -66.34 -14.65 -19.93
N ARG C 307 -67.26 -14.75 -18.98
CA ARG C 307 -68.24 -15.82 -19.04
C ARG C 307 -69.22 -15.61 -20.19
N LEU C 308 -69.38 -14.36 -20.65
CA LEU C 308 -70.30 -14.09 -21.76
C LEU C 308 -69.59 -14.44 -23.06
N ASN C 309 -68.28 -14.19 -23.08
CA ASN C 309 -67.44 -14.53 -24.23
C ASN C 309 -67.65 -16.04 -24.51
N LYS C 310 -67.52 -16.84 -23.46
CA LYS C 310 -67.72 -18.28 -23.59
C LYS C 310 -69.17 -18.56 -23.96
N GLU C 311 -70.08 -17.89 -23.25
CA GLU C 311 -71.50 -18.09 -23.47
C GLU C 311 -71.97 -17.88 -24.92
N GLU C 312 -71.55 -16.78 -25.54
CA GLU C 312 -71.98 -16.52 -26.91
C GLU C 312 -71.72 -17.72 -27.81
N LYS C 313 -70.52 -18.32 -27.69
CA LYS C 313 -70.14 -19.47 -28.51
C LYS C 313 -70.98 -20.70 -28.23
N VAL C 314 -71.05 -21.07 -26.96
CA VAL C 314 -71.79 -22.26 -26.57
C VAL C 314 -73.33 -22.26 -26.76
N LYS C 315 -73.96 -21.08 -26.73
CA LYS C 315 -75.42 -21.08 -26.86
C LYS C 315 -75.86 -21.43 -28.28
N GLU C 316 -74.95 -21.33 -29.25
CA GLU C 316 -75.27 -21.68 -30.64
C GLU C 316 -75.22 -23.18 -30.88
N TRP C 317 -74.80 -23.92 -29.86
CA TRP C 317 -74.66 -25.36 -30.02
C TRP C 317 -75.92 -26.11 -29.65
N SER C 318 -76.12 -27.23 -30.34
CA SER C 318 -77.27 -28.04 -30.05
C SER C 318 -76.89 -28.99 -28.95
N LEU C 319 -75.58 -29.22 -28.81
CA LEU C 319 -75.08 -30.12 -27.77
C LEU C 319 -73.70 -29.62 -27.30
N CYS C 320 -73.49 -29.67 -25.99
CA CYS C 320 -72.23 -29.25 -25.37
C CYS C 320 -71.76 -30.34 -24.41
N VAL C 321 -70.58 -30.89 -24.67
CA VAL C 321 -70.03 -31.94 -23.79
C VAL C 321 -68.77 -31.36 -23.11
N ALA C 322 -68.85 -31.31 -21.79
CA ALA C 322 -67.81 -30.80 -20.90
C ALA C 322 -66.90 -31.98 -20.56
N THR C 323 -65.71 -32.02 -21.15
CA THR C 323 -64.82 -33.15 -20.89
C THR C 323 -63.85 -32.96 -19.74
N ASP C 324 -63.24 -34.08 -19.36
CA ASP C 324 -62.24 -34.14 -18.30
C ASP C 324 -61.10 -35.05 -18.74
N VAL C 325 -59.88 -34.66 -18.43
CA VAL C 325 -58.72 -35.46 -18.81
C VAL C 325 -58.07 -35.84 -17.52
N SER C 326 -57.73 -37.11 -17.37
CA SER C 326 -57.10 -37.54 -16.15
C SER C 326 -55.59 -37.28 -16.18
N ASP C 327 -55.08 -36.60 -15.15
CA ASP C 327 -53.62 -36.35 -14.99
C ASP C 327 -52.91 -36.02 -16.29
N HIS C 328 -53.38 -34.96 -16.95
CA HIS C 328 -52.83 -34.58 -18.22
C HIS C 328 -51.29 -34.46 -18.37
N ASP C 329 -50.66 -33.70 -17.48
CA ASP C 329 -49.23 -33.48 -17.61
C ASP C 329 -48.40 -34.76 -17.51
N THR C 330 -48.75 -35.64 -16.61
CA THR C 330 -47.92 -36.83 -16.51
C THR C 330 -48.24 -37.88 -17.62
N PHE C 331 -49.40 -37.82 -18.28
CA PHE C 331 -49.69 -38.77 -19.36
C PHE C 331 -49.22 -38.22 -20.71
N TRP C 332 -48.89 -36.93 -20.76
CA TRP C 332 -48.47 -36.32 -21.99
C TRP C 332 -47.39 -37.14 -22.67
N PRO C 333 -47.62 -37.50 -23.94
CA PRO C 333 -46.70 -38.33 -24.72
C PRO C 333 -45.48 -37.76 -25.37
N GLY C 334 -44.32 -38.33 -25.01
CA GLY C 334 -43.12 -37.91 -25.65
C GLY C 334 -43.18 -38.12 -27.15
N TRP C 335 -43.96 -39.08 -27.62
CA TRP C 335 -43.98 -39.26 -29.06
C TRP C 335 -44.54 -37.97 -29.69
N LEU C 336 -45.45 -37.25 -29.03
CA LEU C 336 -45.95 -36.00 -29.64
C LEU C 336 -44.82 -34.96 -29.67
N ARG C 337 -43.99 -34.92 -28.63
CA ARG C 337 -42.87 -33.99 -28.68
C ARG C 337 -42.06 -34.29 -29.97
N ASP C 338 -41.79 -35.57 -30.22
CA ASP C 338 -40.98 -35.89 -31.39
C ASP C 338 -41.73 -35.60 -32.68
N LEU C 339 -43.03 -35.81 -32.69
CA LEU C 339 -43.80 -35.54 -33.90
C LEU C 339 -43.74 -34.02 -34.19
N ILE C 340 -44.02 -33.20 -33.18
CA ILE C 340 -43.96 -31.74 -33.34
C ILE C 340 -42.58 -31.27 -33.86
N CYS C 341 -41.50 -31.76 -33.25
CA CYS C 341 -40.17 -31.39 -33.66
C CYS C 341 -39.94 -31.80 -35.11
N ASP C 342 -40.32 -33.02 -35.43
CA ASP C 342 -40.17 -33.52 -36.79
C ASP C 342 -40.91 -32.64 -37.78
N GLU C 343 -42.15 -32.27 -37.46
CA GLU C 343 -42.91 -31.39 -38.35
C GLU C 343 -42.30 -29.98 -38.40
N LEU C 344 -41.81 -29.48 -37.25
CA LEU C 344 -41.21 -28.13 -37.27
C LEU C 344 -40.02 -28.17 -38.23
N LEU C 345 -39.29 -29.29 -38.24
CA LEU C 345 -38.14 -29.36 -39.13
C LEU C 345 -38.63 -29.37 -40.57
N ASN C 346 -39.71 -30.11 -40.87
CA ASN C 346 -40.25 -30.16 -42.22
C ASN C 346 -40.70 -28.76 -42.67
N MET C 347 -41.16 -27.93 -41.71
CA MET C 347 -41.60 -26.58 -42.04
C MET C 347 -40.44 -25.64 -42.29
N GLY C 348 -39.23 -26.08 -41.98
CA GLY C 348 -38.11 -25.20 -42.22
C GLY C 348 -37.59 -24.48 -40.97
N TYR C 349 -38.04 -24.86 -39.77
CA TYR C 349 -37.52 -24.22 -38.55
C TYR C 349 -36.04 -24.55 -38.38
N ALA C 350 -35.27 -23.60 -37.87
CA ALA C 350 -33.85 -23.81 -37.64
C ALA C 350 -33.69 -25.13 -36.86
N PRO C 351 -32.80 -26.03 -37.32
CA PRO C 351 -32.62 -27.30 -36.59
C PRO C 351 -32.10 -27.09 -35.18
N TRP C 352 -31.17 -26.15 -35.04
CA TRP C 352 -30.61 -25.89 -33.71
C TRP C 352 -31.71 -25.49 -32.72
N TRP C 353 -32.71 -24.76 -33.20
CA TRP C 353 -33.77 -24.32 -32.32
C TRP C 353 -34.70 -25.47 -31.94
N VAL C 354 -34.99 -26.31 -32.92
CA VAL C 354 -35.87 -27.45 -32.67
C VAL C 354 -35.17 -28.39 -31.71
N LYS C 355 -33.87 -28.53 -31.84
CA LYS C 355 -33.13 -29.38 -30.91
C LYS C 355 -33.21 -28.80 -29.49
N LEU C 356 -33.19 -27.46 -29.36
CA LEU C 356 -33.31 -26.86 -28.01
C LEU C 356 -34.70 -27.22 -27.48
N PHE C 357 -35.72 -27.07 -28.32
CA PHE C 357 -37.09 -27.37 -27.93
C PHE C 357 -37.23 -28.86 -27.54
N GLU C 358 -36.69 -29.74 -28.37
CA GLU C 358 -36.77 -31.17 -28.10
C GLU C 358 -36.17 -31.50 -26.73
N THR C 359 -34.98 -30.97 -26.49
CA THR C 359 -34.22 -31.20 -25.27
C THR C 359 -34.94 -30.67 -24.04
N SER C 360 -35.65 -29.55 -24.17
CA SER C 360 -36.40 -28.98 -23.05
C SER C 360 -37.49 -29.95 -22.65
N LEU C 361 -37.85 -30.89 -23.51
CA LEU C 361 -38.90 -31.84 -23.15
C LEU C 361 -38.35 -33.26 -22.80
N LYS C 362 -37.04 -33.37 -22.52
CA LYS C 362 -36.44 -34.66 -22.16
C LYS C 362 -35.48 -34.47 -21.00
N LEU C 363 -35.49 -33.26 -20.47
CA LEU C 363 -34.58 -32.89 -19.39
C LEU C 363 -34.71 -33.58 -18.03
N PRO C 364 -33.57 -33.85 -17.39
CA PRO C 364 -33.50 -34.49 -16.08
C PRO C 364 -34.25 -33.61 -15.08
N VAL C 365 -34.60 -34.18 -13.94
CA VAL C 365 -35.29 -33.38 -12.94
C VAL C 365 -34.59 -33.49 -11.61
N TYR C 366 -34.40 -32.35 -10.95
CA TYR C 366 -33.75 -32.35 -9.66
C TYR C 366 -34.83 -32.21 -8.63
N VAL C 367 -34.98 -33.28 -7.84
CA VAL C 367 -36.00 -33.37 -6.80
C VAL C 367 -35.52 -32.75 -5.51
N GLY C 368 -36.30 -31.80 -5.00
CA GLY C 368 -35.94 -31.10 -3.79
C GLY C 368 -36.32 -31.79 -2.51
N ALA C 369 -37.49 -31.47 -1.99
CA ALA C 369 -37.86 -32.06 -0.72
C ALA C 369 -39.30 -32.52 -0.60
N PRO C 370 -39.62 -33.74 -1.06
CA PRO C 370 -41.00 -34.27 -0.99
C PRO C 370 -41.50 -34.58 0.42
N ALA C 371 -40.57 -34.77 1.35
CA ALA C 371 -40.90 -35.10 2.72
C ALA C 371 -39.66 -34.87 3.56
N PRO C 372 -39.83 -34.87 4.88
CA PRO C 372 -38.68 -34.67 5.76
C PRO C 372 -37.69 -35.81 5.47
N GLU C 373 -36.41 -35.49 5.37
CA GLU C 373 -35.39 -36.53 5.13
C GLU C 373 -35.40 -37.20 3.76
N GLN C 374 -36.05 -36.60 2.77
CA GLN C 374 -36.07 -37.19 1.44
C GLN C 374 -35.78 -36.17 0.37
N GLY C 375 -35.22 -36.63 -0.74
CA GLY C 375 -34.96 -35.72 -1.84
C GLY C 375 -33.55 -35.43 -2.16
N HIS C 376 -33.30 -34.21 -2.65
CA HIS C 376 -31.97 -33.76 -3.03
C HIS C 376 -31.35 -34.82 -3.91
N THR C 377 -32.04 -35.15 -4.99
CA THR C 377 -31.58 -36.19 -5.89
C THR C 377 -31.89 -35.80 -7.30
N LEU C 378 -30.91 -35.95 -8.18
CA LEU C 378 -31.12 -35.62 -9.56
C LEU C 378 -31.54 -36.92 -10.25
N LEU C 379 -32.66 -36.88 -10.98
CA LEU C 379 -33.14 -38.00 -11.76
C LEU C 379 -32.79 -37.72 -13.23
N GLY C 380 -32.10 -38.67 -13.87
CA GLY C 380 -31.73 -38.51 -15.26
C GLY C 380 -30.31 -37.93 -15.41
N ASP C 381 -29.64 -38.26 -16.49
CA ASP C 381 -28.29 -37.80 -16.77
C ASP C 381 -28.34 -36.57 -17.68
N PRO C 382 -27.82 -35.42 -17.22
CA PRO C 382 -27.83 -34.22 -18.06
C PRO C 382 -26.96 -34.31 -19.29
N SER C 383 -25.94 -35.18 -19.26
CA SER C 383 -25.09 -35.37 -20.43
C SER C 383 -25.85 -35.92 -21.64
N ASN C 384 -26.96 -36.61 -21.41
CA ASN C 384 -27.75 -37.04 -22.58
C ASN C 384 -29.19 -37.08 -22.16
N PRO C 385 -29.83 -35.92 -22.20
CA PRO C 385 -31.25 -35.80 -21.80
C PRO C 385 -32.15 -36.87 -22.44
N ASP C 386 -32.82 -37.68 -21.63
CA ASP C 386 -33.68 -38.73 -22.20
C ASP C 386 -34.84 -39.11 -21.29
N LEU C 387 -35.27 -38.17 -20.45
CA LEU C 387 -36.39 -38.51 -19.59
C LEU C 387 -37.72 -38.44 -20.35
N GLU C 388 -38.74 -39.12 -19.85
CA GLU C 388 -40.07 -39.09 -20.46
C GLU C 388 -41.06 -38.75 -19.33
N VAL C 389 -40.94 -37.58 -18.73
CA VAL C 389 -41.81 -37.25 -17.61
C VAL C 389 -43.20 -36.84 -17.99
N GLY C 390 -43.43 -36.63 -19.28
CA GLY C 390 -44.72 -36.15 -19.70
C GLY C 390 -44.45 -34.70 -20.02
N LEU C 391 -45.25 -33.78 -19.51
CA LEU C 391 -45.06 -32.37 -19.78
C LEU C 391 -44.53 -31.69 -18.50
N SER C 392 -43.43 -30.97 -18.59
CA SER C 392 -42.89 -30.29 -17.42
C SER C 392 -43.60 -28.96 -17.34
N SER C 393 -44.11 -28.60 -16.17
CA SER C 393 -44.79 -27.33 -16.00
C SER C 393 -43.91 -26.10 -16.24
N GLY C 394 -42.60 -26.23 -16.14
CA GLY C 394 -41.81 -25.03 -16.38
C GLY C 394 -41.17 -24.93 -17.75
N GLN C 395 -41.61 -25.76 -18.68
CA GLN C 395 -41.02 -25.71 -20.01
C GLN C 395 -41.63 -24.45 -20.63
N GLY C 396 -40.89 -23.77 -21.51
CA GLY C 396 -41.42 -22.51 -22.05
C GLY C 396 -42.74 -22.45 -22.84
N ALA C 397 -43.20 -23.61 -23.27
CA ALA C 397 -44.41 -23.69 -24.07
C ALA C 397 -45.39 -24.69 -23.52
N THR C 398 -45.32 -24.94 -22.22
CA THR C 398 -46.20 -25.97 -21.65
C THR C 398 -47.66 -25.85 -22.02
N ASP C 399 -48.21 -24.64 -21.91
CA ASP C 399 -49.61 -24.47 -22.26
C ASP C 399 -49.88 -24.89 -23.72
N LEU C 400 -49.02 -24.45 -24.64
CA LEU C 400 -49.16 -24.77 -26.05
C LEU C 400 -49.12 -26.28 -26.31
N MET C 401 -48.23 -26.98 -25.59
CA MET C 401 -48.08 -28.43 -25.74
C MET C 401 -49.32 -29.16 -25.31
N GLY C 402 -49.89 -28.71 -24.19
CA GLY C 402 -51.11 -29.35 -23.71
C GLY C 402 -52.27 -29.03 -24.65
N THR C 403 -52.31 -27.78 -25.13
CA THR C 403 -53.40 -27.40 -26.01
C THR C 403 -53.35 -28.16 -27.35
N LEU C 404 -52.16 -28.29 -27.94
CA LEU C 404 -52.01 -28.97 -29.21
C LEU C 404 -52.45 -30.42 -29.02
N LEU C 405 -51.88 -31.08 -28.02
CA LEU C 405 -52.27 -32.48 -27.75
C LEU C 405 -53.75 -32.64 -27.63
N MET C 406 -54.35 -31.92 -26.68
CA MET C 406 -55.78 -32.08 -26.43
C MET C 406 -56.71 -31.60 -27.52
N SER C 407 -56.41 -30.48 -28.16
CA SER C 407 -57.35 -30.00 -29.17
C SER C 407 -57.52 -31.06 -30.25
N ILE C 408 -56.41 -31.65 -30.71
CA ILE C 408 -56.47 -32.69 -31.73
C ILE C 408 -57.10 -33.97 -31.17
N THR C 409 -56.79 -34.29 -29.92
CA THR C 409 -57.38 -35.46 -29.28
C THR C 409 -58.93 -35.33 -29.29
N TYR C 410 -59.47 -34.16 -28.89
CA TYR C 410 -60.94 -34.02 -28.88
C TYR C 410 -61.50 -34.06 -30.32
N LEU C 411 -60.84 -33.40 -31.27
CA LEU C 411 -61.31 -33.43 -32.66
C LEU C 411 -61.37 -34.88 -33.15
N VAL C 412 -60.31 -35.65 -32.92
CA VAL C 412 -60.31 -37.05 -33.30
C VAL C 412 -61.50 -37.73 -32.65
N MET C 413 -61.73 -37.47 -31.37
CA MET C 413 -62.86 -38.11 -30.70
C MET C 413 -64.18 -37.79 -31.44
N GLN C 414 -64.35 -36.54 -31.83
CA GLN C 414 -65.56 -36.14 -32.54
C GLN C 414 -65.62 -36.83 -33.90
N LEU C 415 -64.48 -36.95 -34.57
CA LEU C 415 -64.43 -37.65 -35.86
C LEU C 415 -64.76 -39.13 -35.69
N ASP C 416 -64.05 -39.79 -34.78
CA ASP C 416 -64.27 -41.22 -34.55
C ASP C 416 -65.68 -41.58 -34.14
N HIS C 417 -66.27 -40.83 -33.21
CA HIS C 417 -67.60 -41.20 -32.74
C HIS C 417 -68.77 -40.42 -33.31
N THR C 418 -68.53 -39.32 -34.01
CA THR C 418 -69.69 -38.59 -34.50
C THR C 418 -69.65 -38.09 -35.93
N ALA C 419 -68.46 -37.87 -36.49
CA ALA C 419 -68.43 -37.32 -37.84
C ALA C 419 -67.58 -38.01 -38.90
N PRO C 420 -67.74 -39.36 -39.06
CA PRO C 420 -66.95 -40.09 -40.08
C PRO C 420 -67.05 -39.45 -41.48
N HIS C 421 -68.19 -38.82 -41.75
CA HIS C 421 -68.39 -38.18 -43.05
C HIS C 421 -67.38 -37.06 -43.30
N LEU C 422 -66.70 -36.63 -42.25
CA LEU C 422 -65.72 -35.58 -42.42
C LEU C 422 -64.32 -36.12 -42.79
N ASN C 423 -64.10 -37.42 -42.62
CA ASN C 423 -62.77 -37.98 -42.93
C ASN C 423 -62.31 -37.74 -44.35
N SER C 424 -63.23 -37.91 -45.31
CA SER C 424 -62.85 -37.75 -46.72
C SER C 424 -62.26 -36.38 -46.97
N ARG C 425 -62.40 -35.50 -45.99
CA ARG C 425 -61.83 -34.17 -46.13
C ARG C 425 -60.42 -34.02 -45.63
N ILE C 426 -59.90 -35.07 -45.00
CA ILE C 426 -58.54 -35.05 -44.45
C ILE C 426 -57.81 -36.17 -45.19
N LYS C 427 -57.16 -35.81 -46.29
CA LYS C 427 -56.49 -36.80 -47.15
C LYS C 427 -55.00 -36.64 -47.27
N ASP C 428 -54.52 -35.45 -46.98
CA ASP C 428 -53.10 -35.15 -47.09
C ASP C 428 -52.83 -33.88 -46.29
N MET C 429 -51.59 -33.42 -46.26
CA MET C 429 -51.30 -32.24 -45.45
C MET C 429 -52.16 -31.02 -45.78
N PRO C 430 -52.21 -30.62 -47.06
CA PRO C 430 -53.02 -29.43 -47.43
C PRO C 430 -54.48 -29.54 -47.00
N SER C 431 -55.11 -30.66 -47.29
CA SER C 431 -56.50 -30.79 -46.90
C SER C 431 -56.65 -30.83 -45.37
N ALA C 432 -55.65 -31.41 -44.69
CA ALA C 432 -55.68 -31.52 -43.24
C ALA C 432 -55.63 -30.12 -42.67
N CYS C 433 -54.62 -29.37 -43.11
CA CYS C 433 -54.47 -27.99 -42.67
C CYS C 433 -55.75 -27.17 -42.95
N ARG C 434 -56.31 -27.31 -44.17
CA ARG C 434 -57.53 -26.58 -44.54
C ARG C 434 -58.68 -26.92 -43.65
N PHE C 435 -58.87 -28.21 -43.38
CA PHE C 435 -59.96 -28.62 -42.52
C PHE C 435 -59.77 -28.14 -41.08
N LEU C 436 -58.55 -28.27 -40.56
CA LEU C 436 -58.34 -27.88 -39.17
C LEU C 436 -58.44 -26.36 -39.04
N ASP C 437 -57.99 -25.64 -40.06
CA ASP C 437 -58.08 -24.17 -40.00
C ASP C 437 -59.56 -23.77 -39.85
N SER C 438 -60.41 -24.46 -40.58
CA SER C 438 -61.83 -24.15 -40.53
C SER C 438 -62.46 -24.57 -39.20
N TYR C 439 -62.11 -25.77 -38.76
CA TYR C 439 -62.62 -26.30 -37.51
C TYR C 439 -62.19 -25.41 -36.35
N TRP C 440 -60.93 -24.98 -36.33
CA TRP C 440 -60.51 -24.14 -35.23
C TRP C 440 -61.20 -22.77 -35.24
N GLN C 441 -61.73 -22.35 -36.39
CA GLN C 441 -62.41 -21.05 -36.44
C GLN C 441 -63.88 -21.22 -36.10
N GLY C 442 -64.28 -22.44 -35.71
CA GLY C 442 -65.66 -22.68 -35.37
C GLY C 442 -66.59 -22.77 -36.57
N HIS C 443 -66.03 -22.92 -37.77
CA HIS C 443 -66.81 -23.01 -38.98
C HIS C 443 -67.36 -24.37 -39.37
N GLU C 444 -67.22 -25.38 -38.53
CA GLU C 444 -67.73 -26.70 -38.88
C GLU C 444 -68.87 -27.08 -37.97
N GLU C 445 -69.55 -28.18 -38.26
CA GLU C 445 -70.67 -28.59 -37.43
C GLU C 445 -70.19 -29.20 -36.12
N ILE C 446 -68.90 -29.45 -36.03
CA ILE C 446 -68.35 -29.93 -34.75
C ILE C 446 -67.44 -28.81 -34.31
N ARG C 447 -67.51 -28.48 -33.02
CA ARG C 447 -66.70 -27.39 -32.53
C ARG C 447 -66.14 -27.68 -31.15
N GLN C 448 -65.31 -26.77 -30.66
CA GLN C 448 -64.75 -26.94 -29.34
C GLN C 448 -64.18 -25.63 -28.85
N ILE C 449 -64.09 -25.52 -27.53
CA ILE C 449 -63.42 -24.40 -26.96
C ILE C 449 -62.51 -25.12 -25.96
N SER C 450 -61.25 -24.80 -26.01
CA SER C 450 -60.37 -25.47 -25.09
C SER C 450 -59.14 -24.68 -24.70
N LYS C 451 -58.49 -25.19 -23.67
CA LYS C 451 -57.25 -24.68 -23.15
C LYS C 451 -56.68 -25.84 -22.34
N SER C 452 -55.48 -26.27 -22.72
CA SER C 452 -54.78 -27.37 -22.04
C SER C 452 -55.74 -28.53 -21.86
N ASP C 453 -56.03 -28.88 -20.61
CA ASP C 453 -56.91 -30.01 -20.33
C ASP C 453 -58.36 -29.66 -19.97
N ASP C 454 -58.77 -28.43 -20.29
CA ASP C 454 -60.15 -28.06 -20.02
C ASP C 454 -60.75 -27.79 -21.40
N ALA C 455 -61.97 -28.27 -21.60
CA ALA C 455 -62.62 -28.09 -22.89
C ALA C 455 -64.09 -28.37 -22.87
N MET C 456 -64.74 -27.87 -23.91
CA MET C 456 -66.13 -28.15 -24.11
C MET C 456 -66.26 -28.38 -25.60
N LEU C 457 -66.85 -29.52 -25.90
CA LEU C 457 -67.05 -29.97 -27.28
C LEU C 457 -68.48 -29.70 -27.73
N GLY C 458 -68.62 -29.09 -28.91
CA GLY C 458 -69.94 -28.78 -29.41
C GLY C 458 -70.33 -29.39 -30.76
N TRP C 459 -71.64 -29.54 -30.93
CA TRP C 459 -72.24 -30.04 -32.17
C TRP C 459 -73.38 -29.08 -32.50
N THR C 460 -73.43 -28.62 -33.75
CA THR C 460 -74.54 -27.77 -34.18
C THR C 460 -75.51 -28.77 -34.81
N LYS C 461 -76.47 -28.31 -35.60
CA LYS C 461 -77.43 -29.21 -36.23
C LYS C 461 -76.68 -29.90 -37.34
N GLY C 462 -77.02 -31.15 -37.62
CA GLY C 462 -76.33 -31.82 -38.70
C GLY C 462 -76.20 -33.32 -38.55
N ARG C 463 -75.46 -33.90 -39.48
CA ARG C 463 -75.23 -35.32 -39.48
C ARG C 463 -74.49 -35.81 -38.25
N ALA C 464 -73.57 -34.98 -37.75
CA ALA C 464 -72.78 -35.36 -36.57
C ALA C 464 -73.54 -35.35 -35.24
N LEU C 465 -74.56 -34.50 -35.15
CA LEU C 465 -75.33 -34.33 -33.91
C LEU C 465 -75.85 -35.58 -33.22
N VAL C 466 -76.32 -36.53 -34.01
CA VAL C 466 -76.85 -37.75 -33.41
C VAL C 466 -75.67 -38.52 -32.83
N GLY C 467 -74.53 -38.38 -33.49
CA GLY C 467 -73.31 -39.07 -33.06
C GLY C 467 -72.86 -38.44 -31.73
N GLY C 468 -73.03 -37.13 -31.65
CA GLY C 468 -72.70 -36.40 -30.46
C GLY C 468 -73.44 -36.96 -29.26
N HIS C 469 -74.72 -37.26 -29.41
CA HIS C 469 -75.45 -37.77 -28.27
C HIS C 469 -74.96 -39.13 -27.86
N ARG C 470 -74.59 -39.96 -28.84
CA ARG C 470 -74.09 -41.30 -28.52
C ARG C 470 -72.75 -41.21 -27.77
N LEU C 471 -71.94 -40.22 -28.13
CA LEU C 471 -70.63 -40.03 -27.48
C LEU C 471 -70.85 -39.66 -26.03
N PHE C 472 -71.75 -38.70 -25.85
CA PHE C 472 -72.10 -38.18 -24.53
C PHE C 472 -72.62 -39.31 -23.68
N GLU C 473 -73.42 -40.19 -24.30
CA GLU C 473 -74.00 -41.34 -23.62
C GLU C 473 -72.87 -42.29 -23.26
N MET C 474 -71.91 -42.42 -24.18
CA MET C 474 -70.77 -43.30 -23.96
C MET C 474 -69.96 -42.79 -22.77
N LEU C 475 -69.80 -41.47 -22.69
CA LEU C 475 -69.06 -40.87 -21.57
C LEU C 475 -69.82 -41.12 -20.28
N LYS C 476 -71.11 -40.79 -20.27
CA LYS C 476 -71.92 -41.01 -19.05
C LYS C 476 -71.76 -42.45 -18.59
N GLU C 477 -71.77 -43.36 -19.55
CA GLU C 477 -71.65 -44.78 -19.23
C GLU C 477 -70.34 -44.99 -18.49
N GLY C 478 -69.30 -44.36 -19.03
CA GLY C 478 -67.99 -44.42 -18.41
C GLY C 478 -67.31 -45.78 -18.38
N LYS C 479 -67.59 -46.62 -19.35
CA LYS C 479 -66.98 -47.96 -19.38
C LYS C 479 -65.84 -48.07 -20.39
N VAL C 480 -65.96 -47.30 -21.47
CA VAL C 480 -64.98 -47.33 -22.54
C VAL C 480 -64.32 -45.97 -22.80
N ASN C 481 -62.98 -45.93 -22.84
CA ASN C 481 -62.32 -44.64 -23.07
C ASN C 481 -62.58 -44.23 -24.51
N PRO C 482 -63.21 -43.07 -24.74
CA PRO C 482 -63.48 -42.66 -26.13
C PRO C 482 -62.28 -42.26 -26.95
N SER C 483 -61.10 -42.30 -26.34
CA SER C 483 -59.91 -41.88 -27.07
C SER C 483 -58.75 -42.84 -26.89
N PRO C 484 -57.92 -42.95 -27.92
CA PRO C 484 -56.77 -43.86 -27.79
C PRO C 484 -55.56 -43.07 -27.25
N TYR C 485 -55.70 -41.74 -27.16
CA TYR C 485 -54.58 -40.93 -26.73
C TYR C 485 -54.44 -40.54 -25.27
N MET C 486 -55.56 -40.22 -24.62
CA MET C 486 -55.54 -39.83 -23.21
C MET C 486 -56.80 -40.43 -22.57
N LYS C 487 -56.88 -40.41 -21.24
CA LYS C 487 -58.04 -40.92 -20.53
C LYS C 487 -59.02 -39.78 -20.44
N ILE C 488 -60.09 -39.87 -21.23
CA ILE C 488 -61.10 -38.83 -21.28
C ILE C 488 -62.38 -39.30 -20.63
N SER C 489 -63.05 -38.41 -19.88
CA SER C 489 -64.35 -38.72 -19.26
C SER C 489 -65.17 -37.43 -19.33
N TYR C 490 -66.34 -37.40 -18.72
CA TYR C 490 -67.09 -36.15 -18.73
C TYR C 490 -66.86 -35.55 -17.35
N GLU C 491 -66.81 -34.21 -17.29
CA GLU C 491 -66.62 -33.51 -16.01
C GLU C 491 -67.90 -33.58 -15.16
N HIS C 492 -67.79 -34.01 -13.91
CA HIS C 492 -68.95 -34.07 -13.03
C HIS C 492 -69.27 -32.62 -12.60
N GLY C 493 -70.13 -31.95 -13.36
CA GLY C 493 -70.45 -30.58 -13.06
C GLY C 493 -69.64 -29.78 -14.07
N GLY C 494 -70.14 -29.78 -15.30
CA GLY C 494 -69.43 -29.10 -16.36
C GLY C 494 -69.04 -27.66 -16.12
N ALA C 495 -67.77 -27.36 -16.34
CA ALA C 495 -67.33 -25.98 -16.18
C ALA C 495 -66.23 -25.78 -17.20
N PHE C 496 -65.87 -24.54 -17.48
CA PHE C 496 -64.80 -24.24 -18.43
C PHE C 496 -64.03 -23.02 -17.96
N LEU C 497 -62.73 -23.22 -17.72
CA LEU C 497 -61.85 -22.15 -17.28
C LEU C 497 -62.43 -21.37 -16.13
N GLY C 498 -62.98 -22.08 -15.16
CA GLY C 498 -63.52 -21.43 -13.99
C GLY C 498 -65.01 -21.11 -13.94
N ASP C 499 -65.66 -21.03 -15.10
CA ASP C 499 -67.09 -20.74 -15.13
C ASP C 499 -67.93 -22.00 -15.30
N ILE C 500 -68.92 -22.16 -14.44
CA ILE C 500 -69.81 -23.31 -14.52
C ILE C 500 -70.90 -23.04 -15.57
N LEU C 501 -71.21 -24.05 -16.39
CA LEU C 501 -72.26 -23.91 -17.39
C LEU C 501 -73.56 -24.28 -16.68
N LEU C 502 -74.33 -23.24 -16.33
CA LEU C 502 -75.61 -23.44 -15.64
C LEU C 502 -76.74 -23.63 -16.67
N TYR C 503 -77.34 -24.82 -16.60
CA TYR C 503 -78.43 -25.28 -17.45
C TYR C 503 -79.80 -25.11 -16.75
N ASP C 504 -80.86 -24.81 -17.51
CA ASP C 504 -82.18 -24.70 -16.90
C ASP C 504 -82.83 -26.05 -17.10
N SER C 505 -84.16 -26.12 -16.94
CA SER C 505 -84.92 -27.37 -17.07
C SER C 505 -84.84 -28.11 -18.39
N ARG C 506 -84.50 -27.38 -19.45
CA ARG C 506 -84.41 -27.97 -20.78
C ARG C 506 -83.10 -28.71 -20.99
N ARG C 507 -82.10 -28.38 -20.18
CA ARG C 507 -80.79 -29.03 -20.28
C ARG C 507 -80.22 -28.90 -21.70
N GLU C 508 -80.27 -27.70 -22.26
CA GLU C 508 -79.76 -27.47 -23.60
C GLU C 508 -78.88 -26.23 -23.59
N PRO C 509 -77.80 -26.26 -24.37
CA PRO C 509 -76.83 -25.16 -24.47
C PRO C 509 -77.46 -23.81 -24.77
N GLY C 510 -78.43 -23.82 -25.68
CA GLY C 510 -79.11 -22.59 -26.04
C GLY C 510 -79.65 -21.81 -24.86
N SER C 511 -80.27 -22.53 -23.92
CA SER C 511 -80.84 -21.91 -22.73
C SER C 511 -79.98 -22.02 -21.47
N ALA C 512 -78.67 -22.21 -21.65
CA ALA C 512 -77.74 -22.33 -20.51
C ALA C 512 -76.95 -21.04 -20.35
N ILE C 513 -76.36 -20.85 -19.19
CA ILE C 513 -75.57 -19.65 -19.02
C ILE C 513 -74.33 -19.97 -18.21
N PHE C 514 -73.27 -19.20 -18.44
CA PHE C 514 -72.03 -19.38 -17.74
C PHE C 514 -71.98 -18.48 -16.50
N VAL C 515 -71.88 -19.10 -15.32
CA VAL C 515 -71.78 -18.33 -14.08
C VAL C 515 -70.46 -18.69 -13.36
N GLY C 516 -69.95 -17.75 -12.57
CA GLY C 516 -68.75 -18.00 -11.81
C GLY C 516 -68.97 -19.20 -10.90
N ASN C 517 -67.87 -19.83 -10.50
CA ASN C 517 -67.95 -20.99 -9.62
C ASN C 517 -67.80 -20.41 -8.23
N ILE C 518 -68.91 -20.39 -7.48
CA ILE C 518 -68.93 -19.80 -6.15
C ILE C 518 -67.92 -20.49 -5.22
N ASN C 519 -67.71 -21.78 -5.43
CA ASN C 519 -66.76 -22.51 -4.60
C ASN C 519 -65.35 -21.97 -4.81
N SER C 520 -65.08 -21.45 -6.00
CA SER C 520 -63.76 -20.90 -6.28
C SER C 520 -63.51 -19.59 -5.53
N MET C 521 -64.60 -18.83 -5.32
CA MET C 521 -64.52 -17.57 -4.60
C MET C 521 -64.09 -17.95 -3.16
N LEU C 522 -64.75 -18.93 -2.58
CA LEU C 522 -64.39 -19.38 -1.25
C LEU C 522 -62.91 -19.87 -1.17
N ASN C 523 -62.49 -20.67 -2.17
CA ASN C 523 -61.09 -21.13 -2.22
C ASN C 523 -60.17 -19.92 -2.32
N ASN C 524 -60.49 -19.00 -3.21
CA ASN C 524 -59.58 -17.87 -3.35
C ASN C 524 -59.48 -16.98 -2.11
N GLN C 525 -60.60 -16.80 -1.41
CA GLN C 525 -60.60 -15.91 -0.26
C GLN C 525 -60.15 -16.54 1.06
N PHE C 526 -60.54 -17.78 1.30
CA PHE C 526 -60.20 -18.40 2.58
C PHE C 526 -59.12 -19.50 2.54
N SER C 527 -58.70 -19.88 1.34
CA SER C 527 -57.63 -20.89 1.21
C SER C 527 -56.68 -20.50 0.12
N PRO C 528 -56.01 -19.37 0.24
CA PRO C 528 -55.09 -19.03 -0.86
C PRO C 528 -53.92 -20.05 -0.83
N GLU C 529 -53.19 -20.17 -1.94
CA GLU C 529 -52.09 -21.11 -2.03
C GLU C 529 -50.83 -20.57 -1.44
N TYR C 530 -50.81 -19.26 -1.19
CA TYR C 530 -49.65 -18.62 -0.58
C TYR C 530 -50.13 -17.58 0.41
N GLY C 531 -49.23 -17.25 1.33
CA GLY C 531 -49.52 -16.24 2.33
C GLY C 531 -49.26 -14.88 1.69
N VAL C 532 -49.45 -13.81 2.47
CA VAL C 532 -49.25 -12.46 1.91
C VAL C 532 -47.82 -12.00 1.72
N GLN C 533 -46.88 -12.79 2.21
CA GLN C 533 -45.45 -12.50 2.07
C GLN C 533 -45.19 -11.04 2.40
N SER C 534 -45.62 -10.57 3.56
CA SER C 534 -45.40 -9.15 3.85
C SER C 534 -43.93 -8.78 4.03
N GLY C 535 -43.06 -9.79 4.06
CA GLY C 535 -41.64 -9.52 4.19
C GLY C 535 -41.04 -9.11 2.86
N VAL C 536 -41.75 -9.39 1.77
CA VAL C 536 -41.28 -9.04 0.44
C VAL C 536 -41.72 -7.62 0.19
N ARG C 537 -40.74 -6.71 0.15
CA ARG C 537 -41.01 -5.29 -0.05
C ARG C 537 -41.67 -4.98 -1.38
N ASP C 538 -41.05 -5.44 -2.46
CA ASP C 538 -41.57 -5.21 -3.80
C ASP C 538 -42.78 -6.12 -4.03
N ARG C 539 -43.96 -5.55 -3.82
CA ARG C 539 -45.19 -6.31 -3.98
C ARG C 539 -45.37 -7.00 -5.32
N SER C 540 -44.91 -6.36 -6.39
CA SER C 540 -45.04 -6.94 -7.72
C SER C 540 -44.34 -8.31 -7.75
N LYS C 541 -43.43 -8.52 -6.80
CA LYS C 541 -42.69 -9.78 -6.74
C LYS C 541 -43.36 -10.88 -5.88
N ARG C 542 -44.42 -10.54 -5.15
CA ARG C 542 -45.16 -11.49 -4.31
C ARG C 542 -46.07 -12.38 -5.11
N LYS C 543 -46.49 -13.48 -4.52
CA LYS C 543 -47.40 -14.37 -5.23
C LYS C 543 -48.78 -13.74 -5.25
N ARG C 544 -49.07 -12.92 -4.23
CA ARG C 544 -50.35 -12.21 -4.10
C ARG C 544 -49.97 -10.74 -3.85
N PRO C 545 -49.66 -9.99 -4.93
CA PRO C 545 -49.26 -8.59 -4.80
C PRO C 545 -50.25 -7.65 -4.12
N PHE C 546 -51.54 -7.75 -4.44
CA PHE C 546 -52.57 -6.87 -3.85
C PHE C 546 -53.84 -7.61 -3.54
N PRO C 547 -53.80 -8.47 -2.51
CA PRO C 547 -54.94 -9.29 -2.09
C PRO C 547 -56.26 -8.54 -1.97
N GLY C 548 -56.18 -7.32 -1.44
CA GLY C 548 -57.39 -6.55 -1.23
C GLY C 548 -58.22 -6.32 -2.48
N LEU C 549 -57.55 -6.11 -3.61
CA LEU C 549 -58.22 -5.83 -4.87
C LEU C 549 -59.25 -6.83 -5.33
N ALA C 550 -59.16 -8.05 -4.86
CA ALA C 550 -60.14 -9.03 -5.29
C ALA C 550 -61.55 -8.69 -4.84
N TRP C 551 -61.66 -7.87 -3.81
CA TRP C 551 -62.99 -7.55 -3.31
C TRP C 551 -63.72 -6.71 -4.35
N ALA C 552 -62.98 -5.86 -5.02
CA ALA C 552 -63.53 -4.98 -6.03
C ALA C 552 -64.11 -5.70 -7.26
N SER C 553 -63.60 -6.90 -7.56
CA SER C 553 -64.04 -7.66 -8.74
C SER C 553 -64.93 -8.82 -8.41
N MET C 554 -65.12 -9.07 -7.13
CA MET C 554 -65.94 -10.18 -6.65
C MET C 554 -67.31 -10.30 -7.31
N LYS C 555 -68.08 -9.20 -7.29
CA LYS C 555 -69.44 -9.16 -7.83
C LYS C 555 -69.35 -9.51 -9.32
N ASP C 556 -68.48 -8.80 -9.99
CA ASP C 556 -68.29 -8.98 -11.39
C ASP C 556 -67.95 -10.43 -11.73
N THR C 557 -67.15 -11.07 -10.90
CA THR C 557 -66.74 -12.45 -11.14
C THR C 557 -67.74 -13.51 -10.73
N TYR C 558 -68.33 -13.34 -9.55
CA TYR C 558 -69.24 -14.34 -9.02
C TYR C 558 -70.70 -13.94 -8.81
N GLY C 559 -70.99 -12.67 -9.09
CA GLY C 559 -72.34 -12.17 -8.91
C GLY C 559 -73.43 -12.91 -9.66
N ALA C 560 -73.09 -13.67 -10.71
CA ALA C 560 -74.12 -14.41 -11.46
C ALA C 560 -74.37 -15.77 -10.84
N CYS C 561 -73.58 -16.13 -9.84
CA CYS C 561 -73.83 -17.43 -9.22
C CYS C 561 -75.15 -17.29 -8.47
N PRO C 562 -76.09 -18.22 -8.70
CA PRO C 562 -77.40 -18.20 -8.04
C PRO C 562 -77.40 -17.89 -6.54
N ILE C 563 -76.52 -18.52 -5.78
CA ILE C 563 -76.49 -18.28 -4.35
C ILE C 563 -75.46 -17.25 -3.93
N TYR C 564 -75.02 -16.41 -4.86
CA TYR C 564 -74.04 -15.41 -4.51
C TYR C 564 -74.40 -14.66 -3.21
N SER C 565 -75.56 -13.99 -3.20
CA SER C 565 -75.97 -13.24 -2.02
C SER C 565 -76.03 -14.09 -0.79
N ASP C 566 -76.59 -15.28 -0.92
CA ASP C 566 -76.67 -16.16 0.24
C ASP C 566 -75.29 -16.47 0.81
N VAL C 567 -74.31 -16.71 -0.08
CA VAL C 567 -72.98 -17.06 0.40
C VAL C 567 -72.36 -15.89 1.12
N LEU C 568 -72.44 -14.69 0.53
CA LEU C 568 -71.88 -13.51 1.18
C LEU C 568 -72.47 -13.26 2.55
N GLU C 569 -73.74 -13.63 2.71
CA GLU C 569 -74.37 -13.44 3.99
C GLU C 569 -73.92 -14.50 4.97
N ALA C 570 -73.89 -15.76 4.53
CA ALA C 570 -73.47 -16.83 5.43
C ALA C 570 -72.03 -16.56 5.91
N ILE C 571 -71.23 -15.91 5.07
CA ILE C 571 -69.84 -15.57 5.39
C ILE C 571 -69.81 -14.48 6.46
N GLU C 572 -70.62 -13.43 6.24
CA GLU C 572 -70.73 -12.31 7.15
C GLU C 572 -71.10 -12.85 8.53
N ARG C 573 -72.13 -13.70 8.55
CA ARG C 573 -72.63 -14.28 9.78
C ARG C 573 -71.62 -15.17 10.51
N CYS C 574 -70.95 -16.04 9.77
CA CYS C 574 -69.99 -16.93 10.43
C CYS C 574 -68.76 -16.19 10.89
N TRP C 575 -68.38 -15.17 10.12
CA TRP C 575 -67.22 -14.40 10.45
C TRP C 575 -67.53 -13.63 11.73
N TRP C 576 -68.82 -13.32 11.93
CA TRP C 576 -69.23 -12.59 13.10
C TRP C 576 -69.06 -13.49 14.28
N ASN C 577 -69.63 -14.67 14.18
CA ASN C 577 -69.52 -15.62 15.25
C ASN C 577 -68.07 -15.89 15.63
N ALA C 578 -67.19 -15.85 14.63
CA ALA C 578 -65.81 -16.18 14.90
C ALA C 578 -64.94 -15.02 15.30
N PHE C 579 -65.11 -13.89 14.65
CA PHE C 579 -64.24 -12.76 14.97
C PHE C 579 -64.94 -11.59 15.59
N GLY C 580 -66.26 -11.64 15.70
CA GLY C 580 -66.96 -10.50 16.25
C GLY C 580 -66.79 -9.21 15.46
N GLU C 581 -66.49 -9.34 14.16
CA GLU C 581 -66.35 -8.17 13.29
C GLU C 581 -67.04 -8.46 11.96
N SER C 582 -67.20 -7.42 11.15
CA SER C 582 -67.88 -7.56 9.86
C SER C 582 -66.88 -7.95 8.80
N TYR C 583 -67.11 -9.08 8.17
CA TYR C 583 -66.17 -9.50 7.13
C TYR C 583 -66.15 -8.44 6.02
N ARG C 584 -67.34 -8.02 5.58
CA ARG C 584 -67.41 -7.01 4.51
C ARG C 584 -66.60 -5.78 4.85
N ALA C 585 -66.74 -5.28 6.08
CA ALA C 585 -65.97 -4.09 6.51
C ALA C 585 -64.47 -4.41 6.51
N TYR C 586 -64.13 -5.60 6.99
CA TYR C 586 -62.73 -6.04 6.97
C TYR C 586 -62.22 -5.92 5.51
N ARG C 587 -62.97 -6.48 4.57
CA ARG C 587 -62.52 -6.43 3.18
C ARG C 587 -62.51 -5.03 2.57
N GLU C 588 -63.44 -4.17 2.97
CA GLU C 588 -63.40 -2.81 2.41
C GLU C 588 -62.14 -2.10 2.86
N ASP C 589 -61.72 -2.33 4.12
CA ASP C 589 -60.46 -1.70 4.59
C ASP C 589 -59.32 -2.21 3.72
N MET C 590 -59.25 -3.53 3.56
CA MET C 590 -58.15 -4.11 2.77
C MET C 590 -58.20 -3.53 1.36
N LEU C 591 -59.39 -3.47 0.82
CA LEU C 591 -59.53 -2.92 -0.52
C LEU C 591 -58.89 -1.54 -0.61
N LYS C 592 -59.25 -0.65 0.31
CA LYS C 592 -58.70 0.71 0.27
C LYS C 592 -57.20 0.72 0.43
N ARG C 593 -56.69 -0.08 1.36
CA ARG C 593 -55.25 -0.09 1.56
C ARG C 593 -54.51 -0.50 0.30
N ASP C 594 -54.90 -1.62 -0.30
CA ASP C 594 -54.16 -2.08 -1.46
C ASP C 594 -54.37 -1.17 -2.62
N THR C 595 -55.57 -0.58 -2.69
CA THR C 595 -55.81 0.33 -3.79
C THR C 595 -54.79 1.44 -3.68
N LEU C 596 -54.56 1.93 -2.46
CA LEU C 596 -53.57 2.99 -2.24
C LEU C 596 -52.18 2.51 -2.58
N GLU C 597 -51.85 1.32 -2.07
CA GLU C 597 -50.53 0.76 -2.30
C GLU C 597 -50.27 0.59 -3.79
N LEU C 598 -51.31 0.19 -4.53
CA LEU C 598 -51.19 -0.01 -5.96
C LEU C 598 -50.77 1.23 -6.72
N SER C 599 -51.23 2.39 -6.27
CA SER C 599 -50.87 3.61 -7.00
C SER C 599 -49.39 3.91 -6.89
N ARG C 600 -48.72 3.25 -5.95
CA ARG C 600 -47.28 3.45 -5.80
C ARG C 600 -46.60 2.74 -6.98
N TYR C 601 -47.24 1.68 -7.48
CA TYR C 601 -46.69 0.89 -8.56
C TYR C 601 -47.14 1.28 -9.94
N VAL C 602 -48.34 1.83 -10.05
CA VAL C 602 -48.81 2.21 -11.37
C VAL C 602 -48.54 3.68 -11.66
N ALA C 603 -47.53 3.92 -12.51
CA ALA C 603 -47.12 5.27 -12.91
C ALA C 603 -48.30 6.09 -13.41
N SER C 604 -48.98 5.57 -14.44
CA SER C 604 -50.13 6.26 -15.03
C SER C 604 -51.27 6.48 -14.02
N MET C 605 -51.40 5.58 -13.05
CA MET C 605 -52.44 5.72 -12.05
C MET C 605 -52.16 6.89 -11.15
N ALA C 606 -53.09 7.84 -11.10
CA ALA C 606 -52.91 9.04 -10.28
C ALA C 606 -52.46 8.55 -8.89
N ARG C 607 -51.64 9.36 -8.21
CA ARG C 607 -51.12 9.02 -6.89
C ARG C 607 -52.25 8.80 -5.87
N GLN C 608 -53.43 8.46 -6.40
CA GLN C 608 -54.65 8.16 -5.62
C GLN C 608 -55.98 8.16 -6.43
N ALA C 609 -55.89 8.03 -7.76
CA ALA C 609 -57.11 7.94 -8.58
C ALA C 609 -57.60 6.54 -8.22
N GLY C 610 -58.92 6.34 -8.15
CA GLY C 610 -59.46 5.04 -7.77
C GLY C 610 -59.01 3.83 -8.59
N LEU C 611 -59.92 2.87 -8.77
CA LEU C 611 -59.67 1.66 -9.57
C LEU C 611 -60.54 1.83 -10.82
N ALA C 612 -60.82 3.09 -11.09
CA ALA C 612 -61.66 3.49 -12.21
C ALA C 612 -61.25 2.85 -13.53
N GLU C 613 -60.00 3.04 -13.92
CA GLU C 613 -59.51 2.50 -15.18
C GLU C 613 -59.27 0.97 -15.24
N LEU C 614 -59.26 0.31 -14.08
CA LEU C 614 -59.01 -1.13 -14.04
C LEU C 614 -60.23 -2.01 -14.28
N THR C 615 -60.03 -3.05 -15.08
CA THR C 615 -61.08 -4.00 -15.40
C THR C 615 -61.12 -5.04 -14.31
N PRO C 616 -62.17 -5.91 -14.31
CA PRO C 616 -62.31 -6.97 -13.30
C PRO C 616 -61.15 -7.97 -13.45
N ILE C 617 -60.70 -8.15 -14.68
CA ILE C 617 -59.60 -9.06 -14.95
C ILE C 617 -58.35 -8.47 -14.35
N ASP C 618 -58.18 -7.16 -14.54
CA ASP C 618 -57.02 -6.47 -14.01
C ASP C 618 -56.88 -6.77 -12.52
N LEU C 619 -57.98 -6.60 -11.81
CA LEU C 619 -58.04 -6.78 -10.38
C LEU C 619 -57.75 -8.23 -9.89
N GLU C 620 -58.37 -9.22 -10.51
CA GLU C 620 -58.16 -10.60 -10.11
C GLU C 620 -56.70 -10.99 -10.30
N VAL C 621 -56.11 -10.51 -11.38
CA VAL C 621 -54.73 -10.82 -11.68
C VAL C 621 -53.79 -10.14 -10.67
N LEU C 622 -54.09 -8.89 -10.32
CA LEU C 622 -53.25 -8.15 -9.36
C LEU C 622 -53.32 -8.81 -7.98
N ALA C 623 -54.43 -9.44 -7.67
CA ALA C 623 -54.55 -10.12 -6.38
C ALA C 623 -53.93 -11.51 -6.51
N ASP C 624 -54.02 -12.11 -7.69
CA ASP C 624 -53.48 -13.47 -7.93
C ASP C 624 -52.91 -13.67 -9.34
N PRO C 625 -51.66 -13.27 -9.55
CA PRO C 625 -50.99 -13.42 -10.86
C PRO C 625 -51.06 -14.82 -11.53
N ASN C 626 -51.18 -15.87 -10.72
CA ASN C 626 -51.28 -17.24 -11.23
C ASN C 626 -52.38 -17.37 -12.27
N LYS C 627 -53.40 -16.51 -12.18
CA LYS C 627 -54.51 -16.56 -13.15
C LYS C 627 -54.03 -16.18 -14.54
N LEU C 628 -52.85 -15.57 -14.59
CA LEU C 628 -52.25 -15.16 -15.86
C LEU C 628 -51.60 -16.40 -16.51
N GLN C 629 -51.65 -17.51 -15.77
CA GLN C 629 -51.08 -18.77 -16.21
C GLN C 629 -52.14 -19.78 -16.61
N TYR C 630 -53.15 -19.95 -15.78
CA TYR C 630 -54.20 -20.93 -16.08
C TYR C 630 -55.54 -20.36 -16.55
N LYS C 631 -55.67 -19.04 -16.65
CA LYS C 631 -56.97 -18.48 -17.04
C LYS C 631 -56.95 -17.46 -18.15
N TRP C 632 -56.11 -16.44 -17.99
CA TRP C 632 -56.03 -15.37 -18.99
C TRP C 632 -54.66 -15.20 -19.64
N THR C 633 -54.56 -14.27 -20.58
CA THR C 633 -53.29 -14.04 -21.23
C THR C 633 -52.95 -12.55 -21.23
N GLU C 634 -51.67 -12.25 -21.39
CA GLU C 634 -51.20 -10.87 -21.40
C GLU C 634 -52.16 -9.90 -22.07
N ALA C 635 -52.68 -10.27 -23.23
CA ALA C 635 -53.59 -9.41 -23.98
C ALA C 635 -54.94 -9.15 -23.29
N ASP C 636 -55.25 -9.92 -22.24
CA ASP C 636 -56.51 -9.72 -21.53
C ASP C 636 -56.37 -8.70 -20.40
N VAL C 637 -55.13 -8.28 -20.13
CA VAL C 637 -54.81 -7.34 -19.06
C VAL C 637 -54.37 -5.96 -19.55
N SER C 638 -54.97 -4.92 -18.98
CA SER C 638 -54.61 -3.56 -19.37
C SER C 638 -53.09 -3.48 -19.44
N ALA C 639 -52.58 -2.71 -20.39
CA ALA C 639 -51.14 -2.57 -20.57
C ALA C 639 -50.43 -1.94 -19.36
N ASN C 640 -51.03 -0.92 -18.74
CA ASN C 640 -50.36 -0.29 -17.60
C ASN C 640 -50.25 -1.26 -16.41
N ILE C 641 -51.14 -2.24 -16.36
CA ILE C 641 -51.13 -3.22 -15.30
C ILE C 641 -50.12 -4.29 -15.63
N HIS C 642 -50.09 -4.68 -16.90
CA HIS C 642 -49.16 -5.71 -17.35
C HIS C 642 -47.71 -5.32 -16.99
N GLU C 643 -47.37 -4.05 -17.13
CA GLU C 643 -46.02 -3.61 -16.77
C GLU C 643 -45.69 -3.72 -15.27
N VAL C 644 -46.69 -3.94 -14.44
CA VAL C 644 -46.50 -4.07 -12.99
C VAL C 644 -46.00 -5.47 -12.70
N LEU C 645 -46.42 -6.41 -13.52
CA LEU C 645 -46.08 -7.80 -13.31
C LEU C 645 -44.97 -8.40 -14.18
N MET C 646 -44.75 -7.80 -15.35
CA MET C 646 -43.75 -8.27 -16.31
C MET C 646 -42.79 -7.17 -16.75
N HIS C 647 -41.65 -7.59 -17.27
CA HIS C 647 -40.68 -6.68 -17.81
C HIS C 647 -40.22 -7.34 -19.10
N GLY C 648 -39.91 -6.56 -20.12
CA GLY C 648 -39.52 -7.15 -21.37
C GLY C 648 -38.10 -6.98 -21.84
N VAL C 649 -37.75 -7.82 -22.80
CA VAL C 649 -36.45 -7.79 -23.42
C VAL C 649 -36.73 -7.02 -24.70
N SER C 650 -35.75 -6.28 -25.20
CA SER C 650 -35.95 -5.48 -26.42
C SER C 650 -36.58 -6.24 -27.60
N VAL C 651 -37.49 -5.57 -28.30
CA VAL C 651 -38.15 -6.14 -29.49
C VAL C 651 -37.10 -6.42 -30.56
N GLU C 652 -36.08 -5.56 -30.61
CA GLU C 652 -35.02 -5.70 -31.59
C GLU C 652 -34.24 -6.99 -31.39
N LYS C 653 -33.96 -7.33 -30.14
CA LYS C 653 -33.20 -8.54 -29.91
C LYS C 653 -34.01 -9.83 -30.16
N THR C 654 -35.30 -9.81 -29.89
CA THR C 654 -36.11 -11.00 -30.12
C THR C 654 -36.43 -11.12 -31.62
N GLU C 655 -36.57 -9.97 -32.27
CA GLU C 655 -36.85 -9.87 -33.70
C GLU C 655 -35.72 -10.54 -34.46
N ARG C 656 -34.51 -10.16 -34.11
CA ARG C 656 -33.33 -10.70 -34.74
C ARG C 656 -33.32 -12.21 -34.46
N PHE C 657 -33.52 -12.59 -33.21
CA PHE C 657 -33.55 -14.00 -32.86
C PHE C 657 -34.63 -14.75 -33.64
N LEU C 658 -35.85 -14.25 -33.61
CA LEU C 658 -36.94 -14.92 -34.29
C LEU C 658 -36.72 -15.11 -35.80
N ARG C 659 -36.09 -14.13 -36.42
CA ARG C 659 -35.84 -14.21 -37.85
C ARG C 659 -34.92 -15.39 -38.16
N SER C 660 -33.93 -15.61 -37.30
CA SER C 660 -32.99 -16.70 -37.50
C SER C 660 -33.60 -18.08 -37.15
N VAL C 661 -34.77 -18.09 -36.53
CA VAL C 661 -35.41 -19.34 -36.12
C VAL C 661 -36.47 -19.81 -37.13
N MET C 662 -37.38 -18.91 -37.43
CA MET C 662 -38.46 -19.24 -38.33
C MET C 662 -38.07 -19.55 -39.77
N PRO C 663 -38.92 -20.32 -40.45
CA PRO C 663 -38.79 -20.76 -41.83
C PRO C 663 -38.58 -19.58 -42.76
N ARG C 664 -39.63 -18.80 -42.86
CA ARG C 664 -39.68 -17.61 -43.71
C ARG C 664 -40.62 -16.68 -42.93
#